data_9QIA
#
_entry.id   9QIA
#
loop_
_entity.id
_entity.type
_entity.pdbx_description
1 polymer 'Dual E2 ubiquitin-conjugating enzyme/E3 ubiquitin-protein ligase BIRC6'
2 polymer 'Ubiquitin-like modifier-activating enzyme 6'
3 polymer Polyubiquitin-C
4 non-polymer 'INOSITOL HEXAKISPHOSPHATE'
5 non-polymer 'ADENOSINE MONOPHOSPHATE'
#
loop_
_entity_poly.entity_id
_entity_poly.type
_entity_poly.pdbx_seq_one_letter_code
_entity_poly.pdbx_strand_id
1 'polypeptide(L)'
;GPANQEKKLGEYSKKAAMKPKPLSVLKSLEEKYVAVMKKLQFDTFEMVSEDEDGKLGFKVNYHYMSQVKNANDANSAARA
RRLAQEAVTLSTSLPLSSSSSVFVRCDEERLDIMKVLITGPADTPYANGCFEFDVYFPQDYPSSPPLVNLETTGGHSVRF
NPNLYNDGKVCLSILNTWHGRPEEKWNPQTSSFLQVLVSVQSLILVAEPYFNEPGYERSRGTPSGTQSSREYDGNIRQAT
VKWAMLEQIRNPSPCFKEVIHKHFYLKRVEIMAQCEEWIADIQQYSSDKRVGRTMSHHAAALKRHTAQLREELLKLPCPE
GLDPD
;
A
2 'polypeptide(L)'
;GPMEGSEPVAAHQGEEASCSSWGTGSTNKNLPIMSTASVEIDDALYSRQRYVLGDTAMQKMAKSHVFLSGMGGLGLEIAK
NLVLAGIKAVTIHDTEKCQAWDLGTNFFLSEDDVVNKRNRAEAVLKHIAELNPYVHVTSSSVPFNETTDLSFLDKYQCVV
LTEMKLPLQKKINDFCRSQCPPIKFISADVHGIWSRLFCDFGDEFEVLDTTGEEPKEIFISNITQANPGIVTCLENHPHK
LETGQFLTFREINGMTGLNGSIQQITVISPFSFSIGDTTELEPYLHGGIAVQVKTPKTVFFESLERQLKHPKCLIVDFSN
PEAPLEIHTAMLALDQFQEKYSRKPNVGCQQDSEELLKLATSISETLEEKPDVNADIVHWLSWTAQGFLSPLAAAVGGVA
SQEVLKAVTGKFSPLCQWLYLEAADIVESLGKPECEEFLPRGDRYDALRACIGDTLCQKLQNLNIFLVGCGAIGCEMLKN
FALLGVGTSKEKGMITVTDPDLIEKSNLNRQFLFRPHHIQKPKSYTAADATLKINSQIKIDAHLNKVCPTTETIYNDEFY
TKQDVIITALDNVEARRYVDSRCLANLRPLLDSGTMGTKGHTEVIVPHLTESYNSHRDPPEEEIPFSTLKSFPAAIEHTI
QWARDKFESSFSHKPSLFNKFWQTYSSAEEVLQKIQSGHSLEGCFQVIKLLSRRPRNWSQCVELARLKFEKYFNHKALQL
LHCFPLDIRLKDGSLFWQSPKRPPSPIKFDLNEPLHLSFLQNAAKLYATVYCIPFAEEDLSADALLNILSEVKIQEFKPS
NKVVQTDETARKPDHVPISSEDERNAIFQLEKAILSNEATKSDLQMAVLSFEKDDDHNGHIDFITAASNLRAKMYSIEPA
DRFKTKRIAGKIIPAIATTTATVSGLVALEMIKVTGGYPFEAYKNCFLNLAIPIVVFTETTEVRKTKIRNGISFTIWDRW
TVHGKEDFTLLDFINAVKEKYGIEPTMVVQGVKMLYVPVMPGHAKRLKLTMHKLVKPTTEKKYVDLTVSFAPDIDGDEDL
PGPPVRYYFSHDTD
;
B
3 'polypeptide(L)' MQIFVKTLTGKTITLEVEPSDTIENVKAKIQDKEGIPPDQQRLIFAGKQLEDGRTLSDYNIQKESTLHLVLRLRGA C,E
#
loop_
_chem_comp.id
_chem_comp.type
_chem_comp.name
_chem_comp.formula
AMP non-polymer 'ADENOSINE MONOPHOSPHATE' 'C10 H14 N5 O7 P'
IHP non-polymer 'INOSITOL HEXAKISPHOSPHATE' 'C6 H18 O24 P6'
#
# COMPACT_ATOMS: atom_id res chain seq x y z
N LEU A 29 -5.92 -52.59 16.20
CA LEU A 29 -4.93 -51.65 16.72
C LEU A 29 -5.17 -50.25 16.17
N GLU A 30 -5.09 -50.11 14.84
CA GLU A 30 -5.37 -48.82 14.22
C GLU A 30 -6.82 -48.41 14.46
N GLU A 31 -7.73 -49.38 14.56
CA GLU A 31 -9.11 -49.05 14.90
C GLU A 31 -9.19 -48.37 16.26
N LYS A 32 -8.51 -48.94 17.26
CA LYS A 32 -8.47 -48.32 18.57
C LYS A 32 -7.79 -46.96 18.52
N TYR A 33 -6.69 -46.84 17.77
CA TYR A 33 -6.00 -45.57 17.63
C TYR A 33 -6.93 -44.49 17.12
N VAL A 34 -7.66 -44.78 16.04
CA VAL A 34 -8.58 -43.79 15.47
C VAL A 34 -9.74 -43.53 16.42
N ALA A 35 -10.23 -44.59 17.10
CA ALA A 35 -11.42 -44.45 17.93
C ALA A 35 -11.16 -43.58 19.16
N VAL A 36 -10.05 -43.82 19.86
CA VAL A 36 -9.78 -43.06 21.07
C VAL A 36 -9.55 -41.59 20.75
N MET A 37 -8.79 -41.31 19.69
CA MET A 37 -8.30 -39.98 19.43
C MET A 37 -9.28 -39.12 18.64
N LYS A 38 -10.43 -39.66 18.24
CA LYS A 38 -11.41 -38.89 17.49
C LYS A 38 -12.01 -37.75 18.30
N LYS A 39 -12.12 -37.92 19.62
CA LYS A 39 -12.72 -36.92 20.50
C LYS A 39 -11.80 -35.72 20.74
N LEU A 40 -10.54 -35.81 20.31
CA LEU A 40 -9.55 -34.79 20.61
C LEU A 40 -9.07 -34.05 19.37
N GLN A 41 -9.67 -34.33 18.20
CA GLN A 41 -9.26 -33.64 17.00
C GLN A 41 -9.47 -32.14 17.10
N PHE A 42 -10.67 -31.72 17.50
CA PHE A 42 -10.97 -30.32 17.70
C PHE A 42 -11.26 -30.08 19.18
N ASP A 43 -10.76 -28.97 19.69
CA ASP A 43 -10.97 -28.57 21.08
C ASP A 43 -10.54 -27.12 21.22
N THR A 44 -10.61 -26.60 22.44
CA THR A 44 -10.26 -25.21 22.71
C THR A 44 -9.38 -25.14 23.95
N PHE A 45 -8.62 -24.06 24.04
CA PHE A 45 -7.72 -23.83 25.16
C PHE A 45 -7.60 -22.33 25.39
N GLU A 46 -7.29 -21.96 26.62
CA GLU A 46 -7.13 -20.55 26.98
C GLU A 46 -5.65 -20.19 26.98
N MET A 47 -5.30 -19.17 26.20
CA MET A 47 -3.91 -18.74 26.08
C MET A 47 -3.69 -17.30 26.52
N VAL A 48 -4.65 -16.41 26.30
CA VAL A 48 -4.48 -14.99 26.58
C VAL A 48 -5.36 -14.62 27.76
N SER A 49 -4.76 -13.93 28.74
CA SER A 49 -5.48 -13.39 29.88
C SER A 49 -5.38 -11.87 29.86
N GLU A 50 -6.54 -11.22 29.83
CA GLU A 50 -6.62 -9.77 29.80
C GLU A 50 -6.80 -9.23 31.21
N ASP A 51 -5.98 -8.25 31.57
CA ASP A 51 -6.07 -7.62 32.88
C ASP A 51 -7.14 -6.52 32.84
N GLU A 52 -7.24 -5.74 33.93
CA GLU A 52 -8.23 -4.68 33.98
C GLU A 52 -7.92 -3.56 32.99
N ASP A 53 -6.67 -3.44 32.57
CA ASP A 53 -6.24 -2.37 31.66
C ASP A 53 -6.33 -2.76 30.19
N GLY A 54 -6.83 -3.97 29.89
CA GLY A 54 -6.90 -4.43 28.51
C GLY A 54 -5.60 -4.99 27.97
N LYS A 55 -4.54 -5.03 28.76
CA LYS A 55 -3.28 -5.61 28.31
C LYS A 55 -3.44 -7.10 28.05
N LEU A 56 -2.72 -7.58 27.03
CA LEU A 56 -2.82 -8.95 26.60
C LEU A 56 -1.69 -9.76 27.23
N GLY A 57 -2.04 -10.58 28.22
CA GLY A 57 -1.05 -11.40 28.89
C GLY A 57 -1.03 -12.82 28.34
N PHE A 58 0.00 -13.14 27.56
CA PHE A 58 0.07 -14.45 26.91
C PHE A 58 0.70 -15.45 27.86
N LYS A 59 0.02 -16.59 28.03
CA LYS A 59 0.47 -17.63 28.94
C LYS A 59 1.44 -18.60 28.30
N VAL A 60 1.64 -18.54 26.99
CA VAL A 60 2.55 -19.43 26.27
C VAL A 60 3.31 -18.61 25.24
N ASN A 61 4.31 -19.25 24.63
CA ASN A 61 5.08 -18.61 23.58
C ASN A 61 4.28 -18.58 22.30
N TYR A 62 4.11 -17.40 21.73
CA TYR A 62 3.39 -17.21 20.48
C TYR A 62 4.19 -16.28 19.58
N HIS A 63 4.32 -16.68 18.32
CA HIS A 63 5.17 -15.96 17.38
C HIS A 63 4.64 -14.56 17.05
N TYR A 64 3.39 -14.26 17.39
CA TYR A 64 2.73 -13.05 16.93
C TYR A 64 2.41 -12.08 18.06
N MET A 65 3.35 -11.84 18.97
CA MET A 65 3.16 -10.83 20.01
C MET A 65 2.76 -9.48 19.43
N SER A 66 3.64 -8.89 18.61
CA SER A 66 3.46 -7.51 18.19
C SER A 66 2.20 -7.33 17.35
N GLN A 67 1.93 -8.26 16.44
CA GLN A 67 0.75 -8.12 15.58
C GLN A 67 -0.53 -8.14 16.41
N VAL A 68 -0.62 -9.03 17.39
CA VAL A 68 -1.82 -9.13 18.20
C VAL A 68 -1.95 -7.91 19.11
N LYS A 69 -0.84 -7.50 19.74
CA LYS A 69 -0.91 -6.41 20.71
C LYS A 69 -1.18 -5.07 20.02
N ASN A 70 -0.66 -4.88 18.81
CA ASN A 70 -0.79 -3.57 18.17
C ASN A 70 -2.08 -3.46 17.38
N ALA A 71 -2.40 -4.47 16.58
CA ALA A 71 -3.61 -4.45 15.75
C ALA A 71 -4.82 -4.70 16.64
N ASN A 72 -5.43 -3.61 17.10
CA ASN A 72 -6.59 -3.66 17.97
C ASN A 72 -7.86 -3.15 17.29
N ASP A 73 -7.84 -2.97 15.97
CA ASP A 73 -9.02 -2.47 15.27
C ASP A 73 -10.08 -3.57 15.19
N ALA A 74 -11.29 -3.24 15.64
CA ALA A 74 -12.41 -4.16 15.60
C ALA A 74 -13.36 -3.86 14.44
N ASN A 75 -12.91 -3.06 13.47
CA ASN A 75 -13.75 -2.71 12.34
C ASN A 75 -14.21 -3.93 11.55
N SER A 76 -13.36 -4.96 11.46
CA SER A 76 -13.71 -6.15 10.69
C SER A 76 -14.83 -6.91 11.38
N ALA A 77 -15.84 -7.26 10.60
CA ALA A 77 -16.96 -8.08 11.08
C ALA A 77 -17.22 -9.29 10.19
N ALA A 78 -16.99 -9.17 8.88
CA ALA A 78 -17.19 -10.30 7.99
C ALA A 78 -16.24 -11.45 8.31
N ARG A 79 -15.06 -11.13 8.86
CA ARG A 79 -14.15 -12.18 9.28
C ARG A 79 -14.78 -13.05 10.36
N ALA A 80 -15.55 -12.43 11.27
CA ALA A 80 -16.22 -13.20 12.32
C ALA A 80 -17.21 -14.20 11.73
N ARG A 81 -18.01 -13.75 10.76
CA ARG A 81 -18.97 -14.66 10.12
C ARG A 81 -18.25 -15.76 9.36
N ARG A 82 -17.18 -15.41 8.65
CA ARG A 82 -16.42 -16.42 7.90
C ARG A 82 -15.84 -17.47 8.83
N LEU A 83 -15.27 -17.06 9.95
CA LEU A 83 -14.69 -18.04 10.87
C LEU A 83 -15.78 -18.82 11.59
N ALA A 84 -16.94 -18.21 11.83
CA ALA A 84 -18.06 -18.95 12.40
C ALA A 84 -18.50 -20.07 11.47
N GLN A 85 -18.57 -19.77 10.17
CA GLN A 85 -18.87 -20.82 9.19
C GLN A 85 -17.75 -21.87 9.16
N GLU A 86 -16.50 -21.44 9.22
CA GLU A 86 -15.37 -22.36 9.19
C GLU A 86 -15.37 -23.31 10.37
N ALA A 87 -15.81 -22.84 11.54
CA ALA A 87 -15.81 -23.69 12.72
C ALA A 87 -16.67 -24.93 12.54
N VAL A 88 -17.75 -24.81 11.77
CA VAL A 88 -18.61 -25.96 11.50
C VAL A 88 -17.83 -27.04 10.76
N THR A 89 -17.11 -26.64 9.71
CA THR A 89 -16.40 -27.61 8.89
C THR A 89 -15.20 -28.19 9.63
N LEU A 90 -14.40 -27.32 10.27
CA LEU A 90 -13.18 -27.77 10.91
C LEU A 90 -13.44 -28.64 12.13
N SER A 91 -14.67 -28.64 12.64
CA SER A 91 -15.00 -29.47 13.79
C SER A 91 -15.29 -30.92 13.42
N THR A 92 -15.40 -31.23 12.13
CA THR A 92 -15.75 -32.58 11.70
C THR A 92 -14.85 -33.09 10.57
N SER A 93 -14.17 -32.18 9.89
CA SER A 93 -13.43 -32.52 8.68
C SER A 93 -11.95 -32.81 8.93
N LEU A 94 -11.54 -32.91 10.18
CA LEU A 94 -10.12 -33.09 10.48
C LEU A 94 -9.67 -34.49 10.08
N PRO A 95 -8.66 -34.64 9.22
CA PRO A 95 -8.13 -35.97 8.91
C PRO A 95 -7.57 -36.65 10.15
N LEU A 96 -7.82 -37.95 10.25
CA LEU A 96 -7.36 -38.74 11.39
C LEU A 96 -7.14 -40.17 10.91
N SER A 97 -5.89 -40.61 11.00
CA SER A 97 -5.53 -41.95 10.53
C SER A 97 -4.23 -42.36 11.21
N SER A 98 -3.93 -43.65 11.13
CA SER A 98 -2.70 -44.16 11.71
C SER A 98 -1.48 -43.47 11.10
N SER A 99 -1.51 -43.23 9.79
CA SER A 99 -0.40 -42.54 9.15
C SER A 99 -0.29 -41.11 9.63
N SER A 100 -1.39 -40.35 9.61
CA SER A 100 -1.34 -38.96 9.99
C SER A 100 -2.70 -38.54 10.55
N SER A 101 -2.67 -37.59 11.48
CA SER A 101 -3.89 -37.09 12.10
C SER A 101 -3.71 -35.61 12.42
N VAL A 102 -4.84 -34.92 12.59
CA VAL A 102 -4.89 -33.47 12.76
C VAL A 102 -5.57 -33.14 14.08
N PHE A 103 -4.96 -32.26 14.86
CA PHE A 103 -5.51 -31.81 16.13
C PHE A 103 -5.23 -30.32 16.28
N VAL A 104 -6.25 -29.55 16.66
CA VAL A 104 -6.17 -28.10 16.68
C VAL A 104 -6.75 -27.56 17.97
N ARG A 105 -6.10 -26.53 18.51
CA ARG A 105 -6.59 -25.78 19.66
C ARG A 105 -6.63 -24.30 19.33
N CYS A 106 -7.62 -23.60 19.88
CA CYS A 106 -7.83 -22.20 19.60
C CYS A 106 -8.23 -21.48 20.89
N ASP A 107 -8.04 -20.16 20.89
CA ASP A 107 -8.31 -19.38 22.08
C ASP A 107 -9.80 -19.33 22.38
N GLU A 108 -10.13 -19.32 23.67
CA GLU A 108 -11.52 -19.42 24.10
C GLU A 108 -12.23 -18.08 24.06
N GLU A 109 -11.51 -16.98 23.86
CA GLU A 109 -12.14 -15.68 23.70
C GLU A 109 -11.78 -15.00 22.38
N ARG A 110 -10.55 -15.12 21.91
CA ARG A 110 -10.20 -14.55 20.62
C ARG A 110 -10.42 -15.56 19.50
N LEU A 111 -10.15 -15.09 18.28
CA LEU A 111 -10.43 -15.84 17.06
C LEU A 111 -9.28 -15.91 16.08
N ASP A 112 -8.26 -15.06 16.24
CA ASP A 112 -7.13 -15.04 15.33
C ASP A 112 -5.90 -15.72 15.92
N ILE A 113 -6.06 -16.44 17.02
CA ILE A 113 -4.95 -17.06 17.73
C ILE A 113 -5.10 -18.57 17.64
N MET A 114 -4.28 -19.20 16.82
CA MET A 114 -4.45 -20.60 16.46
C MET A 114 -3.21 -21.39 16.86
N LYS A 115 -3.42 -22.68 17.10
CA LYS A 115 -2.35 -23.63 17.37
C LYS A 115 -2.80 -24.99 16.88
N VAL A 116 -1.88 -25.74 16.29
CA VAL A 116 -2.20 -27.01 15.65
C VAL A 116 -0.97 -27.90 15.65
N LEU A 117 -1.19 -29.21 15.79
CA LEU A 117 -0.13 -30.20 15.71
C LEU A 117 -0.57 -31.36 14.82
N ILE A 118 0.39 -31.95 14.12
CA ILE A 118 0.14 -33.01 13.15
C ILE A 118 1.05 -34.18 13.47
N THR A 119 0.60 -35.40 13.16
CA THR A 119 1.39 -36.60 13.34
C THR A 119 2.00 -37.01 12.00
N GLY A 120 3.30 -37.30 12.00
CA GLY A 120 4.03 -37.58 10.79
C GLY A 120 3.56 -38.82 10.07
N PRO A 121 3.51 -38.75 8.73
CA PRO A 121 2.99 -39.88 7.95
C PRO A 121 3.91 -41.09 8.04
N ALA A 122 3.30 -42.26 7.93
CA ALA A 122 4.04 -43.51 8.06
C ALA A 122 5.07 -43.65 6.94
N ASP A 123 6.22 -44.24 7.28
CA ASP A 123 7.31 -44.60 6.40
C ASP A 123 8.06 -43.40 5.82
N THR A 124 7.62 -42.18 6.11
CA THR A 124 8.35 -41.00 5.68
C THR A 124 9.56 -40.79 6.58
N PRO A 125 10.51 -39.96 6.15
CA PRO A 125 11.57 -39.55 7.09
C PRO A 125 11.01 -38.85 8.31
N TYR A 126 9.84 -38.23 8.18
CA TYR A 126 9.13 -37.63 9.30
C TYR A 126 8.12 -38.58 9.93
N ALA A 127 8.39 -39.89 9.88
CA ALA A 127 7.39 -40.87 10.29
C ALA A 127 6.99 -40.68 11.74
N ASN A 128 5.68 -40.61 11.98
CA ASN A 128 5.10 -40.53 13.31
C ASN A 128 5.66 -39.36 14.12
N GLY A 129 5.94 -38.25 13.44
CA GLY A 129 6.45 -37.07 14.11
C GLY A 129 5.35 -36.27 14.77
N CYS A 130 5.77 -35.15 15.38
CA CYS A 130 4.84 -34.22 16.01
C CYS A 130 5.44 -32.82 15.88
N PHE A 131 4.72 -31.93 15.21
CA PHE A 131 5.20 -30.59 14.92
C PHE A 131 4.07 -29.60 15.16
N GLU A 132 4.43 -28.40 15.59
CA GLU A 132 3.45 -27.39 15.99
C GLU A 132 3.53 -26.19 15.07
N PHE A 133 2.39 -25.50 14.92
CA PHE A 133 2.31 -24.30 14.11
C PHE A 133 1.52 -23.23 14.85
N ASP A 134 1.84 -21.97 14.56
CA ASP A 134 1.10 -20.82 15.07
C ASP A 134 0.52 -20.05 13.89
N VAL A 135 -0.79 -19.82 13.93
CA VAL A 135 -1.52 -19.23 12.81
C VAL A 135 -2.28 -18.02 13.30
N TYR A 136 -2.11 -16.89 12.60
CA TYR A 136 -2.80 -15.65 12.91
C TYR A 136 -3.73 -15.27 11.77
N PHE A 137 -4.93 -14.81 12.13
CA PHE A 137 -5.89 -14.34 11.14
C PHE A 137 -5.80 -12.83 11.01
N PRO A 138 -5.47 -12.31 9.83
CA PRO A 138 -5.47 -10.86 9.64
C PRO A 138 -6.87 -10.29 9.74
N GLN A 139 -6.93 -8.99 10.06
CA GLN A 139 -8.22 -8.34 10.22
C GLN A 139 -9.02 -8.36 8.92
N ASP A 140 -8.35 -8.15 7.78
CA ASP A 140 -9.02 -8.11 6.50
C ASP A 140 -9.41 -9.48 5.97
N TYR A 141 -9.34 -10.52 6.81
CA TYR A 141 -9.83 -11.83 6.41
C TYR A 141 -11.32 -11.77 6.15
N PRO A 142 -11.82 -12.54 5.17
CA PRO A 142 -11.15 -13.52 4.31
C PRO A 142 -10.59 -12.92 3.03
N SER A 143 -10.49 -11.60 2.93
CA SER A 143 -9.92 -10.99 1.73
C SER A 143 -8.44 -11.27 1.59
N SER A 144 -7.77 -11.76 2.63
CA SER A 144 -6.35 -12.07 2.59
C SER A 144 -6.08 -13.41 3.23
N PRO A 145 -5.06 -14.13 2.77
CA PRO A 145 -4.71 -15.39 3.42
C PRO A 145 -4.06 -15.14 4.77
N PRO A 146 -4.25 -16.03 5.73
CA PRO A 146 -3.69 -15.82 7.07
C PRO A 146 -2.19 -16.07 7.10
N LEU A 147 -1.64 -15.95 8.31
CA LEU A 147 -0.21 -16.15 8.55
C LEU A 147 0.01 -17.46 9.29
N VAL A 148 1.19 -18.04 9.13
CA VAL A 148 1.50 -19.33 9.73
C VAL A 148 3.02 -19.46 9.84
N ASN A 149 3.47 -20.10 10.92
CA ASN A 149 4.89 -20.35 11.12
C ASN A 149 5.09 -21.73 11.75
N LEU A 150 6.29 -22.27 11.55
CA LEU A 150 6.72 -23.47 12.26
C LEU A 150 6.89 -23.15 13.74
N GLU A 151 6.95 -24.21 14.54
CA GLU A 151 7.28 -24.09 15.96
C GLU A 151 8.37 -25.04 16.43
N THR A 152 8.56 -26.18 15.76
CA THR A 152 9.61 -27.12 16.13
C THR A 152 10.82 -26.94 15.20
N THR A 153 11.41 -25.76 15.26
CA THR A 153 12.56 -25.42 14.43
C THR A 153 13.88 -25.81 15.05
N GLY A 154 13.86 -26.32 16.28
CA GLY A 154 15.11 -26.59 16.98
C GLY A 154 15.91 -25.33 17.24
N GLY A 155 15.24 -24.24 17.59
CA GLY A 155 15.91 -22.96 17.65
C GLY A 155 16.42 -22.52 16.29
N HIS A 156 15.63 -22.76 15.25
CA HIS A 156 15.96 -22.43 13.86
C HIS A 156 17.23 -23.14 13.39
N SER A 157 17.65 -24.19 14.10
CA SER A 157 18.86 -24.89 13.74
C SER A 157 18.67 -25.88 12.61
N VAL A 158 17.43 -26.22 12.26
CA VAL A 158 17.15 -27.26 11.26
C VAL A 158 16.26 -26.66 10.18
N ARG A 159 16.69 -26.79 8.93
CA ARG A 159 15.85 -26.51 7.78
C ARG A 159 15.33 -27.85 7.26
N PHE A 160 14.03 -28.08 7.44
CA PHE A 160 13.46 -29.41 7.25
C PHE A 160 13.14 -29.73 5.79
N ASN A 161 12.32 -28.89 5.15
CA ASN A 161 11.86 -29.20 3.77
C ASN A 161 12.16 -28.02 2.86
N PRO A 162 12.49 -28.22 1.55
CA PRO A 162 12.69 -27.07 0.66
C PRO A 162 11.63 -26.01 0.94
N ASN A 163 10.40 -26.44 1.19
CA ASN A 163 9.26 -25.56 1.36
C ASN A 163 9.18 -25.10 2.80
N LEU A 164 10.11 -25.54 3.65
CA LEU A 164 10.11 -25.19 5.07
C LEU A 164 11.40 -24.43 5.38
N TYR A 165 11.27 -23.17 5.77
CA TYR A 165 12.42 -22.37 6.13
C TYR A 165 12.80 -22.61 7.58
N ASN A 166 14.11 -22.64 7.85
CA ASN A 166 14.59 -23.00 9.18
C ASN A 166 14.10 -22.04 10.25
N ASP A 167 13.99 -20.75 9.92
CA ASP A 167 13.52 -19.77 10.89
C ASP A 167 12.07 -20.00 11.29
N GLY A 168 11.31 -20.78 10.52
CA GLY A 168 9.90 -20.99 10.79
C GLY A 168 8.96 -20.42 9.76
N LYS A 169 9.48 -19.79 8.70
CA LYS A 169 8.61 -19.24 7.68
C LYS A 169 7.91 -20.35 6.90
N VAL A 170 6.62 -20.17 6.63
CA VAL A 170 5.82 -21.09 5.84
C VAL A 170 5.36 -20.36 4.59
N CYS A 171 5.55 -21.00 3.43
CA CYS A 171 5.18 -20.40 2.16
C CYS A 171 4.26 -21.34 1.40
N LEU A 172 3.07 -20.84 1.05
CA LEU A 172 2.11 -21.57 0.24
C LEU A 172 1.53 -20.64 -0.81
N SER A 173 1.33 -21.16 -2.02
CA SER A 173 0.76 -20.35 -3.08
C SER A 173 -0.67 -19.93 -2.76
N ILE A 174 -1.44 -20.84 -2.18
CA ILE A 174 -2.79 -20.50 -1.72
C ILE A 174 -2.73 -19.57 -0.53
N LEU A 175 -1.56 -19.43 0.10
CA LEU A 175 -1.37 -18.52 1.22
C LEU A 175 -0.65 -17.23 0.81
N ASN A 176 -0.44 -17.02 -0.48
CA ASN A 176 0.24 -15.83 -0.96
C ASN A 176 -0.39 -15.37 -2.27
N THR A 177 0.09 -14.23 -2.77
CA THR A 177 -0.46 -13.65 -3.98
C THR A 177 0.60 -12.82 -4.70
N TRP A 178 0.68 -13.00 -6.01
CA TRP A 178 1.55 -12.23 -6.90
C TRP A 178 0.93 -12.34 -8.29
N HIS A 179 1.69 -12.00 -9.32
CA HIS A 179 1.13 -12.07 -10.68
C HIS A 179 0.87 -13.52 -11.08
N GLY A 180 1.93 -14.31 -11.24
CA GLY A 180 1.87 -15.76 -11.33
C GLY A 180 0.71 -16.38 -12.08
N ARG A 181 0.07 -17.36 -11.44
CA ARG A 181 -1.06 -18.09 -11.99
C ARG A 181 -2.29 -17.82 -11.16
N PRO A 182 -3.41 -17.41 -11.76
CA PRO A 182 -4.54 -16.93 -10.95
C PRO A 182 -5.15 -17.97 -10.04
N GLU A 183 -5.50 -19.14 -10.57
CA GLU A 183 -6.25 -20.13 -9.80
C GLU A 183 -5.49 -20.64 -8.58
N GLU A 184 -4.16 -20.59 -8.60
CA GLU A 184 -3.39 -21.17 -7.51
C GLU A 184 -3.39 -20.29 -6.27
N LYS A 185 -3.57 -18.99 -6.43
CA LYS A 185 -3.39 -18.07 -5.32
C LYS A 185 -4.54 -18.18 -4.33
N TRP A 186 -4.51 -17.30 -3.32
CA TRP A 186 -5.55 -17.22 -2.32
C TRP A 186 -6.85 -16.69 -2.90
N ASN A 187 -7.81 -17.56 -3.10
CA ASN A 187 -9.13 -17.14 -3.57
C ASN A 187 -10.04 -16.91 -2.37
N PRO A 188 -10.49 -15.67 -2.12
CA PRO A 188 -11.33 -15.43 -0.94
C PRO A 188 -12.60 -16.25 -0.91
N GLN A 189 -13.20 -16.52 -2.07
CA GLN A 189 -14.49 -17.19 -2.09
C GLN A 189 -14.35 -18.71 -2.07
N THR A 190 -13.30 -19.26 -2.67
CA THR A 190 -13.15 -20.70 -2.79
C THR A 190 -12.06 -21.28 -1.91
N SER A 191 -10.90 -20.63 -1.81
CA SER A 191 -9.83 -21.13 -0.97
C SER A 191 -10.28 -21.17 0.49
N SER A 192 -10.01 -22.28 1.16
CA SER A 192 -10.50 -22.51 2.50
C SER A 192 -9.35 -22.96 3.41
N PHE A 193 -9.58 -22.79 4.71
CA PHE A 193 -8.57 -23.15 5.70
C PHE A 193 -8.26 -24.64 5.67
N LEU A 194 -9.28 -25.47 5.56
CA LEU A 194 -9.07 -26.91 5.51
C LEU A 194 -8.24 -27.31 4.29
N GLN A 195 -8.43 -26.60 3.18
CA GLN A 195 -7.59 -26.85 2.01
C GLN A 195 -6.14 -26.57 2.32
N VAL A 196 -5.86 -25.51 3.07
CA VAL A 196 -4.50 -25.21 3.47
C VAL A 196 -3.95 -26.31 4.35
N LEU A 197 -4.77 -26.80 5.28
CA LEU A 197 -4.34 -27.89 6.15
C LEU A 197 -3.96 -29.12 5.33
N VAL A 198 -4.80 -29.48 4.37
CA VAL A 198 -4.55 -30.64 3.53
C VAL A 198 -3.28 -30.44 2.71
N SER A 199 -3.13 -29.24 2.13
CA SER A 199 -1.94 -28.96 1.33
C SER A 199 -0.68 -29.13 2.16
N VAL A 200 -0.67 -28.56 3.37
CA VAL A 200 0.48 -28.71 4.26
C VAL A 200 0.74 -30.19 4.51
N GLN A 201 -0.24 -30.86 5.13
CA GLN A 201 -0.03 -32.23 5.61
C GLN A 201 0.36 -33.17 4.48
N SER A 202 -0.09 -32.90 3.25
CA SER A 202 0.20 -33.79 2.14
C SER A 202 1.48 -33.40 1.42
N LEU A 203 1.48 -32.21 0.80
CA LEU A 203 2.60 -31.80 -0.04
C LEU A 203 3.87 -31.55 0.74
N ILE A 204 3.77 -31.00 1.96
CA ILE A 204 4.99 -30.68 2.71
C ILE A 204 5.70 -31.97 3.14
N LEU A 205 4.93 -32.99 3.50
CA LEU A 205 5.49 -34.24 4.02
C LEU A 205 5.40 -35.31 2.93
N VAL A 206 6.53 -35.65 2.34
CA VAL A 206 6.61 -36.63 1.26
C VAL A 206 7.69 -37.65 1.58
N ALA A 207 7.67 -38.75 0.82
CA ALA A 207 8.66 -39.80 1.03
C ALA A 207 10.07 -39.32 0.73
N GLU A 208 10.24 -38.56 -0.35
CA GLU A 208 11.56 -38.10 -0.79
C GLU A 208 11.53 -36.59 -0.98
N PRO A 209 11.77 -35.82 0.09
CA PRO A 209 11.81 -34.37 -0.04
C PRO A 209 13.07 -33.84 -0.70
N TYR A 210 14.04 -34.70 -1.02
CA TYR A 210 15.29 -34.22 -1.61
C TYR A 210 15.05 -33.63 -3.00
N PHE A 211 14.20 -34.26 -3.79
CA PHE A 211 13.90 -33.77 -5.13
C PHE A 211 12.81 -32.71 -5.14
N ASN A 212 12.37 -32.28 -3.96
CA ASN A 212 11.38 -31.19 -3.91
C ASN A 212 11.90 -29.94 -4.57
N GLU A 213 13.19 -29.66 -4.45
CA GLU A 213 13.78 -28.51 -5.10
C GLU A 213 13.68 -28.66 -6.62
N PRO A 214 13.05 -27.74 -7.32
CA PRO A 214 13.03 -27.81 -8.79
C PRO A 214 14.43 -27.70 -9.34
N GLY A 215 14.68 -28.42 -10.43
CA GLY A 215 16.01 -28.54 -10.99
C GLY A 215 16.79 -29.74 -10.51
N TYR A 216 16.40 -30.34 -9.38
CA TYR A 216 17.01 -31.59 -8.94
C TYR A 216 16.26 -32.82 -9.43
N GLU A 217 14.98 -32.68 -9.75
CA GLU A 217 14.23 -33.79 -10.35
C GLU A 217 14.73 -34.14 -11.74
N ARG A 218 15.59 -33.30 -12.32
CA ARG A 218 16.22 -33.67 -13.58
C ARG A 218 17.11 -34.89 -13.41
N SER A 219 17.74 -35.02 -12.24
CA SER A 219 18.66 -36.11 -11.94
C SER A 219 18.00 -37.26 -11.19
N ARG A 220 16.71 -37.50 -11.40
CA ARG A 220 16.05 -38.61 -10.73
C ARG A 220 16.58 -39.94 -11.26
N GLY A 221 16.75 -40.90 -10.35
CA GLY A 221 17.25 -42.21 -10.71
C GLY A 221 18.74 -42.29 -10.92
N THR A 222 19.41 -41.17 -11.17
CA THR A 222 20.84 -41.17 -11.37
C THR A 222 21.54 -41.60 -10.08
N PRO A 223 22.65 -42.33 -10.18
CA PRO A 223 23.34 -42.78 -8.96
C PRO A 223 23.78 -41.64 -8.07
N SER A 224 24.27 -40.54 -8.63
CA SER A 224 24.64 -39.39 -7.82
C SER A 224 23.43 -38.77 -7.13
N GLY A 225 22.34 -38.61 -7.89
CA GLY A 225 21.13 -38.09 -7.27
C GLY A 225 20.58 -39.01 -6.21
N THR A 226 20.63 -40.33 -6.45
CA THR A 226 20.17 -41.29 -5.46
C THR A 226 21.03 -41.22 -4.19
N GLN A 227 22.35 -41.13 -4.35
CA GLN A 227 23.22 -41.02 -3.19
C GLN A 227 22.96 -39.74 -2.40
N SER A 228 22.80 -38.63 -3.11
CA SER A 228 22.50 -37.37 -2.45
C SER A 228 21.17 -37.45 -1.73
N SER A 229 20.18 -38.10 -2.34
CA SER A 229 18.89 -38.29 -1.68
C SER A 229 19.04 -39.12 -0.41
N ARG A 230 19.83 -40.18 -0.47
CA ARG A 230 20.04 -41.01 0.72
C ARG A 230 20.68 -40.20 1.83
N GLU A 231 21.71 -39.41 1.50
CA GLU A 231 22.37 -38.60 2.51
C GLU A 231 21.42 -37.58 3.12
N TYR A 232 20.64 -36.90 2.27
CA TYR A 232 19.69 -35.91 2.75
C TYR A 232 18.63 -36.57 3.63
N ASP A 233 18.16 -37.75 3.24
CA ASP A 233 17.16 -38.45 4.03
C ASP A 233 17.72 -38.87 5.38
N GLY A 234 18.97 -39.32 5.41
CA GLY A 234 19.58 -39.64 6.69
C GLY A 234 19.70 -38.43 7.59
N ASN A 235 20.09 -37.29 7.01
CA ASN A 235 20.15 -36.05 7.76
C ASN A 235 18.78 -35.70 8.35
N ILE A 236 17.74 -35.78 7.52
CA ILE A 236 16.39 -35.45 7.98
C ILE A 236 15.96 -36.43 9.07
N ARG A 237 16.27 -37.71 8.89
CA ARG A 237 15.88 -38.72 9.87
C ARG A 237 16.51 -38.46 11.23
N GLN A 238 17.83 -38.21 11.24
CA GLN A 238 18.48 -37.98 12.53
C GLN A 238 17.96 -36.69 13.17
N ALA A 239 17.74 -35.65 12.36
CA ALA A 239 17.23 -34.39 12.91
C ALA A 239 15.86 -34.56 13.53
N THR A 240 14.96 -35.28 12.85
CA THR A 240 13.62 -35.46 13.38
C THR A 240 13.60 -36.40 14.57
N VAL A 241 14.51 -37.38 14.60
CA VAL A 241 14.63 -38.22 15.78
C VAL A 241 15.05 -37.38 16.98
N LYS A 242 16.01 -36.49 16.78
CA LYS A 242 16.46 -35.63 17.87
C LYS A 242 15.34 -34.72 18.35
N TRP A 243 14.70 -33.99 17.44
CA TRP A 243 13.84 -32.89 17.84
C TRP A 243 12.36 -33.24 17.92
N ALA A 244 11.83 -33.97 16.95
CA ALA A 244 10.39 -34.18 16.86
C ALA A 244 9.83 -35.11 17.93
N MET A 245 10.67 -35.89 18.60
CA MET A 245 10.20 -36.78 19.65
C MET A 245 10.82 -36.46 21.00
N LEU A 246 12.15 -36.46 21.11
CA LEU A 246 12.79 -36.32 22.41
C LEU A 246 12.50 -34.94 23.02
N GLU A 247 12.73 -33.88 22.26
CA GLU A 247 12.50 -32.55 22.77
C GLU A 247 11.02 -32.31 23.05
N GLN A 248 10.15 -32.86 22.20
CA GLN A 248 8.72 -32.70 22.41
C GLN A 248 8.26 -33.36 23.71
N ILE A 249 8.71 -34.59 23.95
CA ILE A 249 8.25 -35.30 25.15
C ILE A 249 8.86 -34.70 26.40
N ARG A 250 10.15 -34.31 26.34
CA ARG A 250 10.82 -33.84 27.55
C ARG A 250 10.21 -32.52 28.04
N ASN A 251 9.90 -31.61 27.13
CA ASN A 251 9.30 -30.32 27.47
C ASN A 251 8.07 -30.09 26.59
N PRO A 252 6.98 -30.79 26.86
CA PRO A 252 5.79 -30.65 26.02
C PRO A 252 5.12 -29.30 26.19
N SER A 253 4.40 -28.89 25.15
CA SER A 253 3.59 -27.68 25.23
C SER A 253 2.33 -27.95 26.06
N PRO A 254 1.87 -26.96 26.82
CA PRO A 254 0.68 -27.17 27.65
C PRO A 254 -0.57 -27.51 26.87
N CYS A 255 -0.71 -27.01 25.64
CA CYS A 255 -1.96 -27.18 24.91
C CYS A 255 -2.17 -28.63 24.51
N PHE A 256 -1.30 -29.16 23.65
CA PHE A 256 -1.45 -30.51 23.11
C PHE A 256 -0.76 -31.56 23.97
N LYS A 257 -0.67 -31.31 25.27
CA LYS A 257 0.09 -32.18 26.17
C LYS A 257 -0.51 -33.58 26.23
N GLU A 258 -1.75 -33.69 26.71
CA GLU A 258 -2.36 -35.01 26.86
C GLU A 258 -2.44 -35.74 25.53
N VAL A 259 -2.68 -35.00 24.45
CA VAL A 259 -2.81 -35.60 23.13
C VAL A 259 -1.52 -36.30 22.73
N ILE A 260 -0.39 -35.61 22.87
CA ILE A 260 0.89 -36.20 22.47
C ILE A 260 1.28 -37.32 23.42
N HIS A 261 0.95 -37.17 24.72
CA HIS A 261 1.22 -38.26 25.65
C HIS A 261 0.47 -39.53 25.25
N LYS A 262 -0.79 -39.39 24.84
CA LYS A 262 -1.54 -40.56 24.39
C LYS A 262 -0.97 -41.11 23.09
N HIS A 263 -0.71 -40.25 22.11
CA HIS A 263 -0.27 -40.73 20.80
C HIS A 263 1.07 -41.44 20.88
N PHE A 264 2.06 -40.80 21.51
CA PHE A 264 3.38 -41.41 21.61
C PHE A 264 3.35 -42.67 22.48
N TYR A 265 2.42 -42.74 23.43
CA TYR A 265 2.32 -43.92 24.27
C TYR A 265 1.97 -45.15 23.45
N LEU A 266 1.07 -45.01 22.49
CA LEU A 266 0.58 -46.15 21.72
C LEU A 266 1.60 -46.66 20.70
N LYS A 267 2.44 -45.78 20.17
CA LYS A 267 3.27 -46.11 19.02
C LYS A 267 4.72 -46.37 19.40
N ARG A 268 4.97 -46.71 20.66
CA ARG A 268 6.33 -46.89 21.14
C ARG A 268 7.06 -48.01 20.41
N VAL A 269 6.39 -49.15 20.24
CA VAL A 269 7.05 -50.32 19.66
C VAL A 269 7.37 -50.10 18.20
N GLU A 270 6.42 -49.53 17.45
CA GLU A 270 6.67 -49.24 16.05
C GLU A 270 7.76 -48.18 15.89
N ILE A 271 7.80 -47.22 16.81
CA ILE A 271 8.86 -46.21 16.78
C ILE A 271 10.22 -46.87 16.98
N MET A 272 10.31 -47.79 17.95
CA MET A 272 11.56 -48.51 18.14
C MET A 272 11.92 -49.32 16.92
N ALA A 273 10.94 -50.00 16.31
CA ALA A 273 11.23 -50.83 15.15
C ALA A 273 11.75 -49.99 13.99
N GLN A 274 11.10 -48.86 13.73
CA GLN A 274 11.55 -48.00 12.63
C GLN A 274 12.90 -47.36 12.95
N CYS A 275 13.16 -47.04 14.22
CA CYS A 275 14.48 -46.53 14.57
C CYS A 275 15.56 -47.56 14.31
N GLU A 276 15.32 -48.82 14.68
CA GLU A 276 16.31 -49.86 14.42
C GLU A 276 16.50 -50.08 12.93
N GLU A 277 15.40 -50.07 12.17
CA GLU A 277 15.53 -50.22 10.72
C GLU A 277 16.33 -49.07 10.13
N TRP A 278 16.07 -47.84 10.58
CA TRP A 278 16.81 -46.69 10.08
C TRP A 278 18.29 -46.83 10.41
N ILE A 279 18.61 -47.19 11.65
CA ILE A 279 20.01 -47.33 12.05
C ILE A 279 20.71 -48.39 11.23
N ALA A 280 20.04 -49.53 11.01
CA ALA A 280 20.62 -50.58 10.17
C ALA A 280 20.85 -50.07 8.76
N ASP A 281 19.89 -49.31 8.21
CA ASP A 281 20.05 -48.75 6.88
C ASP A 281 21.19 -47.73 6.84
N ILE A 282 21.30 -46.91 7.89
CA ILE A 282 22.36 -45.90 7.94
C ILE A 282 23.73 -46.56 7.94
N GLN A 283 23.87 -47.68 8.64
CA GLN A 283 25.14 -48.39 8.71
C GLN A 283 25.59 -48.92 7.35
N GLN A 284 24.66 -49.12 6.41
CA GLN A 284 24.98 -49.73 5.14
C GLN A 284 25.91 -48.89 4.29
N TYR A 285 25.83 -47.56 4.39
CA TYR A 285 26.58 -46.67 3.51
C TYR A 285 27.81 -46.07 4.19
N SER A 286 28.16 -46.57 5.38
CA SER A 286 29.35 -46.09 6.06
C SER A 286 30.63 -46.49 5.33
N SER A 287 30.61 -47.61 4.60
CA SER A 287 31.78 -48.05 3.85
C SER A 287 32.11 -47.14 2.68
N ASP A 288 31.23 -46.22 2.33
CA ASP A 288 31.47 -45.31 1.22
C ASP A 288 32.62 -44.35 1.55
N LYS A 289 33.18 -43.76 0.52
CA LYS A 289 34.23 -42.76 0.65
C LYS A 289 33.76 -41.35 0.34
N ARG A 290 32.90 -41.20 -0.68
CA ARG A 290 32.37 -39.89 -1.02
C ARG A 290 31.54 -39.31 0.12
N VAL A 291 30.74 -40.14 0.78
CA VAL A 291 29.80 -39.68 1.80
C VAL A 291 30.04 -40.41 3.11
N GLY A 292 31.11 -41.19 3.18
CA GLY A 292 31.29 -42.10 4.29
C GLY A 292 31.38 -41.41 5.64
N ARG A 293 32.18 -40.35 5.73
CA ARG A 293 32.40 -39.71 7.02
C ARG A 293 31.13 -39.03 7.54
N THR A 294 30.45 -38.28 6.67
CA THR A 294 29.19 -37.65 7.07
C THR A 294 28.13 -38.70 7.36
N MET A 295 28.11 -39.79 6.61
CA MET A 295 27.13 -40.84 6.81
C MET A 295 27.32 -41.48 8.18
N SER A 296 28.58 -41.75 8.55
CA SER A 296 28.88 -42.31 9.86
C SER A 296 28.59 -41.30 10.97
N HIS A 297 28.81 -40.02 10.70
CA HIS A 297 28.44 -38.99 11.68
C HIS A 297 26.94 -39.00 11.93
N HIS A 298 26.15 -39.13 10.87
CA HIS A 298 24.71 -39.25 11.02
C HIS A 298 24.34 -40.51 11.81
N ALA A 299 25.03 -41.62 11.54
CA ALA A 299 24.79 -42.84 12.30
C ALA A 299 25.05 -42.63 13.78
N ALA A 300 26.18 -41.99 14.11
CA ALA A 300 26.53 -41.76 15.50
C ALA A 300 25.52 -40.85 16.18
N ALA A 301 25.11 -39.78 15.49
CA ALA A 301 24.10 -38.89 16.06
C ALA A 301 22.78 -39.62 16.30
N LEU A 302 22.37 -40.45 15.34
CA LEU A 302 21.13 -41.21 15.49
C LEU A 302 21.20 -42.16 16.66
N LYS A 303 22.31 -42.88 16.80
CA LYS A 303 22.46 -43.80 17.93
C LYS A 303 22.46 -43.05 19.25
N ARG A 304 23.14 -41.90 19.30
CA ARG A 304 23.15 -41.10 20.52
C ARG A 304 21.75 -40.63 20.89
N HIS A 305 20.96 -40.21 19.89
CA HIS A 305 19.59 -39.81 20.16
C HIS A 305 18.77 -40.98 20.68
N THR A 306 18.87 -42.13 20.01
CA THR A 306 18.06 -43.28 20.39
C THR A 306 18.43 -43.79 21.78
N ALA A 307 19.68 -43.61 22.19
CA ALA A 307 20.09 -44.04 23.53
C ALA A 307 19.22 -43.41 24.60
N GLN A 308 19.05 -42.09 24.55
CA GLN A 308 18.19 -41.41 25.51
C GLN A 308 16.71 -41.58 25.18
N LEU A 309 16.38 -41.75 23.90
CA LEU A 309 14.99 -41.90 23.51
C LEU A 309 14.38 -43.17 24.08
N ARG A 310 15.13 -44.27 24.06
CA ARG A 310 14.64 -45.52 24.63
C ARG A 310 14.37 -45.37 26.12
N GLU A 311 15.29 -44.73 26.83
CA GLU A 311 15.07 -44.48 28.26
C GLU A 311 13.82 -43.64 28.48
N GLU A 312 13.67 -42.57 27.69
CA GLU A 312 12.51 -41.70 27.85
C GLU A 312 11.21 -42.45 27.61
N LEU A 313 11.17 -43.30 26.59
CA LEU A 313 9.97 -44.11 26.34
C LEU A 313 9.71 -45.08 27.48
N LEU A 314 10.77 -45.70 28.01
CA LEU A 314 10.59 -46.61 29.13
C LEU A 314 10.06 -45.91 30.37
N LYS A 315 10.26 -44.60 30.48
CA LYS A 315 9.76 -43.83 31.61
C LYS A 315 8.37 -43.26 31.36
N LEU A 316 7.81 -43.45 30.17
CA LEU A 316 6.54 -42.83 29.83
C LEU A 316 5.39 -43.56 30.53
N PRO A 317 4.60 -42.88 31.37
CA PRO A 317 3.46 -43.53 32.00
C PRO A 317 2.29 -43.67 31.04
N CYS A 318 1.38 -44.56 31.40
CA CYS A 318 0.17 -44.77 30.61
C CYS A 318 -0.82 -43.64 30.87
N PRO A 319 -1.28 -42.93 29.83
CA PRO A 319 -2.24 -41.82 29.99
C PRO A 319 -3.57 -42.27 30.60
N ILE B 41 22.30 21.73 -4.40
CA ILE B 41 20.92 21.67 -3.97
C ILE B 41 20.82 21.19 -2.53
N ASP B 42 20.26 22.04 -1.67
CA ASP B 42 20.03 21.66 -0.27
C ASP B 42 18.87 20.67 -0.24
N ASP B 43 19.20 19.39 -0.04
CA ASP B 43 18.20 18.34 -0.03
C ASP B 43 17.24 18.46 1.14
N ALA B 44 17.68 19.04 2.26
CA ALA B 44 16.84 19.11 3.45
C ALA B 44 15.61 19.98 3.24
N LEU B 45 15.57 20.79 2.18
CA LEU B 45 14.42 21.64 1.89
C LEU B 45 13.76 21.33 0.56
N TYR B 46 14.32 20.44 -0.25
CA TYR B 46 13.77 20.13 -1.56
C TYR B 46 13.79 18.62 -1.85
N SER B 47 13.84 17.79 -0.81
CA SER B 47 13.90 16.35 -1.04
C SER B 47 12.69 15.85 -1.81
N ARG B 48 11.49 16.24 -1.38
CA ARG B 48 10.29 15.85 -2.09
C ARG B 48 10.26 16.47 -3.49
N GLN B 49 10.65 17.73 -3.60
CA GLN B 49 10.65 18.41 -4.89
C GLN B 49 11.57 17.74 -5.89
N ARG B 50 12.74 17.28 -5.44
CA ARG B 50 13.65 16.57 -6.33
C ARG B 50 13.01 15.30 -6.88
N TYR B 51 12.34 14.54 -6.02
CA TYR B 51 11.68 13.32 -6.47
C TYR B 51 10.52 13.62 -7.41
N VAL B 52 9.78 14.70 -7.15
CA VAL B 52 8.69 15.09 -8.04
C VAL B 52 9.22 15.48 -9.40
N LEU B 53 10.31 16.25 -9.44
CA LEU B 53 10.72 16.94 -10.66
C LEU B 53 11.93 16.30 -11.34
N GLY B 54 13.05 16.20 -10.64
CA GLY B 54 14.28 15.76 -11.25
C GLY B 54 15.27 16.91 -11.41
N ASP B 55 16.55 16.55 -11.41
CA ASP B 55 17.63 17.55 -11.29
C ASP B 55 17.56 18.58 -12.43
N THR B 56 17.22 18.12 -13.63
CA THR B 56 17.14 19.05 -14.77
C THR B 56 16.11 20.13 -14.51
N ALA B 57 15.00 19.77 -13.87
CA ALA B 57 13.97 20.77 -13.55
C ALA B 57 14.51 21.84 -12.62
N MET B 58 15.21 21.43 -11.55
CA MET B 58 15.75 22.43 -10.63
C MET B 58 16.82 23.28 -11.30
N GLN B 59 17.65 22.67 -12.15
CA GLN B 59 18.66 23.45 -12.85
C GLN B 59 18.02 24.49 -13.77
N LYS B 60 16.94 24.10 -14.46
CA LYS B 60 16.28 25.04 -15.38
C LYS B 60 15.56 26.15 -14.61
N MET B 61 14.85 25.79 -13.54
CA MET B 61 14.11 26.81 -12.80
C MET B 61 15.05 27.76 -12.07
N ALA B 62 16.30 27.35 -11.87
CA ALA B 62 17.30 28.28 -11.39
C ALA B 62 17.62 29.31 -12.47
N LYS B 63 18.01 30.50 -12.03
CA LYS B 63 18.33 31.62 -12.92
C LYS B 63 17.15 31.94 -13.83
N SER B 64 15.97 32.09 -13.22
CA SER B 64 14.74 32.35 -13.96
C SER B 64 14.12 33.65 -13.48
N HIS B 65 13.52 34.39 -14.41
CA HIS B 65 12.90 35.66 -14.12
C HIS B 65 11.44 35.63 -14.57
N VAL B 66 10.53 35.91 -13.64
CA VAL B 66 9.10 35.86 -13.88
C VAL B 66 8.49 37.19 -13.46
N PHE B 67 7.66 37.75 -14.34
CA PHE B 67 6.95 38.99 -14.04
C PHE B 67 5.47 38.68 -13.80
N LEU B 68 4.94 39.19 -12.69
CA LEU B 68 3.54 39.03 -12.35
C LEU B 68 2.96 40.40 -12.06
N SER B 69 1.74 40.65 -12.52
CA SER B 69 1.07 41.94 -12.34
C SER B 69 -0.30 41.73 -11.72
N GLY B 70 -0.64 42.59 -10.77
CA GLY B 70 -1.91 42.52 -10.09
C GLY B 70 -1.82 41.90 -8.71
N MET B 71 -1.85 42.74 -7.67
CA MET B 71 -1.74 42.26 -6.29
C MET B 71 -3.10 41.94 -5.69
N GLY B 72 -3.89 41.15 -6.40
CA GLY B 72 -5.12 40.63 -5.88
C GLY B 72 -4.90 39.32 -5.15
N GLY B 73 -6.01 38.65 -4.83
CA GLY B 73 -5.90 37.32 -4.25
C GLY B 73 -5.20 36.35 -5.16
N LEU B 74 -5.57 36.36 -6.46
CA LEU B 74 -4.97 35.43 -7.41
C LEU B 74 -3.47 35.67 -7.54
N GLY B 75 -3.06 36.92 -7.71
CA GLY B 75 -1.64 37.22 -7.78
C GLY B 75 -0.90 36.81 -6.52
N LEU B 76 -1.50 37.08 -5.36
CA LEU B 76 -0.85 36.77 -4.10
C LEU B 76 -0.64 35.26 -3.95
N GLU B 77 -1.66 34.46 -4.26
CA GLU B 77 -1.54 33.03 -4.07
C GLU B 77 -0.61 32.40 -5.11
N ILE B 78 -0.67 32.87 -6.37
CA ILE B 78 0.29 32.39 -7.35
C ILE B 78 1.71 32.73 -6.91
N ALA B 79 1.89 33.94 -6.36
CA ALA B 79 3.21 34.36 -5.91
C ALA B 79 3.72 33.48 -4.77
N LYS B 80 2.86 33.19 -3.79
CA LYS B 80 3.30 32.35 -2.69
C LYS B 80 3.61 30.94 -3.18
N ASN B 81 2.82 30.43 -4.13
CA ASN B 81 3.09 29.10 -4.68
C ASN B 81 4.44 29.05 -5.38
N LEU B 82 4.71 30.06 -6.22
CA LEU B 82 5.97 30.05 -6.95
C LEU B 82 7.16 30.29 -6.02
N VAL B 83 7.00 31.11 -4.99
CA VAL B 83 8.07 31.27 -4.02
C VAL B 83 8.34 29.97 -3.30
N LEU B 84 7.28 29.23 -2.96
CA LEU B 84 7.47 27.89 -2.41
C LEU B 84 8.19 26.99 -3.39
N ALA B 85 7.95 27.16 -4.69
CA ALA B 85 8.73 26.45 -5.70
C ALA B 85 10.19 26.85 -5.64
N GLY B 86 10.46 28.15 -5.49
CA GLY B 86 11.81 28.62 -5.25
C GLY B 86 12.52 29.23 -6.44
N ILE B 87 11.79 30.00 -7.26
CA ILE B 87 12.42 30.66 -8.40
C ILE B 87 13.42 31.70 -7.91
N LYS B 88 14.57 31.77 -8.58
CA LYS B 88 15.64 32.66 -8.14
C LYS B 88 15.19 34.11 -8.14
N ALA B 89 14.55 34.55 -9.22
CA ALA B 89 14.19 35.96 -9.37
C ALA B 89 12.75 36.08 -9.84
N VAL B 90 11.93 36.75 -9.05
CA VAL B 90 10.54 37.03 -9.40
C VAL B 90 10.27 38.50 -9.13
N THR B 91 9.60 39.15 -10.08
CA THR B 91 9.23 40.56 -9.93
C THR B 91 7.72 40.68 -9.98
N ILE B 92 7.15 41.32 -8.98
CA ILE B 92 5.72 41.58 -8.89
C ILE B 92 5.48 43.02 -9.31
N HIS B 93 4.21 43.35 -9.53
CA HIS B 93 3.83 44.70 -9.93
C HIS B 93 2.41 45.01 -9.52
N ASP B 94 2.20 46.25 -9.06
CA ASP B 94 0.87 46.76 -8.77
C ASP B 94 0.94 48.27 -8.62
N THR B 95 -0.16 48.94 -8.99
CA THR B 95 -0.26 50.38 -8.87
C THR B 95 -1.35 50.83 -7.92
N GLU B 96 -2.21 49.94 -7.45
CA GLU B 96 -3.34 50.32 -6.62
C GLU B 96 -2.91 50.42 -5.16
N LYS B 97 -3.86 50.67 -4.27
CA LYS B 97 -3.60 50.85 -2.86
C LYS B 97 -4.60 50.05 -2.04
N CYS B 98 -4.35 50.00 -0.73
CA CYS B 98 -5.14 49.17 0.17
C CYS B 98 -6.55 49.75 0.36
N GLN B 99 -7.51 48.85 0.55
CA GLN B 99 -8.88 49.21 0.84
C GLN B 99 -9.44 48.28 1.90
N ALA B 100 -10.50 48.72 2.58
CA ALA B 100 -11.14 47.88 3.58
C ALA B 100 -11.72 46.62 2.94
N TRP B 101 -12.17 46.72 1.69
CA TRP B 101 -12.68 45.54 0.99
C TRP B 101 -11.58 44.53 0.71
N ASP B 102 -10.35 45.00 0.54
CA ASP B 102 -9.24 44.09 0.27
C ASP B 102 -8.89 43.20 1.46
N LEU B 103 -9.44 43.49 2.64
CA LEU B 103 -9.20 42.64 3.80
C LEU B 103 -9.73 41.23 3.61
N GLY B 104 -10.92 41.10 3.01
CA GLY B 104 -11.50 39.78 2.81
C GLY B 104 -10.88 38.96 1.71
N THR B 105 -9.99 39.56 0.91
CA THR B 105 -9.33 38.85 -0.19
C THR B 105 -7.85 38.67 -0.01
N ASN B 106 -7.20 39.44 0.86
CA ASN B 106 -5.77 39.36 1.08
C ASN B 106 -5.51 38.91 2.52
N PHE B 107 -4.64 37.91 2.66
CA PHE B 107 -4.32 37.36 3.97
C PHE B 107 -2.98 37.85 4.52
N PHE B 108 -2.28 38.73 3.80
CA PHE B 108 -1.08 39.36 4.30
C PHE B 108 -1.22 40.85 4.58
N LEU B 109 -2.31 41.48 4.13
CA LEU B 109 -2.53 42.87 4.47
C LEU B 109 -2.90 43.01 5.95
N SER B 110 -2.80 44.24 6.45
CA SER B 110 -3.15 44.54 7.82
C SER B 110 -3.97 45.82 7.84
N GLU B 111 -4.72 46.01 8.93
CA GLU B 111 -5.49 47.23 9.09
C GLU B 111 -4.60 48.47 9.05
N ASP B 112 -3.37 48.34 9.57
CA ASP B 112 -2.43 49.45 9.49
C ASP B 112 -2.10 49.81 8.05
N ASP B 113 -1.96 48.79 7.19
CA ASP B 113 -1.69 49.05 5.78
C ASP B 113 -2.84 49.81 5.13
N VAL B 114 -4.08 49.43 5.46
CA VAL B 114 -5.23 50.14 4.93
C VAL B 114 -5.26 51.57 5.46
N VAL B 115 -4.91 51.75 6.72
CA VAL B 115 -4.90 53.09 7.31
C VAL B 115 -3.88 53.98 6.59
N ASN B 116 -2.69 53.45 6.36
CA ASN B 116 -1.61 54.21 5.72
C ASN B 116 -1.81 54.39 4.22
N LYS B 117 -2.75 53.65 3.62
CA LYS B 117 -3.03 53.75 2.18
C LYS B 117 -1.77 53.48 1.36
N ARG B 118 -0.98 52.49 1.79
CA ARG B 118 0.22 52.13 1.05
C ARG B 118 -0.15 51.41 -0.25
N ASN B 119 0.80 51.42 -1.18
CA ASN B 119 0.62 50.62 -2.39
C ASN B 119 0.61 49.14 -2.02
N ARG B 120 -0.28 48.39 -2.67
CA ARG B 120 -0.49 46.99 -2.30
C ARG B 120 0.78 46.16 -2.54
N ALA B 121 1.58 46.54 -3.55
CA ALA B 121 2.80 45.79 -3.82
C ALA B 121 3.81 45.93 -2.69
N GLU B 122 3.92 47.12 -2.09
CA GLU B 122 4.97 47.36 -1.10
C GLU B 122 4.67 46.66 0.22
N ALA B 123 3.43 46.72 0.68
CA ALA B 123 3.10 46.27 2.03
C ALA B 123 3.25 44.76 2.21
N VAL B 124 3.35 43.99 1.13
CA VAL B 124 3.45 42.54 1.21
C VAL B 124 4.84 42.03 0.86
N LEU B 125 5.70 42.88 0.27
CA LEU B 125 7.01 42.43 -0.18
C LEU B 125 7.82 41.83 0.96
N LYS B 126 7.68 42.37 2.17
CA LYS B 126 8.40 41.82 3.32
C LYS B 126 7.89 40.42 3.66
N HIS B 127 6.57 40.25 3.72
CA HIS B 127 6.00 38.97 4.13
C HIS B 127 6.37 37.86 3.14
N ILE B 128 6.29 38.15 1.85
CA ILE B 128 6.66 37.15 0.86
C ILE B 128 8.14 36.87 0.90
N ALA B 129 8.95 37.89 1.21
CA ALA B 129 10.39 37.67 1.35
C ALA B 129 10.69 36.73 2.51
N GLU B 130 9.80 36.66 3.51
CA GLU B 130 10.00 35.77 4.64
C GLU B 130 9.91 34.30 4.24
N LEU B 131 9.30 34.00 3.09
CA LEU B 131 9.05 32.60 2.73
C LEU B 131 10.35 31.87 2.37
N ASN B 132 11.20 32.48 1.55
CA ASN B 132 12.40 31.79 1.11
C ASN B 132 13.57 32.77 1.05
N PRO B 133 14.62 32.56 1.86
CA PRO B 133 15.82 33.40 1.74
C PRO B 133 16.52 33.26 0.41
N TYR B 134 16.37 32.13 -0.27
CA TYR B 134 17.04 31.86 -1.53
C TYR B 134 16.31 32.44 -2.73
N VAL B 135 15.17 33.08 -2.51
CA VAL B 135 14.36 33.66 -3.58
C VAL B 135 14.48 35.17 -3.50
N HIS B 136 14.87 35.79 -4.60
CA HIS B 136 14.93 37.24 -4.71
C HIS B 136 13.63 37.76 -5.30
N VAL B 137 13.03 38.74 -4.64
CA VAL B 137 11.74 39.28 -5.02
C VAL B 137 11.86 40.78 -5.20
N THR B 138 11.30 41.29 -6.29
CA THR B 138 11.31 42.71 -6.61
C THR B 138 9.89 43.19 -6.83
N SER B 139 9.62 44.43 -6.42
CA SER B 139 8.32 45.04 -6.57
C SER B 139 8.41 46.21 -7.55
N SER B 140 7.34 46.40 -8.32
CA SER B 140 7.32 47.46 -9.33
C SER B 140 5.94 48.10 -9.34
N SER B 141 5.89 49.35 -9.80
CA SER B 141 4.63 50.08 -9.93
C SER B 141 4.59 50.92 -11.20
N VAL B 142 5.28 50.47 -12.25
CA VAL B 142 5.38 51.26 -13.48
C VAL B 142 4.01 51.32 -14.15
N PRO B 143 3.50 52.51 -14.48
CA PRO B 143 2.17 52.59 -15.11
C PRO B 143 2.15 51.86 -16.45
N PHE B 144 1.03 51.20 -16.72
CA PHE B 144 0.85 50.41 -17.92
C PHE B 144 -0.37 50.91 -18.69
N ASN B 145 -0.20 51.11 -20.00
CA ASN B 145 -1.28 51.50 -20.87
C ASN B 145 -0.89 51.17 -22.31
N GLU B 146 -1.70 51.65 -23.25
CA GLU B 146 -1.42 51.38 -24.66
C GLU B 146 -0.09 51.99 -25.09
N THR B 147 0.32 53.09 -24.45
CA THR B 147 1.54 53.79 -24.81
C THR B 147 2.77 53.28 -24.06
N THR B 148 2.59 52.37 -23.11
CA THR B 148 3.72 51.89 -22.32
C THR B 148 4.64 51.03 -23.18
N ASP B 149 5.93 51.35 -23.14
CA ASP B 149 6.92 50.55 -23.86
C ASP B 149 7.02 49.18 -23.22
N LEU B 150 6.97 48.13 -24.04
CA LEU B 150 7.05 46.76 -23.57
C LEU B 150 8.43 46.15 -23.77
N SER B 151 9.38 46.91 -24.31
CA SER B 151 10.70 46.35 -24.60
C SER B 151 11.43 45.90 -23.34
N PHE B 152 11.11 46.47 -22.19
CA PHE B 152 11.76 46.08 -20.94
C PHE B 152 11.37 44.67 -20.50
N LEU B 153 10.25 44.14 -21.00
CA LEU B 153 9.76 42.83 -20.56
C LEU B 153 10.62 41.68 -21.04
N ASP B 154 11.57 41.93 -21.95
CA ASP B 154 12.40 40.85 -22.49
C ASP B 154 13.30 40.22 -21.43
N LYS B 155 13.50 40.88 -20.30
CA LYS B 155 14.37 40.31 -19.26
C LYS B 155 13.79 39.02 -18.70
N TYR B 156 12.47 38.97 -18.51
CA TYR B 156 11.83 37.78 -17.99
C TYR B 156 11.76 36.71 -19.08
N GLN B 157 11.30 35.51 -18.70
CA GLN B 157 11.03 34.45 -19.65
C GLN B 157 9.56 34.08 -19.74
N CYS B 158 8.76 34.44 -18.74
CA CYS B 158 7.32 34.18 -18.77
C CYS B 158 6.61 35.37 -18.17
N VAL B 159 5.35 35.55 -18.53
CA VAL B 159 4.54 36.69 -18.12
C VAL B 159 3.21 36.17 -17.57
N VAL B 160 2.79 36.71 -16.44
CA VAL B 160 1.51 36.38 -15.82
C VAL B 160 0.71 37.66 -15.68
N LEU B 161 -0.52 37.65 -16.17
CA LEU B 161 -1.38 38.81 -16.16
C LEU B 161 -2.68 38.51 -15.44
N THR B 162 -3.12 39.46 -14.61
CA THR B 162 -4.39 39.33 -13.90
C THR B 162 -4.92 40.74 -13.66
N GLU B 163 -6.26 40.87 -13.74
CA GLU B 163 -6.94 42.15 -13.59
C GLU B 163 -6.43 43.17 -14.60
N MET B 164 -6.51 42.78 -15.88
CA MET B 164 -6.05 43.61 -16.97
C MET B 164 -7.12 43.70 -18.05
N LYS B 165 -7.16 44.82 -18.74
CA LYS B 165 -8.12 45.01 -19.81
C LYS B 165 -7.78 44.15 -21.02
N LEU B 166 -8.81 43.70 -21.73
CA LEU B 166 -8.63 42.71 -22.78
C LEU B 166 -7.75 43.19 -23.94
N PRO B 167 -8.00 44.35 -24.56
CA PRO B 167 -7.16 44.74 -25.71
C PRO B 167 -5.69 44.88 -25.36
N LEU B 168 -5.38 45.38 -24.17
CA LEU B 168 -4.00 45.45 -23.73
C LEU B 168 -3.42 44.04 -23.57
N GLN B 169 -4.23 43.10 -23.07
CA GLN B 169 -3.78 41.72 -22.98
C GLN B 169 -3.47 41.15 -24.37
N LYS B 170 -4.32 41.44 -25.35
CA LYS B 170 -4.06 40.99 -26.71
C LYS B 170 -2.75 41.58 -27.23
N LYS B 171 -2.55 42.88 -27.02
CA LYS B 171 -1.33 43.53 -27.48
C LYS B 171 -0.11 42.92 -26.83
N ILE B 172 -0.19 42.66 -25.52
CA ILE B 172 0.93 42.05 -24.81
C ILE B 172 1.23 40.66 -25.35
N ASN B 173 0.18 39.88 -25.60
CA ASN B 173 0.37 38.55 -26.15
C ASN B 173 1.05 38.62 -27.51
N ASP B 174 0.62 39.57 -28.34
CA ASP B 174 1.25 39.74 -29.65
C ASP B 174 2.72 40.10 -29.52
N PHE B 175 3.04 41.02 -28.60
CA PHE B 175 4.43 41.41 -28.41
C PHE B 175 5.26 40.26 -27.86
N CYS B 176 4.72 39.54 -26.86
CA CYS B 176 5.47 38.44 -26.28
C CYS B 176 5.69 37.32 -27.28
N ARG B 177 4.66 36.99 -28.07
CA ARG B 177 4.79 35.90 -29.04
C ARG B 177 5.68 36.27 -30.20
N SER B 178 5.82 37.55 -30.51
CA SER B 178 6.68 37.99 -31.61
C SER B 178 8.15 37.94 -31.25
N GLN B 179 8.49 37.65 -29.99
CA GLN B 179 9.88 37.62 -29.58
C GLN B 179 10.58 36.36 -30.09
N CYS B 180 11.90 36.42 -30.11
CA CYS B 180 12.74 35.32 -30.58
C CYS B 180 13.82 35.04 -29.54
N PRO B 181 13.62 34.06 -28.65
CA PRO B 181 12.45 33.18 -28.52
C PRO B 181 11.27 33.90 -27.89
N PRO B 182 10.05 33.45 -28.22
CA PRO B 182 8.87 34.10 -27.64
C PRO B 182 8.80 33.89 -26.14
N ILE B 183 8.21 34.88 -25.47
CA ILE B 183 8.01 34.84 -24.02
C ILE B 183 6.67 34.21 -23.73
N LYS B 184 6.65 33.27 -22.78
CA LYS B 184 5.42 32.59 -22.43
C LYS B 184 4.38 33.59 -21.92
N PHE B 185 3.15 33.43 -22.39
CA PHE B 185 2.06 34.36 -22.08
C PHE B 185 1.00 33.62 -21.28
N ILE B 186 0.70 34.13 -20.09
CA ILE B 186 -0.22 33.48 -19.16
C ILE B 186 -1.21 34.53 -18.64
N SER B 187 -2.49 34.21 -18.65
CA SER B 187 -3.53 35.09 -18.15
C SER B 187 -4.64 34.28 -17.51
N ALA B 188 -5.17 34.82 -16.39
CA ALA B 188 -6.29 34.20 -15.71
C ALA B 188 -7.04 35.29 -14.96
N ASP B 189 -8.36 35.11 -14.85
CA ASP B 189 -9.20 36.10 -14.18
C ASP B 189 -10.37 35.40 -13.50
N VAL B 190 -10.86 36.01 -12.43
CA VAL B 190 -11.93 35.44 -11.61
C VAL B 190 -13.00 36.49 -11.39
N HIS B 191 -14.25 36.11 -11.54
CA HIS B 191 -15.40 36.98 -11.28
C HIS B 191 -16.47 36.16 -10.59
N GLY B 192 -16.66 36.38 -9.29
CA GLY B 192 -17.65 35.64 -8.54
C GLY B 192 -17.36 34.16 -8.49
N ILE B 193 -18.17 33.37 -9.18
CA ILE B 193 -17.97 31.93 -9.27
C ILE B 193 -17.52 31.52 -10.67
N TRP B 194 -16.86 32.41 -11.39
CA TRP B 194 -16.44 32.18 -12.76
C TRP B 194 -14.94 32.44 -12.89
N SER B 195 -14.25 31.52 -13.55
CA SER B 195 -12.82 31.64 -13.76
C SER B 195 -12.50 31.41 -15.24
N ARG B 196 -11.51 32.13 -15.73
CA ARG B 196 -11.05 32.00 -17.10
C ARG B 196 -9.54 31.80 -17.09
N LEU B 197 -9.07 30.90 -17.94
CA LEU B 197 -7.65 30.61 -18.06
C LEU B 197 -7.29 30.40 -19.52
N PHE B 198 -6.19 31.02 -19.95
CA PHE B 198 -5.68 30.86 -21.30
C PHE B 198 -4.18 30.73 -21.24
N CYS B 199 -3.63 30.01 -22.23
CA CYS B 199 -2.20 29.77 -22.31
C CYS B 199 -1.74 29.98 -23.75
N ASP B 200 -0.49 30.43 -23.90
CA ASP B 200 0.09 30.60 -25.23
C ASP B 200 1.60 30.49 -25.10
N PHE B 201 2.16 29.42 -25.67
CA PHE B 201 3.60 29.20 -25.68
C PHE B 201 4.21 29.42 -27.05
N GLY B 202 3.56 30.23 -27.89
CA GLY B 202 4.06 30.49 -29.22
C GLY B 202 3.58 29.48 -30.23
N ASP B 203 4.14 29.62 -31.44
CA ASP B 203 3.75 28.75 -32.54
C ASP B 203 4.10 27.29 -32.24
N GLU B 204 5.28 27.05 -31.68
CA GLU B 204 5.73 25.72 -31.36
C GLU B 204 6.30 25.70 -29.94
N PHE B 205 5.88 24.71 -29.16
CA PHE B 205 6.40 24.49 -27.82
C PHE B 205 6.93 23.07 -27.72
N GLU B 206 7.98 22.89 -26.92
CA GLU B 206 8.65 21.60 -26.80
C GLU B 206 8.44 21.02 -25.41
N VAL B 207 8.13 19.73 -25.38
CA VAL B 207 7.92 18.97 -24.15
C VAL B 207 8.97 17.88 -24.08
N LEU B 208 9.74 17.87 -23.00
CA LEU B 208 10.76 16.85 -22.81
C LEU B 208 10.22 15.58 -22.18
N ASP B 209 9.00 15.60 -21.65
CA ASP B 209 8.42 14.43 -21.02
C ASP B 209 6.91 14.58 -21.04
N THR B 210 6.23 13.71 -21.79
CA THR B 210 4.78 13.83 -21.95
C THR B 210 4.04 13.50 -20.65
N THR B 211 4.40 12.39 -20.02
CA THR B 211 3.64 11.88 -18.88
C THR B 211 4.39 11.91 -17.56
N GLY B 212 5.70 11.72 -17.58
CA GLY B 212 6.46 11.64 -16.35
C GLY B 212 6.42 10.30 -15.65
N GLU B 213 5.97 9.25 -16.33
CA GLU B 213 5.87 7.93 -15.73
C GLU B 213 7.05 7.08 -16.15
N GLU B 214 7.69 6.44 -15.17
CA GLU B 214 8.90 5.68 -15.43
C GLU B 214 8.62 4.50 -16.36
N PRO B 215 9.48 4.28 -17.35
CA PRO B 215 9.27 3.13 -18.25
C PRO B 215 9.50 1.81 -17.53
N LYS B 216 8.81 0.78 -18.01
CA LYS B 216 8.86 -0.53 -17.40
C LYS B 216 9.88 -1.42 -18.09
N GLU B 217 10.08 -2.61 -17.52
CA GLU B 217 11.01 -3.60 -18.05
C GLU B 217 10.29 -4.93 -18.21
N ILE B 218 10.67 -5.69 -19.23
CA ILE B 218 10.04 -6.96 -19.54
C ILE B 218 11.12 -8.02 -19.74
N PHE B 219 10.68 -9.24 -20.02
CA PHE B 219 11.56 -10.38 -20.25
C PHE B 219 11.22 -11.00 -21.58
N ILE B 220 12.23 -11.24 -22.40
CA ILE B 220 12.02 -11.78 -23.75
C ILE B 220 11.98 -13.30 -23.66
N SER B 221 10.93 -13.89 -24.23
CA SER B 221 10.74 -15.34 -24.24
C SER B 221 11.15 -15.97 -25.56
N ASN B 222 10.67 -15.44 -26.68
CA ASN B 222 10.98 -15.99 -27.99
C ASN B 222 10.98 -14.88 -29.02
N ILE B 223 11.80 -15.05 -30.06
CA ILE B 223 11.80 -14.14 -31.20
C ILE B 223 11.92 -14.98 -32.46
N THR B 224 11.27 -14.53 -33.54
CA THR B 224 11.24 -15.24 -34.81
C THR B 224 12.02 -14.44 -35.85
N GLN B 225 12.90 -15.13 -36.59
CA GLN B 225 13.61 -14.52 -37.72
C GLN B 225 12.65 -14.42 -38.90
N ALA B 226 11.78 -13.43 -38.84
CA ALA B 226 10.74 -13.23 -39.83
C ALA B 226 10.73 -11.78 -40.29
N ASN B 227 10.06 -11.54 -41.40
CA ASN B 227 9.86 -10.19 -41.94
C ASN B 227 8.37 -9.90 -41.98
N PRO B 228 7.84 -9.13 -41.02
CA PRO B 228 8.52 -8.50 -39.88
C PRO B 228 8.79 -9.50 -38.77
N GLY B 229 9.76 -9.22 -37.89
CA GLY B 229 10.03 -10.12 -36.79
C GLY B 229 8.88 -10.17 -35.80
N ILE B 230 8.75 -11.32 -35.15
CA ILE B 230 7.71 -11.54 -34.14
C ILE B 230 8.39 -11.80 -32.81
N VAL B 231 8.00 -11.03 -31.80
CA VAL B 231 8.60 -11.12 -30.47
C VAL B 231 7.55 -11.64 -29.50
N THR B 232 7.90 -12.67 -28.75
CA THR B 232 7.03 -13.28 -27.75
C THR B 232 7.49 -12.88 -26.37
N CYS B 233 6.60 -12.23 -25.62
CA CYS B 233 6.89 -11.86 -24.24
C CYS B 233 6.91 -13.11 -23.37
N LEU B 234 7.50 -12.98 -22.18
CA LEU B 234 7.54 -14.08 -21.24
C LEU B 234 6.13 -14.49 -20.85
N GLU B 235 6.03 -15.66 -20.22
CA GLU B 235 4.74 -16.17 -19.79
C GLU B 235 4.05 -15.19 -18.85
N ASN B 236 2.75 -14.99 -19.07
CA ASN B 236 1.96 -13.98 -18.38
C ASN B 236 2.58 -12.61 -18.58
N HIS B 237 2.26 -11.68 -17.67
CA HIS B 237 2.79 -10.31 -17.68
C HIS B 237 2.56 -9.65 -19.04
N PRO B 238 1.33 -9.30 -19.38
CA PRO B 238 1.10 -8.58 -20.64
C PRO B 238 1.82 -7.26 -20.65
N HIS B 239 2.34 -6.89 -21.83
CA HIS B 239 3.19 -5.71 -21.94
C HIS B 239 2.46 -4.40 -21.65
N LYS B 240 1.14 -4.37 -21.82
CA LYS B 240 0.34 -3.17 -21.57
C LYS B 240 0.83 -1.97 -22.38
N LEU B 241 1.46 -2.24 -23.51
CA LEU B 241 2.08 -1.20 -24.32
C LEU B 241 1.13 -0.77 -25.44
N GLU B 242 1.65 0.06 -26.35
CA GLU B 242 0.87 0.53 -27.48
C GLU B 242 1.75 0.57 -28.71
N THR B 243 1.10 0.42 -29.87
CA THR B 243 1.84 0.43 -31.14
C THR B 243 2.49 1.78 -31.38
N GLY B 244 3.72 1.74 -31.90
CA GLY B 244 4.46 2.93 -32.22
C GLY B 244 5.49 3.34 -31.19
N GLN B 245 5.43 2.79 -29.99
CA GLN B 245 6.40 3.11 -28.96
C GLN B 245 7.75 2.47 -29.27
N PHE B 246 8.81 3.07 -28.73
CA PHE B 246 10.16 2.62 -28.98
C PHE B 246 10.71 1.88 -27.77
N LEU B 247 11.38 0.77 -28.03
CA LEU B 247 12.04 -0.01 -26.98
C LEU B 247 13.49 -0.23 -27.36
N THR B 248 14.34 -0.28 -26.34
CA THR B 248 15.74 -0.65 -26.50
C THR B 248 15.95 -2.02 -25.88
N PHE B 249 16.90 -2.76 -26.45
CA PHE B 249 17.08 -4.17 -26.12
C PHE B 249 18.51 -4.44 -25.69
N ARG B 250 18.68 -5.51 -24.92
CA ARG B 250 19.99 -5.85 -24.39
C ARG B 250 20.01 -7.33 -24.01
N GLU B 251 21.23 -7.84 -23.84
CA GLU B 251 21.53 -9.20 -23.40
C GLU B 251 20.64 -10.24 -24.09
N ILE B 252 20.50 -10.05 -25.40
CA ILE B 252 19.78 -10.99 -26.26
C ILE B 252 20.78 -11.96 -26.83
N ASN B 253 20.54 -13.26 -26.62
CA ASN B 253 21.41 -14.30 -27.12
C ASN B 253 21.00 -14.69 -28.54
N GLY B 254 21.98 -14.91 -29.39
CA GLY B 254 21.73 -15.13 -30.79
C GLY B 254 21.80 -13.85 -31.60
N MET B 255 20.86 -12.94 -31.40
CA MET B 255 20.86 -11.69 -32.14
C MET B 255 21.56 -10.60 -31.32
N THR B 256 22.90 -10.69 -31.28
CA THR B 256 23.69 -9.65 -30.64
C THR B 256 23.52 -8.30 -31.33
N GLY B 257 23.14 -8.29 -32.61
CA GLY B 257 22.88 -7.05 -33.32
C GLY B 257 21.67 -6.30 -32.82
N LEU B 258 20.70 -6.99 -32.22
CA LEU B 258 19.54 -6.32 -31.65
C LEU B 258 19.83 -5.69 -30.30
N ASN B 259 21.00 -5.94 -29.73
CA ASN B 259 21.37 -5.31 -28.47
C ASN B 259 21.85 -3.89 -28.72
N GLY B 260 21.36 -2.95 -27.92
CA GLY B 260 21.69 -1.55 -28.10
C GLY B 260 20.89 -0.84 -29.16
N SER B 261 19.98 -1.54 -29.84
CA SER B 261 19.17 -0.93 -30.88
C SER B 261 17.80 -0.54 -30.34
N ILE B 262 17.19 0.44 -31.00
CA ILE B 262 15.87 0.93 -30.64
C ILE B 262 14.91 0.59 -31.76
N GLN B 263 13.84 -0.13 -31.44
CA GLN B 263 12.86 -0.57 -32.41
C GLN B 263 11.49 -0.01 -32.07
N GLN B 264 10.85 0.63 -33.04
CA GLN B 264 9.45 0.97 -32.95
C GLN B 264 8.64 -0.32 -33.02
N ILE B 265 7.61 -0.41 -32.20
CA ILE B 265 6.92 -1.65 -31.98
C ILE B 265 5.55 -1.61 -32.66
N THR B 266 4.91 -2.77 -32.75
CA THR B 266 3.56 -2.90 -33.30
C THR B 266 2.85 -3.98 -32.51
N VAL B 267 1.97 -3.58 -31.58
CA VAL B 267 1.30 -4.52 -30.70
C VAL B 267 0.48 -5.50 -31.53
N ILE B 268 0.66 -6.79 -31.25
CA ILE B 268 -0.08 -7.86 -31.92
C ILE B 268 -1.04 -8.56 -30.98
N SER B 269 -0.52 -9.14 -29.91
CA SER B 269 -1.30 -9.81 -28.87
C SER B 269 -0.94 -9.18 -27.54
N PRO B 270 -1.69 -9.51 -26.48
CA PRO B 270 -1.31 -9.00 -25.15
C PRO B 270 0.07 -9.47 -24.70
N PHE B 271 0.62 -10.52 -25.31
CA PHE B 271 1.92 -11.04 -24.93
C PHE B 271 2.87 -11.17 -26.11
N SER B 272 2.61 -10.45 -27.21
CA SER B 272 3.50 -10.48 -28.35
C SER B 272 3.27 -9.24 -29.19
N PHE B 273 4.22 -8.97 -30.08
CA PHE B 273 4.16 -7.81 -30.97
C PHE B 273 5.14 -8.06 -32.11
N SER B 274 5.36 -7.03 -32.93
CA SER B 274 6.20 -7.15 -34.12
C SER B 274 7.31 -6.13 -34.10
N ILE B 275 8.44 -6.52 -34.68
CA ILE B 275 9.60 -5.64 -34.87
C ILE B 275 10.02 -5.71 -36.33
N GLY B 276 11.12 -5.04 -36.66
CA GLY B 276 11.64 -5.07 -38.01
C GLY B 276 12.13 -6.45 -38.40
N ASP B 277 12.65 -6.52 -39.63
CA ASP B 277 13.10 -7.80 -40.18
C ASP B 277 14.27 -8.35 -39.39
N THR B 278 14.25 -9.66 -39.15
CA THR B 278 15.30 -10.34 -38.41
C THR B 278 15.80 -11.59 -39.13
N THR B 279 15.38 -11.82 -40.38
CA THR B 279 15.85 -12.98 -41.12
C THR B 279 17.34 -12.95 -41.41
N GLU B 280 17.93 -11.75 -41.49
CA GLU B 280 19.35 -11.60 -41.76
C GLU B 280 20.21 -11.81 -40.53
N LEU B 281 19.59 -12.02 -39.37
CA LEU B 281 20.31 -12.19 -38.12
C LEU B 281 20.41 -13.67 -37.76
N GLU B 282 21.17 -13.93 -36.70
CA GLU B 282 21.34 -15.29 -36.20
C GLU B 282 20.06 -15.75 -35.50
N PRO B 283 19.92 -17.06 -35.28
CA PRO B 283 18.75 -17.56 -34.53
C PRO B 283 18.77 -17.11 -33.08
N TYR B 284 17.58 -16.93 -32.53
CA TYR B 284 17.44 -16.53 -31.13
C TYR B 284 17.73 -17.71 -30.21
N LEU B 285 18.57 -17.48 -29.22
CA LEU B 285 18.90 -18.52 -28.25
C LEU B 285 18.05 -18.41 -26.98
N HIS B 286 18.19 -17.30 -26.26
CA HIS B 286 17.47 -17.10 -25.01
C HIS B 286 17.74 -15.65 -24.55
N GLY B 287 17.09 -15.28 -23.45
CA GLY B 287 17.36 -14.01 -22.81
C GLY B 287 16.83 -12.82 -23.60
N GLY B 288 17.07 -11.65 -23.03
CA GLY B 288 16.66 -10.38 -23.66
C GLY B 288 15.85 -9.52 -22.71
N ILE B 289 16.18 -8.22 -22.69
CA ILE B 289 15.49 -7.24 -21.88
C ILE B 289 15.14 -6.05 -22.76
N ALA B 290 13.88 -5.62 -22.70
CA ALA B 290 13.39 -4.48 -23.46
C ALA B 290 12.85 -3.43 -22.50
N VAL B 291 13.22 -2.17 -22.73
CA VAL B 291 12.77 -1.05 -21.91
C VAL B 291 12.30 0.06 -22.84
N GLN B 292 11.19 0.70 -22.48
CA GLN B 292 10.63 1.76 -23.32
C GLN B 292 11.54 2.98 -23.32
N VAL B 293 11.54 3.69 -24.44
CA VAL B 293 12.33 4.91 -24.63
C VAL B 293 11.37 6.08 -24.80
N LYS B 294 11.53 7.10 -23.98
CA LYS B 294 10.70 8.29 -24.08
C LYS B 294 11.13 9.14 -25.26
N THR B 295 10.18 9.92 -25.79
CA THR B 295 10.42 10.74 -26.97
C THR B 295 9.94 12.16 -26.71
N PRO B 296 10.73 13.17 -27.04
CA PRO B 296 10.27 14.55 -26.91
C PRO B 296 9.11 14.83 -27.86
N LYS B 297 8.23 15.73 -27.44
CA LYS B 297 7.02 16.04 -28.17
C LYS B 297 6.92 17.54 -28.44
N THR B 298 6.44 17.89 -29.63
CA THR B 298 6.25 19.27 -30.03
C THR B 298 4.76 19.56 -30.15
N VAL B 299 4.31 20.65 -29.51
CA VAL B 299 2.93 21.09 -29.55
C VAL B 299 2.89 22.48 -30.16
N PHE B 300 1.67 23.00 -30.34
CA PHE B 300 1.45 24.29 -30.96
C PHE B 300 0.34 25.03 -30.24
N PHE B 301 0.43 26.36 -30.29
CA PHE B 301 -0.56 27.25 -29.68
C PHE B 301 -1.05 28.25 -30.72
N GLU B 302 -1.82 29.23 -30.27
CA GLU B 302 -2.35 30.27 -31.14
C GLU B 302 -2.42 31.58 -30.37
N SER B 303 -2.67 32.66 -31.12
CA SER B 303 -2.80 33.98 -30.52
C SER B 303 -4.10 34.07 -29.73
N LEU B 304 -4.15 35.04 -28.82
CA LEU B 304 -5.34 35.25 -28.01
C LEU B 304 -6.54 35.61 -28.87
N GLU B 305 -6.34 36.53 -29.83
CA GLU B 305 -7.46 37.00 -30.65
C GLU B 305 -8.05 35.87 -31.48
N ARG B 306 -7.20 35.04 -32.09
CA ARG B 306 -7.69 33.91 -32.87
C ARG B 306 -8.43 32.92 -31.97
N GLN B 307 -7.89 32.64 -30.80
CA GLN B 307 -8.52 31.68 -29.89
C GLN B 307 -9.84 32.20 -29.34
N LEU B 308 -10.06 33.52 -29.35
CA LEU B 308 -11.32 34.05 -28.89
C LEU B 308 -12.49 33.64 -29.78
N LYS B 309 -12.27 33.51 -31.08
CA LYS B 309 -13.31 33.13 -32.01
C LYS B 309 -13.66 31.65 -31.95
N HIS B 310 -12.78 30.82 -31.41
CA HIS B 310 -13.03 29.39 -31.30
C HIS B 310 -12.09 28.81 -30.25
N PRO B 311 -12.35 29.04 -28.97
CA PRO B 311 -11.44 28.54 -27.93
C PRO B 311 -11.35 27.03 -27.93
N LYS B 312 -10.12 26.53 -27.78
CA LYS B 312 -9.88 25.10 -27.62
C LYS B 312 -9.97 24.79 -26.13
N CYS B 313 -11.20 24.61 -25.67
CA CYS B 313 -11.44 24.42 -24.25
C CYS B 313 -11.14 22.98 -23.84
N LEU B 314 -11.13 22.76 -22.53
CA LEU B 314 -10.94 21.44 -21.95
C LEU B 314 -12.17 21.10 -21.11
N ILE B 315 -12.61 19.85 -21.21
CA ILE B 315 -13.83 19.41 -20.53
C ILE B 315 -13.46 18.78 -19.20
N VAL B 316 -14.14 19.21 -18.14
CA VAL B 316 -13.95 18.64 -16.81
C VAL B 316 -15.19 17.92 -16.31
N ASP B 317 -16.37 18.18 -16.88
CA ASP B 317 -17.60 17.48 -16.52
C ASP B 317 -18.24 17.01 -17.82
N PHE B 318 -18.24 15.70 -18.04
CA PHE B 318 -18.83 15.14 -19.26
C PHE B 318 -20.34 15.22 -19.26
N SER B 319 -20.96 15.51 -18.12
CA SER B 319 -22.42 15.59 -18.08
C SER B 319 -22.97 16.70 -18.95
N ASN B 320 -22.31 17.86 -18.97
CA ASN B 320 -22.75 19.02 -19.74
C ASN B 320 -21.58 19.54 -20.57
N PRO B 321 -21.22 18.83 -21.64
CA PRO B 321 -20.10 19.29 -22.48
C PRO B 321 -20.36 20.62 -23.16
N GLU B 322 -21.62 21.02 -23.30
CA GLU B 322 -21.97 22.28 -23.95
C GLU B 322 -21.80 23.49 -23.05
N ALA B 323 -21.69 23.28 -21.74
CA ALA B 323 -21.60 24.41 -20.82
C ALA B 323 -20.38 25.30 -21.05
N PRO B 324 -19.15 24.77 -21.26
CA PRO B 324 -18.00 25.68 -21.38
C PRO B 324 -18.12 26.70 -22.50
N LEU B 325 -18.69 26.32 -23.64
CA LEU B 325 -18.85 27.29 -24.72
C LEU B 325 -19.78 28.42 -24.32
N GLU B 326 -20.89 28.09 -23.67
CA GLU B 326 -21.81 29.12 -23.18
C GLU B 326 -21.15 30.00 -22.13
N ILE B 327 -20.32 29.40 -21.27
CA ILE B 327 -19.63 30.18 -20.24
C ILE B 327 -18.63 31.13 -20.88
N HIS B 328 -17.91 30.67 -21.91
CA HIS B 328 -17.00 31.55 -22.63
C HIS B 328 -17.75 32.70 -23.29
N THR B 329 -18.90 32.41 -23.90
CA THR B 329 -19.71 33.46 -24.49
C THR B 329 -20.16 34.46 -23.44
N ALA B 330 -20.57 33.96 -22.26
CA ALA B 330 -21.00 34.85 -21.19
C ALA B 330 -19.85 35.73 -20.71
N MET B 331 -18.66 35.15 -20.58
CA MET B 331 -17.49 35.94 -20.17
C MET B 331 -17.18 37.02 -21.20
N LEU B 332 -17.25 36.68 -22.48
CA LEU B 332 -16.97 37.67 -23.51
C LEU B 332 -18.02 38.78 -23.49
N ALA B 333 -19.29 38.42 -23.30
CA ALA B 333 -20.33 39.45 -23.19
C ALA B 333 -20.12 40.33 -21.97
N LEU B 334 -19.70 39.73 -20.86
CA LEU B 334 -19.41 40.51 -19.66
C LEU B 334 -18.27 41.49 -19.92
N ASP B 335 -17.24 41.05 -20.61
CA ASP B 335 -16.14 41.94 -20.98
C ASP B 335 -16.64 43.08 -21.86
N GLN B 336 -17.51 42.76 -22.82
CA GLN B 336 -18.05 43.79 -23.69
C GLN B 336 -18.84 44.83 -22.89
N PHE B 337 -19.70 44.37 -21.98
CA PHE B 337 -20.46 45.29 -21.16
C PHE B 337 -19.57 46.14 -20.28
N GLN B 338 -18.55 45.52 -19.67
CA GLN B 338 -17.64 46.26 -18.80
C GLN B 338 -16.89 47.32 -19.58
N GLU B 339 -16.45 46.99 -20.80
CA GLU B 339 -15.78 47.98 -21.64
C GLU B 339 -16.73 49.10 -22.02
N LYS B 340 -17.98 48.76 -22.35
CA LYS B 340 -18.92 49.76 -22.83
C LYS B 340 -19.31 50.74 -21.73
N TYR B 341 -19.67 50.22 -20.55
CA TYR B 341 -20.21 51.05 -19.48
C TYR B 341 -19.18 51.39 -18.41
N SER B 342 -17.95 50.91 -18.54
CA SER B 342 -16.88 51.18 -17.58
C SER B 342 -17.28 50.78 -16.17
N ARG B 343 -18.13 49.75 -16.05
CA ARG B 343 -18.66 49.38 -14.74
C ARG B 343 -19.14 47.94 -14.81
N LYS B 344 -19.25 47.33 -13.63
CA LYS B 344 -19.83 46.00 -13.49
C LYS B 344 -21.34 46.12 -13.29
N PRO B 345 -22.10 45.09 -13.67
CA PRO B 345 -23.55 45.14 -13.48
C PRO B 345 -23.91 45.18 -12.00
N ASN B 346 -25.03 45.83 -11.71
CA ASN B 346 -25.53 45.95 -10.34
C ASN B 346 -26.52 44.84 -10.04
N VAL B 347 -26.47 44.33 -8.80
CA VAL B 347 -27.38 43.27 -8.40
C VAL B 347 -28.79 43.82 -8.27
N GLY B 348 -29.75 43.09 -8.83
CA GLY B 348 -31.12 43.55 -8.89
C GLY B 348 -31.42 44.50 -10.03
N CYS B 349 -30.45 44.77 -10.90
CA CYS B 349 -30.64 45.66 -12.04
C CYS B 349 -30.96 44.80 -13.26
N GLN B 350 -32.25 44.57 -13.49
CA GLN B 350 -32.69 43.68 -14.56
C GLN B 350 -32.31 44.21 -15.94
N GLN B 351 -32.24 45.53 -16.09
CA GLN B 351 -31.82 46.09 -17.38
C GLN B 351 -30.39 45.68 -17.70
N ASP B 352 -29.52 45.62 -16.69
CA ASP B 352 -28.18 45.11 -16.91
C ASP B 352 -28.21 43.66 -17.37
N SER B 353 -29.09 42.86 -16.76
CA SER B 353 -29.19 41.45 -17.14
C SER B 353 -29.63 41.29 -18.59
N GLU B 354 -30.67 42.03 -19.00
CA GLU B 354 -31.14 41.91 -20.37
C GLU B 354 -30.14 42.48 -21.37
N GLU B 355 -29.42 43.54 -20.99
CA GLU B 355 -28.39 44.09 -21.85
C GLU B 355 -27.27 43.08 -22.07
N LEU B 356 -26.85 42.41 -20.98
CA LEU B 356 -25.82 41.38 -21.10
C LEU B 356 -26.32 40.21 -21.93
N LEU B 357 -27.59 39.83 -21.76
CA LEU B 357 -28.16 38.74 -22.54
C LEU B 357 -28.17 39.09 -24.03
N LYS B 358 -28.54 40.32 -24.37
CA LYS B 358 -28.52 40.75 -25.77
C LYS B 358 -27.10 40.76 -26.31
N LEU B 359 -26.14 41.22 -25.51
CA LEU B 359 -24.75 41.19 -25.93
C LEU B 359 -24.29 39.76 -26.21
N ALA B 360 -24.63 38.83 -25.33
CA ALA B 360 -24.25 37.44 -25.52
C ALA B 360 -24.91 36.85 -26.76
N THR B 361 -26.18 37.19 -26.99
CA THR B 361 -26.87 36.73 -28.19
C THR B 361 -26.17 37.23 -29.45
N SER B 362 -25.75 38.50 -29.44
CA SER B 362 -24.99 39.03 -30.56
C SER B 362 -23.67 38.30 -30.72
N ILE B 363 -23.02 37.96 -29.61
CA ILE B 363 -21.72 37.30 -29.66
C ILE B 363 -21.86 35.86 -30.15
N SER B 364 -22.90 35.15 -29.70
CA SER B 364 -22.99 33.71 -29.94
C SER B 364 -23.05 33.41 -31.44
N GLU B 365 -23.85 34.15 -32.19
CA GLU B 365 -23.92 33.93 -33.62
C GLU B 365 -22.59 34.24 -34.29
N THR B 366 -21.85 35.22 -33.77
CA THR B 366 -20.56 35.58 -34.36
C THR B 366 -19.52 34.48 -34.20
N LEU B 367 -19.68 33.60 -33.22
CA LEU B 367 -18.69 32.57 -32.98
C LEU B 367 -18.60 31.60 -34.16
N GLU B 368 -17.43 30.96 -34.29
CA GLU B 368 -17.21 30.02 -35.37
C GLU B 368 -18.20 28.86 -35.29
N GLU B 369 -18.39 28.31 -34.10
CA GLU B 369 -19.34 27.21 -33.92
C GLU B 369 -20.78 27.67 -33.89
N LYS B 370 -21.02 28.96 -33.63
CA LYS B 370 -22.35 29.54 -33.51
C LYS B 370 -23.18 28.76 -32.50
N PRO B 371 -22.83 28.81 -31.22
CA PRO B 371 -23.56 28.04 -30.21
C PRO B 371 -24.86 28.74 -29.82
N ASP B 372 -25.59 28.10 -28.91
CA ASP B 372 -26.80 28.68 -28.37
C ASP B 372 -26.48 29.53 -27.15
N VAL B 373 -27.52 30.01 -26.47
CA VAL B 373 -27.38 30.92 -25.35
C VAL B 373 -28.03 30.29 -24.12
N ASN B 374 -27.30 30.29 -23.01
CA ASN B 374 -27.82 29.81 -21.73
C ASN B 374 -28.28 31.01 -20.91
N ALA B 375 -29.59 31.19 -20.80
CA ALA B 375 -30.13 32.36 -20.12
C ALA B 375 -29.79 32.37 -18.63
N ASP B 376 -29.87 31.20 -17.98
CA ASP B 376 -29.60 31.14 -16.54
C ASP B 376 -28.15 31.49 -16.24
N ILE B 377 -27.22 31.08 -17.10
CA ILE B 377 -25.82 31.43 -16.90
C ILE B 377 -25.65 32.95 -16.91
N VAL B 378 -26.27 33.61 -17.89
CA VAL B 378 -26.18 35.06 -18.00
C VAL B 378 -26.81 35.72 -16.77
N HIS B 379 -27.98 35.23 -16.36
CA HIS B 379 -28.67 35.81 -15.22
C HIS B 379 -27.84 35.70 -13.95
N TRP B 380 -27.26 34.52 -13.72
CA TRP B 380 -26.47 34.33 -12.51
C TRP B 380 -25.19 35.15 -12.55
N LEU B 381 -24.54 35.23 -13.72
CA LEU B 381 -23.33 36.03 -13.84
C LEU B 381 -23.62 37.50 -13.59
N SER B 382 -24.73 38.00 -14.13
CA SER B 382 -25.11 39.39 -13.88
C SER B 382 -25.46 39.61 -12.41
N TRP B 383 -26.09 38.62 -11.79
CA TRP B 383 -26.51 38.76 -10.41
C TRP B 383 -25.32 38.92 -9.47
N THR B 384 -24.26 38.13 -9.68
CA THR B 384 -23.12 38.06 -8.78
C THR B 384 -21.83 38.44 -9.49
N ALA B 385 -21.86 39.53 -10.26
CA ALA B 385 -20.67 39.92 -11.01
C ALA B 385 -19.63 40.58 -10.13
N GLN B 386 -20.03 41.07 -8.95
CA GLN B 386 -19.16 41.88 -8.10
C GLN B 386 -18.66 41.13 -6.87
N GLY B 387 -18.74 39.80 -6.85
CA GLY B 387 -18.28 39.02 -5.72
C GLY B 387 -16.92 38.40 -5.97
N PHE B 388 -16.30 37.97 -4.87
CA PHE B 388 -15.03 37.24 -4.93
C PHE B 388 -15.10 36.04 -4.01
N LEU B 389 -14.61 34.89 -4.49
CA LEU B 389 -14.71 33.63 -3.77
C LEU B 389 -13.32 33.02 -3.62
N SER B 390 -12.98 32.64 -2.38
CA SER B 390 -11.58 32.34 -2.07
C SER B 390 -11.13 30.98 -2.59
N PRO B 391 -11.78 29.85 -2.26
CA PRO B 391 -11.24 28.56 -2.70
C PRO B 391 -11.11 28.42 -4.21
N LEU B 392 -12.04 28.99 -4.98
CA LEU B 392 -11.88 28.99 -6.43
C LEU B 392 -10.62 29.71 -6.83
N ALA B 393 -10.35 30.86 -6.21
CA ALA B 393 -9.11 31.57 -6.46
C ALA B 393 -7.91 30.69 -6.14
N ALA B 394 -7.96 29.97 -5.01
CA ALA B 394 -6.83 29.13 -4.62
C ALA B 394 -6.57 28.03 -5.66
N ALA B 395 -7.63 27.37 -6.11
CA ALA B 395 -7.47 26.32 -7.11
C ALA B 395 -6.91 26.89 -8.42
N VAL B 396 -7.44 28.02 -8.87
CA VAL B 396 -6.95 28.64 -10.09
C VAL B 396 -5.48 29.02 -9.93
N GLY B 397 -5.11 29.56 -8.77
CA GLY B 397 -3.72 29.90 -8.54
C GLY B 397 -2.80 28.71 -8.56
N GLY B 398 -3.23 27.60 -7.95
CA GLY B 398 -2.43 26.39 -7.98
C GLY B 398 -2.22 25.88 -9.39
N VAL B 399 -3.30 25.81 -10.17
CA VAL B 399 -3.16 25.30 -11.53
C VAL B 399 -2.33 26.25 -12.39
N ALA B 400 -2.47 27.56 -12.16
CA ALA B 400 -1.68 28.52 -12.92
C ALA B 400 -0.20 28.39 -12.58
N SER B 401 0.13 28.22 -11.30
CA SER B 401 1.53 28.03 -10.91
C SER B 401 2.08 26.75 -11.53
N GLN B 402 1.28 25.69 -11.56
CA GLN B 402 1.72 24.46 -12.19
C GLN B 402 1.98 24.67 -13.67
N GLU B 403 1.11 25.43 -14.35
CA GLU B 403 1.32 25.68 -15.77
C GLU B 403 2.55 26.54 -15.99
N VAL B 404 2.83 27.46 -15.08
CA VAL B 404 4.07 28.24 -15.15
C VAL B 404 5.27 27.31 -15.01
N LEU B 405 5.18 26.33 -14.12
CA LEU B 405 6.24 25.34 -13.99
C LEU B 405 6.42 24.57 -15.29
N LYS B 406 5.32 24.18 -15.92
CA LYS B 406 5.39 23.51 -17.21
C LYS B 406 6.07 24.39 -18.25
N ALA B 407 5.77 25.68 -18.25
CA ALA B 407 6.38 26.60 -19.19
C ALA B 407 7.89 26.69 -18.96
N VAL B 408 8.30 26.87 -17.70
CA VAL B 408 9.71 27.13 -17.44
C VAL B 408 10.55 25.87 -17.61
N THR B 409 10.00 24.70 -17.32
CA THR B 409 10.79 23.48 -17.39
C THR B 409 10.52 22.64 -18.63
N GLY B 410 9.31 22.69 -19.18
CA GLY B 410 8.96 21.79 -20.27
C GLY B 410 8.89 20.34 -19.88
N LYS B 411 8.80 20.05 -18.58
CA LYS B 411 8.86 18.68 -18.09
C LYS B 411 7.53 17.95 -18.26
N PHE B 412 6.44 18.67 -18.49
CA PHE B 412 5.13 18.06 -18.62
C PHE B 412 4.42 18.59 -19.86
N SER B 413 3.32 17.93 -20.21
CA SER B 413 2.51 18.36 -21.33
C SER B 413 1.68 19.58 -20.94
N PRO B 414 1.80 20.70 -21.64
CA PRO B 414 1.05 21.90 -21.27
C PRO B 414 -0.43 21.76 -21.60
N LEU B 415 -1.24 22.52 -20.87
CA LEU B 415 -2.66 22.60 -21.17
C LEU B 415 -2.88 23.38 -22.47
N CYS B 416 -3.77 22.86 -23.32
CA CYS B 416 -4.17 23.54 -24.54
C CYS B 416 -5.67 23.49 -24.63
N GLN B 417 -6.32 24.66 -24.69
CA GLN B 417 -5.64 25.94 -24.57
C GLN B 417 -6.44 26.87 -23.67
N TRP B 418 -7.56 26.37 -23.16
CA TRP B 418 -8.50 27.15 -22.37
C TRP B 418 -8.96 26.37 -21.14
N LEU B 419 -9.44 27.10 -20.14
CA LEU B 419 -9.98 26.49 -18.93
C LEU B 419 -10.98 27.43 -18.30
N TYR B 420 -12.08 26.86 -17.80
CA TYR B 420 -13.13 27.61 -17.12
C TYR B 420 -13.62 26.79 -15.94
N LEU B 421 -13.36 27.25 -14.73
CA LEU B 421 -13.86 26.62 -13.52
C LEU B 421 -15.01 27.43 -12.95
N GLU B 422 -15.98 26.73 -12.36
CA GLU B 422 -17.19 27.36 -11.88
C GLU B 422 -17.80 26.52 -10.76
N ALA B 423 -18.59 27.18 -9.92
CA ALA B 423 -19.23 26.57 -8.76
C ALA B 423 -20.68 27.01 -8.65
N ALA B 424 -21.40 26.95 -9.77
CA ALA B 424 -22.78 27.43 -9.79
C ALA B 424 -23.70 26.53 -8.98
N ASP B 425 -23.28 25.30 -8.68
CA ASP B 425 -24.14 24.38 -7.95
C ASP B 425 -24.54 24.93 -6.59
N ILE B 426 -23.67 25.72 -5.96
CA ILE B 426 -23.98 26.28 -4.66
C ILE B 426 -25.18 27.23 -4.75
N VAL B 427 -25.17 28.11 -5.75
CA VAL B 427 -26.27 29.07 -5.90
C VAL B 427 -27.49 28.46 -6.58
N GLU B 428 -27.34 27.31 -7.24
CA GLU B 428 -28.48 26.68 -7.88
C GLU B 428 -29.50 26.19 -6.86
N SER B 429 -29.04 25.71 -5.71
CA SER B 429 -29.93 25.19 -4.68
C SER B 429 -30.57 26.29 -3.84
N LEU B 430 -30.28 27.56 -4.14
CA LEU B 430 -30.82 28.67 -3.37
C LEU B 430 -32.25 29.03 -3.74
N GLY B 431 -32.82 28.39 -4.77
CA GLY B 431 -34.14 28.75 -5.23
C GLY B 431 -34.13 30.12 -5.89
N LYS B 432 -34.87 31.06 -5.31
CA LYS B 432 -34.89 32.44 -5.78
C LYS B 432 -34.59 33.37 -4.61
N PRO B 433 -33.32 33.48 -4.22
CA PRO B 433 -32.96 34.41 -3.15
C PRO B 433 -33.06 35.85 -3.63
N GLU B 434 -33.23 36.74 -2.66
CA GLU B 434 -33.41 38.16 -2.95
C GLU B 434 -32.06 38.86 -3.10
N CYS B 435 -32.04 39.92 -3.90
CA CYS B 435 -30.83 40.69 -4.08
C CYS B 435 -30.42 41.43 -2.81
N GLU B 436 -31.35 41.62 -1.87
CA GLU B 436 -31.04 42.34 -0.64
C GLU B 436 -30.06 41.55 0.24
N GLU B 437 -30.17 40.23 0.24
CA GLU B 437 -29.25 39.42 1.04
C GLU B 437 -27.81 39.59 0.57
N PHE B 438 -27.61 39.90 -0.71
CA PHE B 438 -26.28 40.09 -1.25
C PHE B 438 -25.75 41.50 -1.06
N LEU B 439 -26.58 42.43 -0.59
CA LEU B 439 -26.15 43.81 -0.45
C LEU B 439 -25.05 43.91 0.61
N PRO B 440 -24.01 44.69 0.34
CA PRO B 440 -22.92 44.81 1.31
C PRO B 440 -23.37 45.52 2.59
N ARG B 441 -22.72 45.15 3.68
CA ARG B 441 -23.01 45.75 4.98
C ARG B 441 -21.82 46.49 5.58
N GLY B 442 -20.76 46.72 4.82
CA GLY B 442 -19.63 47.48 5.31
C GLY B 442 -18.72 46.69 6.23
N ASP B 443 -18.35 45.49 5.80
CA ASP B 443 -17.48 44.63 6.60
C ASP B 443 -16.46 43.96 5.67
N ARG B 444 -15.50 43.26 6.28
CA ARG B 444 -14.49 42.53 5.52
C ARG B 444 -15.06 41.40 4.69
N TYR B 445 -16.32 40.99 4.95
CA TYR B 445 -16.95 39.88 4.26
C TYR B 445 -17.94 40.34 3.20
N ASP B 446 -17.79 41.56 2.69
CA ASP B 446 -18.74 42.09 1.72
C ASP B 446 -18.73 41.29 0.43
N ALA B 447 -17.54 40.89 -0.03
CA ALA B 447 -17.46 40.11 -1.27
C ALA B 447 -18.17 38.78 -1.13
N LEU B 448 -17.98 38.11 0.01
CA LEU B 448 -18.62 36.81 0.20
C LEU B 448 -20.13 36.95 0.30
N ARG B 449 -20.62 38.04 0.89
CA ARG B 449 -22.05 38.28 0.94
C ARG B 449 -22.59 38.59 -0.45
N ALA B 450 -21.82 39.33 -1.26
CA ALA B 450 -22.23 39.54 -2.65
C ALA B 450 -22.23 38.23 -3.42
N CYS B 451 -21.39 37.28 -3.02
CA CYS B 451 -21.37 35.98 -3.68
C CYS B 451 -22.57 35.13 -3.30
N ILE B 452 -22.73 34.85 -2.01
CA ILE B 452 -23.71 33.87 -1.55
C ILE B 452 -24.80 34.48 -0.69
N GLY B 453 -24.57 35.63 -0.08
CA GLY B 453 -25.56 36.24 0.80
C GLY B 453 -25.17 36.13 2.26
N ASP B 454 -25.89 36.89 3.08
CA ASP B 454 -25.55 36.99 4.50
C ASP B 454 -25.99 35.75 5.26
N THR B 455 -27.10 35.12 4.85
CA THR B 455 -27.65 34.01 5.61
C THR B 455 -26.67 32.83 5.66
N LEU B 456 -26.09 32.50 4.51
CA LEU B 456 -25.12 31.40 4.48
C LEU B 456 -23.87 31.74 5.27
N CYS B 457 -23.47 33.01 5.27
CA CYS B 457 -22.37 33.43 6.13
C CYS B 457 -22.71 33.23 7.59
N GLN B 458 -23.94 33.57 7.98
CA GLN B 458 -24.37 33.38 9.36
C GLN B 458 -24.34 31.90 9.74
N LYS B 459 -24.84 31.04 8.87
CA LYS B 459 -24.74 29.61 9.11
C LYS B 459 -23.28 29.17 9.15
N LEU B 460 -22.42 29.86 8.40
CA LEU B 460 -21.01 29.51 8.35
C LEU B 460 -20.30 29.84 9.67
N GLN B 461 -20.67 30.94 10.31
CA GLN B 461 -20.00 31.37 11.53
C GLN B 461 -20.34 30.51 12.74
N ASN B 462 -21.28 29.58 12.62
CA ASN B 462 -21.74 28.79 13.75
C ASN B 462 -21.33 27.34 13.67
N LEU B 463 -20.45 26.99 12.75
CA LEU B 463 -20.11 25.58 12.53
C LEU B 463 -19.03 25.12 13.50
N ASN B 464 -19.21 23.92 14.04
CA ASN B 464 -18.25 23.28 14.92
C ASN B 464 -17.59 22.15 14.14
N ILE B 465 -16.42 22.42 13.58
CA ILE B 465 -15.71 21.48 12.73
C ILE B 465 -14.53 20.90 13.50
N PHE B 466 -14.23 19.63 13.24
CA PHE B 466 -13.08 18.95 13.82
C PHE B 466 -12.10 18.60 12.71
N LEU B 467 -10.82 18.82 12.99
CA LEU B 467 -9.74 18.55 12.04
C LEU B 467 -8.75 17.59 12.65
N VAL B 468 -8.35 16.58 11.89
CA VAL B 468 -7.34 15.62 12.30
C VAL B 468 -6.16 15.74 11.35
N GLY B 469 -4.95 15.71 11.91
CA GLY B 469 -3.76 15.86 11.09
C GLY B 469 -3.46 17.31 10.78
N CYS B 470 -2.17 17.67 10.79
CA CYS B 470 -1.76 19.05 10.55
C CYS B 470 -0.59 19.08 9.57
N GLY B 471 -0.72 18.34 8.47
CA GLY B 471 0.29 18.33 7.42
C GLY B 471 0.26 19.60 6.61
N ALA B 472 0.79 19.52 5.39
CA ALA B 472 0.77 20.67 4.50
C ALA B 472 -0.67 21.08 4.18
N ILE B 473 -1.57 20.11 4.11
CA ILE B 473 -2.97 20.41 3.82
C ILE B 473 -3.59 21.23 4.94
N GLY B 474 -3.29 20.89 6.19
CA GLY B 474 -3.93 21.55 7.31
C GLY B 474 -3.63 23.04 7.37
N CYS B 475 -2.41 23.43 6.97
CA CYS B 475 -2.05 24.84 6.99
C CYS B 475 -2.95 25.65 6.08
N GLU B 476 -3.13 25.19 4.85
CA GLU B 476 -3.98 25.92 3.92
C GLU B 476 -5.47 25.73 4.24
N MET B 477 -5.83 24.60 4.88
CA MET B 477 -7.12 24.55 5.55
C MET B 477 -7.32 25.78 6.42
N LEU B 478 -6.45 25.94 7.42
CA LEU B 478 -6.61 27.03 8.37
C LEU B 478 -6.61 28.38 7.68
N LYS B 479 -5.75 28.55 6.66
CA LYS B 479 -5.72 29.81 5.94
C LYS B 479 -7.06 30.08 5.26
N ASN B 480 -7.62 29.08 4.58
CA ASN B 480 -8.90 29.25 3.92
C ASN B 480 -10.00 29.54 4.92
N PHE B 481 -10.01 28.82 6.05
CA PHE B 481 -11.03 29.06 7.06
C PHE B 481 -10.93 30.46 7.63
N ALA B 482 -9.70 30.95 7.84
CA ALA B 482 -9.54 32.33 8.28
C ALA B 482 -10.07 33.30 7.25
N LEU B 483 -9.80 33.02 5.96
CA LEU B 483 -10.34 33.87 4.90
C LEU B 483 -11.87 33.86 4.91
N LEU B 484 -12.47 32.72 5.27
CA LEU B 484 -13.91 32.61 5.33
C LEU B 484 -14.50 33.12 6.64
N GLY B 485 -13.66 33.37 7.64
CA GLY B 485 -14.16 33.84 8.93
C GLY B 485 -15.09 32.83 9.57
N VAL B 486 -14.72 31.55 9.52
CA VAL B 486 -15.56 30.49 10.08
C VAL B 486 -15.48 30.55 11.60
N GLY B 487 -16.60 30.21 12.24
CA GLY B 487 -16.61 30.11 13.69
C GLY B 487 -16.35 31.41 14.42
N THR B 488 -16.39 32.54 13.72
CA THR B 488 -16.17 33.83 14.36
C THR B 488 -17.32 34.27 15.24
N SER B 489 -18.51 33.69 15.05
CA SER B 489 -19.63 33.97 15.94
C SER B 489 -19.26 33.59 17.36
N LYS B 490 -19.53 34.49 18.31
CA LYS B 490 -19.10 34.27 19.69
C LYS B 490 -19.87 33.11 20.32
N GLU B 491 -21.16 32.99 20.01
CA GLU B 491 -21.99 31.99 20.68
C GLU B 491 -21.64 30.58 20.21
N LYS B 492 -21.40 30.41 18.90
CA LYS B 492 -21.13 29.08 18.36
C LYS B 492 -20.11 29.20 17.25
N GLY B 493 -19.44 28.08 16.98
CA GLY B 493 -18.41 28.03 15.96
C GLY B 493 -17.05 27.71 16.56
N MET B 494 -16.56 26.50 16.33
CA MET B 494 -15.33 26.07 16.98
C MET B 494 -14.54 25.18 16.04
N ILE B 495 -13.22 25.28 16.14
CA ILE B 495 -12.30 24.50 15.33
C ILE B 495 -11.33 23.78 16.25
N THR B 496 -11.10 22.50 16.00
CA THR B 496 -10.19 21.70 16.80
C THR B 496 -9.21 20.99 15.89
N VAL B 497 -7.94 20.93 16.30
CA VAL B 497 -6.89 20.27 15.55
C VAL B 497 -6.03 19.48 16.53
N THR B 498 -5.68 18.24 16.15
CA THR B 498 -4.83 17.39 16.96
C THR B 498 -3.72 16.81 16.09
N ASP B 499 -2.48 16.92 16.57
CA ASP B 499 -1.35 16.31 15.88
C ASP B 499 -0.18 16.15 16.84
N PRO B 500 0.33 14.93 17.03
CA PRO B 500 1.52 14.74 17.87
C PRO B 500 2.82 15.11 17.18
N ASP B 501 2.81 15.34 15.87
CA ASP B 501 4.03 15.60 15.13
C ASP B 501 4.64 16.95 15.52
N LEU B 502 5.95 17.05 15.35
CA LEU B 502 6.69 18.28 15.57
C LEU B 502 7.09 18.89 14.23
N ILE B 503 7.76 20.03 14.31
CA ILE B 503 8.14 20.77 13.11
C ILE B 503 9.53 20.34 12.67
N GLU B 504 9.69 20.09 11.37
CA GLU B 504 10.93 19.60 10.81
C GLU B 504 11.37 20.51 9.65
N LYS B 505 12.67 20.46 9.36
CA LYS B 505 13.24 21.30 8.31
C LYS B 505 12.54 21.09 6.98
N SER B 506 12.36 19.82 6.59
CA SER B 506 11.73 19.53 5.30
C SER B 506 10.26 19.96 5.27
N ASN B 507 9.62 20.07 6.43
CA ASN B 507 8.21 20.46 6.46
C ASN B 507 8.01 21.90 6.01
N LEU B 508 9.00 22.78 6.22
CA LEU B 508 8.86 24.17 5.82
C LEU B 508 8.68 24.34 4.32
N ASN B 509 9.17 23.38 3.52
CA ASN B 509 9.02 23.48 2.08
C ASN B 509 7.56 23.51 1.66
N ARG B 510 6.75 22.64 2.25
CA ARG B 510 5.33 22.56 1.93
C ARG B 510 4.46 23.38 2.86
N GLN B 511 4.90 23.57 4.10
CA GLN B 511 4.10 24.22 5.13
C GLN B 511 4.58 25.65 5.31
N PHE B 512 3.86 26.60 4.71
CA PHE B 512 4.20 28.01 4.82
C PHE B 512 3.83 28.62 6.16
N LEU B 513 2.98 27.96 6.94
CA LEU B 513 2.59 28.48 8.25
C LEU B 513 3.74 28.48 9.25
N PHE B 514 4.83 27.79 8.95
CA PHE B 514 5.91 27.58 9.90
C PHE B 514 7.22 28.18 9.39
N ARG B 515 8.04 28.61 10.33
CA ARG B 515 9.25 29.37 10.06
C ARG B 515 10.47 28.57 10.51
N PRO B 516 11.66 28.91 10.01
CA PRO B 516 12.86 28.17 10.40
C PRO B 516 13.16 28.23 11.90
N HIS B 517 12.64 29.22 12.60
CA HIS B 517 12.81 29.31 14.04
C HIS B 517 11.75 28.53 14.82
N HIS B 518 10.88 27.79 14.11
CA HIS B 518 9.85 26.99 14.74
C HIS B 518 10.21 25.51 14.80
N ILE B 519 11.47 25.15 14.50
CA ILE B 519 11.85 23.75 14.42
C ILE B 519 11.69 23.09 15.78
N GLN B 520 11.23 21.84 15.76
CA GLN B 520 11.02 21.04 16.97
C GLN B 520 9.99 21.69 17.89
N LYS B 521 8.82 21.98 17.34
CA LYS B 521 7.71 22.55 18.07
C LYS B 521 6.43 21.86 17.63
N PRO B 522 5.40 21.83 18.48
CA PRO B 522 4.13 21.22 18.08
C PRO B 522 3.56 21.90 16.84
N LYS B 523 3.11 21.09 15.89
CA LYS B 523 2.51 21.64 14.68
C LYS B 523 1.24 22.42 14.99
N SER B 524 0.40 21.87 15.86
CA SER B 524 -0.90 22.48 16.13
C SER B 524 -0.74 23.86 16.76
N TYR B 525 0.12 23.97 17.78
CA TYR B 525 0.27 25.24 18.47
C TYR B 525 0.86 26.30 17.56
N THR B 526 1.92 25.95 16.82
CA THR B 526 2.56 26.92 15.93
C THR B 526 1.60 27.35 14.83
N ALA B 527 0.85 26.40 14.27
CA ALA B 527 -0.12 26.74 13.24
C ALA B 527 -1.19 27.68 13.77
N ALA B 528 -1.69 27.41 14.99
CA ALA B 528 -2.69 28.28 15.58
C ALA B 528 -2.14 29.68 15.81
N ASP B 529 -0.91 29.78 16.30
CA ASP B 529 -0.31 31.08 16.53
C ASP B 529 -0.13 31.85 15.22
N ALA B 530 0.30 31.15 14.16
CA ALA B 530 0.48 31.81 12.87
C ALA B 530 -0.86 32.27 12.31
N THR B 531 -1.90 31.45 12.44
CA THR B 531 -3.18 31.77 11.81
C THR B 531 -3.93 32.87 12.55
N LEU B 532 -3.85 32.88 13.88
CA LEU B 532 -4.63 33.85 14.65
C LEU B 532 -4.22 35.29 14.33
N LYS B 533 -3.05 35.49 13.74
CA LYS B 533 -2.62 36.82 13.34
C LYS B 533 -3.56 37.42 12.32
N ILE B 534 -3.99 36.62 11.34
CA ILE B 534 -4.81 37.15 10.25
C ILE B 534 -6.16 37.62 10.77
N ASN B 535 -6.82 36.80 11.59
CA ASN B 535 -8.13 37.14 12.14
C ASN B 535 -8.11 36.90 13.65
N SER B 536 -8.48 37.92 14.41
CA SER B 536 -8.50 37.81 15.87
C SER B 536 -9.73 37.07 16.38
N GLN B 537 -10.76 36.92 15.56
CA GLN B 537 -12.02 36.32 16.00
C GLN B 537 -12.01 34.80 15.95
N ILE B 538 -10.89 34.19 15.54
CA ILE B 538 -10.85 32.74 15.37
C ILE B 538 -10.83 32.06 16.73
N LYS B 539 -11.71 31.07 16.91
CA LYS B 539 -11.76 30.24 18.11
C LYS B 539 -11.21 28.87 17.75
N ILE B 540 -10.00 28.58 18.21
CA ILE B 540 -9.25 27.41 17.79
C ILE B 540 -8.74 26.65 19.01
N ASP B 541 -8.88 25.33 18.97
CA ASP B 541 -8.31 24.44 19.98
C ASP B 541 -7.23 23.59 19.31
N ALA B 542 -6.05 23.57 19.90
CA ALA B 542 -4.90 22.84 19.37
C ALA B 542 -4.44 21.80 20.38
N HIS B 543 -4.19 20.58 19.89
CA HIS B 543 -3.80 19.46 20.72
C HIS B 543 -2.65 18.71 20.07
N LEU B 544 -1.94 17.94 20.89
CA LEU B 544 -0.85 17.08 20.45
C LEU B 544 -1.25 15.61 20.40
N ASN B 545 -2.55 15.32 20.37
CA ASN B 545 -3.00 13.94 20.45
C ASN B 545 -2.95 13.28 19.07
N LYS B 546 -2.70 11.97 19.09
CA LYS B 546 -2.79 11.14 17.89
C LYS B 546 -4.06 10.31 17.97
N VAL B 547 -4.91 10.43 16.96
CA VAL B 547 -6.17 9.69 16.94
C VAL B 547 -5.88 8.20 16.82
N CYS B 548 -6.53 7.40 17.66
CA CYS B 548 -6.30 5.97 17.72
C CYS B 548 -7.31 5.38 18.70
N PRO B 549 -7.55 4.07 18.65
CA PRO B 549 -8.50 3.46 19.60
C PRO B 549 -8.12 3.67 21.06
N THR B 550 -6.83 3.73 21.38
CA THR B 550 -6.44 3.89 22.77
C THR B 550 -6.81 5.27 23.30
N THR B 551 -6.72 6.29 22.45
CA THR B 551 -7.07 7.64 22.84
C THR B 551 -8.56 7.93 22.66
N GLU B 552 -9.35 6.94 22.26
CA GLU B 552 -10.77 7.15 22.02
C GLU B 552 -11.49 7.61 23.29
N THR B 553 -10.90 7.38 24.47
CA THR B 553 -11.56 7.75 25.72
C THR B 553 -11.84 9.25 25.79
N ILE B 554 -10.86 10.08 25.37
CA ILE B 554 -11.10 11.51 25.36
C ILE B 554 -12.09 11.87 24.26
N TYR B 555 -12.09 11.12 23.17
CA TYR B 555 -12.98 11.39 22.04
C TYR B 555 -14.23 10.52 22.15
N ASN B 556 -15.09 10.90 23.09
CA ASN B 556 -16.33 10.18 23.29
C ASN B 556 -17.36 10.60 22.24
N ASP B 557 -18.39 9.76 22.08
CA ASP B 557 -19.41 10.02 21.06
C ASP B 557 -20.16 11.31 21.34
N GLU B 558 -20.23 11.75 22.60
CA GLU B 558 -20.83 13.05 22.89
C GLU B 558 -20.05 14.16 22.22
N PHE B 559 -18.72 14.07 22.24
CA PHE B 559 -17.88 15.03 21.53
C PHE B 559 -18.14 14.98 20.03
N TYR B 560 -18.26 13.78 19.47
CA TYR B 560 -18.54 13.66 18.04
C TYR B 560 -19.87 14.32 17.68
N THR B 561 -20.92 14.00 18.43
CA THR B 561 -22.23 14.58 18.17
C THR B 561 -22.20 16.10 18.36
N LYS B 562 -21.37 16.56 19.29
CA LYS B 562 -21.18 18.00 19.45
C LYS B 562 -20.64 18.63 18.18
N GLN B 563 -19.69 17.96 17.53
CA GLN B 563 -19.18 18.43 16.26
C GLN B 563 -20.24 18.26 15.18
N ASP B 564 -20.09 19.04 14.11
CA ASP B 564 -21.03 19.02 12.99
C ASP B 564 -20.45 18.46 11.71
N VAL B 565 -19.16 18.66 11.47
CA VAL B 565 -18.50 18.14 10.27
C VAL B 565 -17.03 17.92 10.61
N ILE B 566 -16.43 16.91 9.98
CA ILE B 566 -15.06 16.51 10.25
C ILE B 566 -14.28 16.52 8.95
N ILE B 567 -13.06 17.05 9.00
CA ILE B 567 -12.16 17.10 7.86
C ILE B 567 -10.91 16.29 8.19
N THR B 568 -10.41 15.55 7.21
CA THR B 568 -9.28 14.66 7.40
C THR B 568 -8.04 15.21 6.69
N ALA B 569 -6.90 15.06 7.34
CA ALA B 569 -5.59 15.37 6.77
C ALA B 569 -4.63 14.23 7.05
N LEU B 570 -5.16 13.03 7.22
CA LEU B 570 -4.37 11.87 7.59
C LEU B 570 -3.52 11.41 6.40
N ASP B 571 -2.44 10.70 6.70
CA ASP B 571 -1.56 10.16 5.68
C ASP B 571 -1.59 8.64 5.61
N ASN B 572 -2.33 7.97 6.50
CA ASN B 572 -2.37 6.52 6.55
C ASN B 572 -3.82 6.06 6.50
N VAL B 573 -4.04 4.92 5.83
CA VAL B 573 -5.40 4.43 5.61
C VAL B 573 -6.01 3.78 6.85
N GLU B 574 -5.18 3.28 7.77
CA GLU B 574 -5.73 2.64 8.97
C GLU B 574 -6.46 3.65 9.83
N ALA B 575 -5.84 4.80 10.09
CA ALA B 575 -6.52 5.86 10.82
C ALA B 575 -7.72 6.37 10.04
N ARG B 576 -7.63 6.36 8.71
CA ARG B 576 -8.78 6.76 7.90
C ARG B 576 -9.97 5.84 8.14
N ARG B 577 -9.72 4.53 8.13
CA ARG B 577 -10.80 3.57 8.37
C ARG B 577 -11.34 3.70 9.79
N TYR B 578 -10.45 3.91 10.76
CA TYR B 578 -10.91 4.08 12.13
C TYR B 578 -11.78 5.32 12.27
N VAL B 579 -11.39 6.43 11.63
CA VAL B 579 -12.17 7.64 11.71
C VAL B 579 -13.50 7.46 10.98
N ASP B 580 -13.50 6.70 9.88
CA ASP B 580 -14.75 6.39 9.20
C ASP B 580 -15.70 5.64 10.12
N SER B 581 -15.19 4.61 10.80
CA SER B 581 -16.04 3.84 11.71
C SER B 581 -16.51 4.71 12.87
N ARG B 582 -15.67 5.65 13.31
CA ARG B 582 -16.08 6.56 14.38
C ARG B 582 -17.23 7.46 13.92
N CYS B 583 -17.06 8.10 12.76
CA CYS B 583 -18.08 9.02 12.27
C CYS B 583 -19.38 8.32 11.95
N LEU B 584 -19.30 7.11 11.37
CA LEU B 584 -20.50 6.36 11.07
C LEU B 584 -21.27 6.04 12.35
N ALA B 585 -20.58 5.86 13.46
CA ALA B 585 -21.23 5.64 14.74
C ALA B 585 -22.01 6.86 15.21
N ASN B 586 -21.79 8.02 14.60
CA ASN B 586 -22.50 9.24 14.97
C ASN B 586 -23.30 9.85 13.83
N LEU B 587 -23.30 9.22 12.65
CA LEU B 587 -23.99 9.74 11.47
C LEU B 587 -23.57 11.17 11.18
N ARG B 588 -22.26 11.36 11.05
CA ARG B 588 -21.68 12.68 10.91
C ARG B 588 -21.07 12.87 9.53
N PRO B 589 -21.23 14.05 8.93
CA PRO B 589 -20.59 14.32 7.65
C PRO B 589 -19.07 14.29 7.77
N LEU B 590 -18.42 13.83 6.71
CA LEU B 590 -16.97 13.69 6.69
C LEU B 590 -16.43 14.03 5.30
N LEU B 591 -15.24 14.61 5.26
CA LEU B 591 -14.58 14.93 4.01
C LEU B 591 -13.17 14.33 4.04
N ASP B 592 -12.76 13.73 2.93
CA ASP B 592 -11.46 13.09 2.82
C ASP B 592 -10.82 13.43 1.48
N SER B 593 -9.49 13.55 1.50
CA SER B 593 -8.73 13.79 0.29
C SER B 593 -7.33 13.20 0.45
N GLY B 594 -6.69 12.96 -0.69
CA GLY B 594 -5.34 12.44 -0.70
C GLY B 594 -4.59 12.81 -1.96
N THR B 595 -3.27 12.99 -1.85
CA THR B 595 -2.45 13.44 -2.98
C THR B 595 -1.10 12.74 -2.95
N MET B 596 -0.67 12.27 -4.11
CA MET B 596 0.74 11.91 -4.33
C MET B 596 1.21 12.64 -5.58
N GLY B 597 2.26 13.45 -5.44
CA GLY B 597 2.82 14.11 -6.61
C GLY B 597 1.79 14.96 -7.33
N THR B 598 1.64 14.71 -8.62
CA THR B 598 0.77 15.51 -9.48
C THR B 598 -0.66 14.99 -9.51
N LYS B 599 -1.01 14.06 -8.62
CA LYS B 599 -2.35 13.47 -8.60
C LYS B 599 -3.01 13.73 -7.26
N GLY B 600 -4.32 13.90 -7.30
CA GLY B 600 -5.09 14.16 -6.09
C GLY B 600 -6.54 13.76 -6.26
N HIS B 601 -7.17 13.47 -5.14
CA HIS B 601 -8.56 13.02 -5.13
C HIS B 601 -9.29 13.64 -3.95
N THR B 602 -10.60 13.84 -4.12
CA THR B 602 -11.46 14.33 -3.05
C THR B 602 -12.71 13.47 -3.00
N GLU B 603 -13.22 13.27 -1.78
CA GLU B 603 -14.39 12.44 -1.58
C GLU B 603 -15.30 13.10 -0.55
N VAL B 604 -16.60 12.91 -0.73
CA VAL B 604 -17.63 13.47 0.13
C VAL B 604 -18.56 12.36 0.57
N ILE B 605 -18.93 12.36 1.86
CA ILE B 605 -19.90 11.42 2.40
C ILE B 605 -20.96 12.19 3.17
N VAL B 606 -22.22 11.79 2.99
CA VAL B 606 -23.34 12.45 3.66
C VAL B 606 -24.18 11.38 4.35
N PRO B 607 -24.63 11.61 5.59
CA PRO B 607 -25.50 10.64 6.24
C PRO B 607 -26.75 10.36 5.42
N HIS B 608 -27.09 9.08 5.32
CA HIS B 608 -28.29 8.58 4.66
C HIS B 608 -28.32 8.86 3.16
N LEU B 609 -27.19 9.20 2.55
CA LEU B 609 -27.19 9.48 1.13
C LEU B 609 -26.16 8.67 0.34
N THR B 610 -24.99 8.41 0.91
CA THR B 610 -23.88 7.82 0.17
C THR B 610 -23.34 6.61 0.90
N GLU B 611 -22.29 6.03 0.32
CA GLU B 611 -21.62 4.88 0.90
C GLU B 611 -20.45 5.32 1.78
N SER B 612 -19.90 4.37 2.53
CA SER B 612 -18.80 4.64 3.43
C SER B 612 -17.47 4.64 2.67
N TYR B 613 -16.44 5.16 3.34
CA TYR B 613 -15.09 5.09 2.80
C TYR B 613 -14.64 3.65 2.64
N ASN B 614 -15.05 2.78 3.57
CA ASN B 614 -14.70 1.38 3.52
C ASN B 614 -15.51 0.61 2.48
N SER B 615 -16.47 1.25 1.82
CA SER B 615 -17.22 0.58 0.77
C SER B 615 -16.38 0.24 -0.45
N HIS B 616 -15.16 0.79 -0.53
CA HIS B 616 -14.25 0.50 -1.63
C HIS B 616 -12.93 0.02 -1.06
N ARG B 617 -12.22 -0.78 -1.86
CA ARG B 617 -10.95 -1.36 -1.47
C ARG B 617 -9.79 -0.50 -1.96
N ASP B 618 -8.62 -0.73 -1.36
CA ASP B 618 -7.40 -0.08 -1.79
C ASP B 618 -6.32 -1.12 -2.07
N PRO B 619 -5.59 -0.98 -3.16
CA PRO B 619 -4.53 -1.94 -3.49
C PRO B 619 -3.31 -1.72 -2.60
N PRO B 620 -2.97 -2.68 -1.76
CA PRO B 620 -1.76 -2.56 -0.94
C PRO B 620 -0.53 -2.93 -1.76
N GLU B 621 0.63 -2.64 -1.17
CA GLU B 621 1.89 -3.00 -1.80
C GLU B 621 1.99 -4.52 -1.94
N GLU B 622 2.41 -4.98 -3.11
CA GLU B 622 2.44 -6.41 -3.39
C GLU B 622 3.51 -7.09 -2.56
N GLU B 623 3.34 -8.40 -2.37
CA GLU B 623 4.27 -9.20 -1.60
C GLU B 623 5.33 -9.79 -2.50
N ILE B 624 6.53 -9.98 -1.93
CA ILE B 624 7.67 -10.57 -2.69
C ILE B 624 8.15 -11.83 -1.97
N PRO B 625 8.12 -13.02 -2.61
CA PRO B 625 8.62 -14.23 -1.97
C PRO B 625 10.13 -14.18 -1.81
N PHE B 626 10.61 -14.66 -0.68
CA PHE B 626 12.08 -14.70 -0.46
C PHE B 626 12.69 -15.45 -1.60
N SER B 627 11.93 -16.38 -2.15
CA SER B 627 12.40 -17.17 -3.30
C SER B 627 12.99 -16.16 -4.31
N THR B 628 12.38 -14.97 -4.42
CA THR B 628 13.04 -13.75 -4.92
C THR B 628 13.95 -13.11 -3.86
N LEU B 629 13.36 -12.52 -2.82
CA LEU B 629 14.03 -11.56 -1.94
C LEU B 629 15.36 -12.10 -1.40
N LYS B 630 15.33 -13.28 -0.79
CA LYS B 630 16.53 -13.80 -0.14
C LYS B 630 17.53 -14.36 -1.14
N SER B 631 17.05 -14.97 -2.22
CA SER B 631 17.92 -15.84 -3.01
C SER B 631 18.05 -15.42 -4.46
N PHE B 632 16.97 -14.92 -5.07
CA PHE B 632 16.96 -14.63 -6.51
C PHE B 632 16.46 -13.21 -6.75
N PRO B 633 17.30 -12.22 -6.46
CA PRO B 633 16.93 -10.84 -6.77
C PRO B 633 16.93 -10.59 -8.27
N ALA B 634 16.09 -9.66 -8.69
CA ALA B 634 16.02 -9.28 -10.10
C ALA B 634 15.93 -7.76 -10.28
N ALA B 635 15.86 -6.98 -9.21
CA ALA B 635 15.75 -5.54 -9.31
C ALA B 635 16.40 -4.90 -8.09
N ILE B 636 16.76 -3.62 -8.25
CA ILE B 636 17.47 -2.90 -7.19
C ILE B 636 16.61 -2.78 -5.94
N GLU B 637 15.29 -2.71 -6.10
CA GLU B 637 14.41 -2.60 -4.95
C GLU B 637 14.50 -3.84 -4.08
N HIS B 638 14.72 -5.00 -4.69
CA HIS B 638 14.88 -6.22 -3.90
C HIS B 638 16.11 -6.14 -3.00
N THR B 639 17.24 -5.68 -3.56
CA THR B 639 18.45 -5.54 -2.74
C THR B 639 18.25 -4.48 -1.66
N ILE B 640 17.55 -3.40 -2.01
CA ILE B 640 17.27 -2.36 -1.02
C ILE B 640 16.47 -2.94 0.14
N GLN B 641 15.42 -3.68 -0.18
CA GLN B 641 14.59 -4.27 0.87
C GLN B 641 15.37 -5.28 1.70
N TRP B 642 16.19 -6.10 1.05
CA TRP B 642 16.97 -7.08 1.78
C TRP B 642 17.94 -6.41 2.74
N ALA B 643 18.62 -5.35 2.27
CA ALA B 643 19.53 -4.62 3.15
C ALA B 643 18.79 -3.99 4.31
N ARG B 644 17.61 -3.43 4.05
CA ARG B 644 16.82 -2.82 5.12
C ARG B 644 16.44 -3.85 6.16
N ASP B 645 15.98 -5.02 5.72
CA ASP B 645 15.57 -6.07 6.65
C ASP B 645 16.76 -6.61 7.44
N LYS B 646 17.91 -6.78 6.78
CA LYS B 646 19.10 -7.24 7.49
C LYS B 646 19.51 -6.22 8.55
N PHE B 647 19.50 -4.94 8.21
CA PHE B 647 19.78 -3.89 9.18
C PHE B 647 18.81 -3.98 10.36
N GLU B 648 17.52 -4.11 10.07
CA GLU B 648 16.51 -4.14 11.12
C GLU B 648 16.75 -5.32 12.06
N SER B 649 16.91 -6.51 11.49
CA SER B 649 17.12 -7.69 12.32
C SER B 649 18.40 -7.59 13.15
N SER B 650 19.48 -7.11 12.52
CA SER B 650 20.76 -7.09 13.20
C SER B 650 20.78 -6.08 14.35
N PHE B 651 20.28 -4.86 14.11
CA PHE B 651 20.48 -3.79 15.06
C PHE B 651 19.26 -3.46 15.91
N SER B 652 18.11 -4.07 15.63
CA SER B 652 16.92 -3.86 16.45
C SER B 652 16.44 -5.14 17.12
N HIS B 653 16.20 -6.19 16.34
CA HIS B 653 15.66 -7.42 16.90
C HIS B 653 16.67 -8.10 17.83
N LYS B 654 17.89 -8.29 17.35
CA LYS B 654 18.89 -9.05 18.10
C LYS B 654 19.25 -8.40 19.44
N PRO B 655 19.57 -7.10 19.51
CA PRO B 655 19.87 -6.53 20.83
C PRO B 655 18.71 -6.62 21.80
N SER B 656 17.48 -6.43 21.31
CA SER B 656 16.31 -6.54 22.18
C SER B 656 16.17 -7.96 22.71
N LEU B 657 16.36 -8.96 21.84
CA LEU B 657 16.29 -10.34 22.29
C LEU B 657 17.37 -10.63 23.33
N PHE B 658 18.58 -10.14 23.10
CA PHE B 658 19.68 -10.38 24.03
C PHE B 658 19.36 -9.78 25.40
N ASN B 659 18.92 -8.53 25.41
CA ASN B 659 18.64 -7.85 26.68
C ASN B 659 17.45 -8.48 27.39
N LYS B 660 16.43 -8.90 26.64
CA LYS B 660 15.31 -9.60 27.25
C LYS B 660 15.76 -10.92 27.88
N PHE B 661 16.60 -11.67 27.16
CA PHE B 661 17.10 -12.93 27.69
C PHE B 661 17.90 -12.71 28.97
N TRP B 662 18.74 -11.68 28.99
CA TRP B 662 19.61 -11.48 30.15
C TRP B 662 18.95 -10.70 31.27
N GLN B 663 17.76 -10.14 31.04
CA GLN B 663 16.97 -9.62 32.15
C GLN B 663 16.04 -10.70 32.71
N THR B 664 15.64 -11.68 31.89
CA THR B 664 14.89 -12.80 32.40
C THR B 664 15.72 -13.64 33.37
N TYR B 665 16.98 -13.88 33.04
CA TYR B 665 17.89 -14.65 33.88
C TYR B 665 18.94 -13.72 34.47
N SER B 666 18.99 -13.66 35.80
CA SER B 666 19.89 -12.74 36.48
C SER B 666 21.34 -13.21 36.37
N SER B 667 21.59 -14.49 36.62
CA SER B 667 22.94 -15.01 36.75
C SER B 667 23.30 -15.92 35.58
N ALA B 668 24.52 -15.73 35.06
CA ALA B 668 25.01 -16.58 33.99
C ALA B 668 25.43 -17.95 34.50
N GLU B 669 25.93 -18.03 35.73
CA GLU B 669 26.22 -19.34 36.32
C GLU B 669 24.94 -20.14 36.52
N GLU B 670 23.85 -19.46 36.85
CA GLU B 670 22.55 -20.11 36.89
C GLU B 670 22.20 -20.72 35.54
N VAL B 671 22.41 -19.95 34.47
CA VAL B 671 22.14 -20.45 33.13
C VAL B 671 23.03 -21.64 32.80
N LEU B 672 24.30 -21.56 33.18
CA LEU B 672 25.22 -22.67 32.94
C LEU B 672 24.75 -23.93 33.66
N GLN B 673 24.33 -23.79 34.92
CA GLN B 673 23.83 -24.93 35.67
C GLN B 673 22.57 -25.50 35.02
N LYS B 674 21.66 -24.64 34.57
CA LYS B 674 20.43 -25.11 33.95
C LYS B 674 20.72 -25.86 32.66
N ILE B 675 21.68 -25.37 31.87
CA ILE B 675 22.10 -26.07 30.67
C ILE B 675 22.72 -27.41 31.03
N GLN B 676 23.58 -27.43 32.05
CA GLN B 676 24.23 -28.66 32.48
C GLN B 676 23.23 -29.68 33.02
N SER B 677 22.09 -29.23 33.54
CA SER B 677 21.05 -30.11 34.01
C SER B 677 20.11 -30.56 32.89
N GLY B 678 20.37 -30.12 31.66
CA GLY B 678 19.56 -30.52 30.53
C GLY B 678 18.33 -29.68 30.26
N HIS B 679 18.07 -28.66 31.08
CA HIS B 679 16.91 -27.81 30.87
C HIS B 679 17.03 -27.02 29.58
N SER B 680 15.92 -26.85 28.89
CA SER B 680 15.88 -26.08 27.64
C SER B 680 15.70 -24.60 27.92
N LEU B 681 16.29 -23.77 27.07
CA LEU B 681 16.21 -22.33 27.19
C LEU B 681 15.88 -21.73 25.83
N GLU B 682 15.13 -20.62 25.85
CA GLU B 682 14.68 -19.97 24.63
C GLU B 682 15.78 -19.07 24.10
N GLY B 683 16.18 -19.29 22.84
CA GLY B 683 17.19 -18.47 22.22
C GLY B 683 18.55 -18.55 22.84
N CYS B 684 18.84 -19.62 23.59
CA CYS B 684 20.11 -19.72 24.30
C CYS B 684 21.29 -19.77 23.35
N PHE B 685 21.16 -20.52 22.25
CA PHE B 685 22.29 -20.67 21.33
C PHE B 685 22.67 -19.34 20.70
N GLN B 686 21.68 -18.56 20.27
CA GLN B 686 21.97 -17.29 19.62
C GLN B 686 22.66 -16.32 20.59
N VAL B 687 22.14 -16.22 21.82
CA VAL B 687 22.71 -15.27 22.76
C VAL B 687 24.10 -15.70 23.19
N ILE B 688 24.33 -17.00 23.37
CA ILE B 688 25.67 -17.44 23.76
C ILE B 688 26.66 -17.24 22.61
N LYS B 689 26.21 -17.45 21.37
CA LYS B 689 27.07 -17.20 20.23
C LYS B 689 27.42 -15.72 20.12
N LEU B 690 26.43 -14.85 20.35
CA LEU B 690 26.68 -13.41 20.33
C LEU B 690 27.65 -13.02 21.44
N LEU B 691 27.44 -13.51 22.65
CA LEU B 691 28.30 -13.13 23.77
C LEU B 691 29.72 -13.63 23.57
N SER B 692 29.88 -14.85 23.07
CA SER B 692 31.22 -15.36 22.79
C SER B 692 31.90 -14.54 21.70
N ARG B 693 31.12 -13.96 20.79
CA ARG B 693 31.65 -13.12 19.73
C ARG B 693 31.54 -11.63 20.05
N ARG B 694 31.59 -11.28 21.33
CA ARG B 694 31.52 -9.87 21.72
C ARG B 694 32.88 -9.23 21.57
N PRO B 695 33.02 -8.21 20.72
CA PRO B 695 34.30 -7.49 20.64
C PRO B 695 34.53 -6.63 21.88
N ARG B 696 35.80 -6.28 22.09
CA ARG B 696 36.20 -5.53 23.26
C ARG B 696 36.81 -4.17 22.94
N ASN B 697 37.21 -3.91 21.70
CA ASN B 697 37.87 -2.67 21.36
C ASN B 697 37.58 -2.32 19.90
N TRP B 698 38.19 -1.22 19.46
CA TRP B 698 37.97 -0.72 18.11
C TRP B 698 38.46 -1.71 17.05
N SER B 699 39.66 -2.25 17.25
CA SER B 699 40.23 -3.15 16.26
C SER B 699 39.42 -4.43 16.12
N GLN B 700 38.90 -4.95 17.23
CA GLN B 700 38.06 -6.14 17.15
C GLN B 700 36.79 -5.86 16.36
N CYS B 701 36.19 -4.67 16.55
CA CYS B 701 35.02 -4.31 15.77
C CYS B 701 35.35 -4.18 14.30
N VAL B 702 36.52 -3.62 13.98
CA VAL B 702 36.94 -3.49 12.58
C VAL B 702 37.08 -4.86 11.94
N GLU B 703 37.73 -5.78 12.66
CA GLU B 703 37.89 -7.14 12.14
C GLU B 703 36.53 -7.82 11.97
N LEU B 704 35.62 -7.59 12.92
CA LEU B 704 34.28 -8.14 12.81
C LEU B 704 33.57 -7.62 11.56
N ALA B 705 33.69 -6.32 11.30
CA ALA B 705 33.09 -5.75 10.10
C ALA B 705 33.69 -6.36 8.84
N ARG B 706 35.02 -6.54 8.84
CA ARG B 706 35.67 -7.12 7.67
C ARG B 706 35.18 -8.54 7.40
N LEU B 707 35.11 -9.36 8.45
CA LEU B 707 34.67 -10.74 8.26
C LEU B 707 33.19 -10.80 7.90
N LYS B 708 32.37 -9.89 8.45
CA LYS B 708 30.98 -9.82 8.06
C LYS B 708 30.84 -9.50 6.58
N PHE B 709 31.64 -8.54 6.10
CA PHE B 709 31.66 -8.25 4.67
C PHE B 709 32.05 -9.47 3.87
N GLU B 710 33.09 -10.18 4.32
CA GLU B 710 33.53 -11.37 3.62
C GLU B 710 32.40 -12.38 3.50
N LYS B 711 31.74 -12.68 4.63
CA LYS B 711 30.64 -13.64 4.61
C LYS B 711 29.51 -13.18 3.71
N TYR B 712 29.11 -11.91 3.82
CA TYR B 712 27.94 -11.44 3.12
C TYR B 712 28.16 -11.37 1.61
N PHE B 713 29.37 -11.01 1.19
CA PHE B 713 29.58 -10.65 -0.20
C PHE B 713 30.51 -11.61 -0.94
N ASN B 714 31.02 -12.65 -0.28
CA ASN B 714 31.86 -13.63 -0.94
C ASN B 714 31.34 -15.05 -0.79
N HIS B 715 31.03 -15.48 0.43
CA HIS B 715 30.75 -16.88 0.68
C HIS B 715 29.37 -17.30 0.16
N LYS B 716 28.40 -16.39 0.19
CA LYS B 716 27.05 -16.75 -0.23
C LYS B 716 27.01 -17.15 -1.69
N ALA B 717 27.70 -16.41 -2.55
CA ALA B 717 27.74 -16.76 -3.96
C ALA B 717 28.42 -18.11 -4.16
N LEU B 718 29.50 -18.36 -3.42
CA LEU B 718 30.17 -19.66 -3.52
C LEU B 718 29.25 -20.80 -3.14
N GLN B 719 28.52 -20.66 -2.04
CA GLN B 719 27.60 -21.71 -1.61
C GLN B 719 26.48 -21.92 -2.63
N LEU B 720 25.93 -20.81 -3.15
CA LEU B 720 24.84 -20.93 -4.11
C LEU B 720 25.30 -21.62 -5.38
N LEU B 721 26.49 -21.26 -5.89
CA LEU B 721 27.00 -21.90 -7.09
C LEU B 721 27.37 -23.35 -6.82
N HIS B 722 27.82 -23.66 -5.60
CA HIS B 722 28.08 -25.05 -5.24
C HIS B 722 26.81 -25.87 -5.28
N CYS B 723 25.72 -25.32 -4.74
CA CYS B 723 24.45 -26.03 -4.77
C CYS B 723 23.87 -26.07 -6.18
N PHE B 724 24.20 -25.08 -7.00
CA PHE B 724 23.65 -24.96 -8.35
C PHE B 724 24.74 -24.50 -9.31
N PRO B 725 25.31 -25.42 -10.09
CA PRO B 725 26.29 -25.00 -11.10
C PRO B 725 25.63 -24.15 -12.16
N LEU B 726 26.44 -23.29 -12.79
CA LEU B 726 25.94 -22.40 -13.83
C LEU B 726 25.28 -23.14 -14.98
N ASP B 727 25.67 -24.39 -15.23
CA ASP B 727 25.19 -25.16 -16.37
C ASP B 727 24.04 -26.10 -16.00
N ILE B 728 23.49 -25.98 -14.79
CA ILE B 728 22.42 -26.88 -14.37
C ILE B 728 21.19 -26.65 -15.24
N ARG B 729 20.55 -27.74 -15.65
CA ARG B 729 19.44 -27.71 -16.59
C ARG B 729 18.19 -28.26 -15.94
N LEU B 730 17.04 -27.96 -16.56
CA LEU B 730 15.76 -28.40 -16.07
C LEU B 730 15.28 -29.60 -16.89
N LYS B 731 14.03 -30.04 -16.65
CA LYS B 731 13.50 -31.21 -17.35
C LYS B 731 13.45 -30.96 -18.86
N ASP B 732 13.00 -29.77 -19.26
CA ASP B 732 12.99 -29.40 -20.67
C ASP B 732 14.38 -29.22 -21.25
N GLY B 733 15.40 -29.18 -20.40
CA GLY B 733 16.74 -28.85 -20.83
C GLY B 733 17.06 -27.38 -20.77
N SER B 734 16.08 -26.53 -20.50
CA SER B 734 16.32 -25.10 -20.35
C SER B 734 17.20 -24.85 -19.12
N LEU B 735 18.04 -23.83 -19.22
CA LEU B 735 18.91 -23.49 -18.11
C LEU B 735 18.09 -23.05 -16.90
N PHE B 736 18.45 -23.59 -15.72
CA PHE B 736 17.83 -23.12 -14.50
C PHE B 736 18.13 -21.65 -14.26
N TRP B 737 19.35 -21.22 -14.56
CA TRP B 737 19.74 -19.83 -14.39
C TRP B 737 19.31 -18.98 -15.58
N GLN B 738 18.05 -19.10 -15.97
CA GLN B 738 17.48 -18.30 -17.03
C GLN B 738 16.68 -17.16 -16.43
N SER B 739 15.97 -16.42 -17.29
CA SER B 739 15.20 -15.28 -16.83
C SER B 739 14.12 -15.73 -15.85
N PRO B 740 13.82 -14.92 -14.83
CA PRO B 740 14.42 -13.61 -14.50
C PRO B 740 15.64 -13.74 -13.60
N LYS B 741 16.10 -14.96 -13.34
CA LYS B 741 17.21 -15.17 -12.42
C LYS B 741 18.51 -14.61 -12.98
N ARG B 742 19.35 -14.11 -12.09
CA ARG B 742 20.70 -13.66 -12.44
C ARG B 742 21.70 -14.47 -11.63
N PRO B 743 22.72 -15.07 -12.24
CA PRO B 743 23.75 -15.74 -11.46
C PRO B 743 24.56 -14.73 -10.67
N PRO B 744 24.97 -15.09 -9.46
CA PRO B 744 25.81 -14.19 -8.66
C PRO B 744 27.28 -14.37 -9.03
N SER B 745 28.14 -13.65 -8.29
CA SER B 745 29.58 -13.74 -8.50
C SER B 745 30.31 -13.22 -7.27
N PRO B 746 31.23 -14.00 -6.71
CA PRO B 746 31.98 -13.52 -5.54
C PRO B 746 32.84 -12.32 -5.88
N ILE B 747 33.06 -11.47 -4.89
CA ILE B 747 33.78 -10.22 -5.06
C ILE B 747 34.99 -10.21 -4.15
N LYS B 748 36.15 -9.84 -4.71
CA LYS B 748 37.37 -9.70 -3.95
C LYS B 748 37.46 -8.30 -3.34
N PHE B 749 37.82 -8.23 -2.07
CA PHE B 749 37.84 -6.97 -1.36
C PHE B 749 38.97 -6.06 -1.86
N ASP B 750 38.74 -4.75 -1.76
CA ASP B 750 39.78 -3.77 -2.04
C ASP B 750 39.52 -2.55 -1.16
N LEU B 751 40.48 -2.23 -0.29
CA LEU B 751 40.34 -1.04 0.54
C LEU B 751 40.39 0.23 -0.31
N ASN B 752 41.15 0.22 -1.40
CA ASN B 752 41.24 1.39 -2.26
C ASN B 752 39.91 1.71 -2.92
N GLU B 753 38.96 0.78 -2.93
CA GLU B 753 37.63 1.07 -3.45
C GLU B 753 36.89 1.96 -2.46
N PRO B 754 36.46 3.16 -2.86
CA PRO B 754 35.75 4.04 -1.91
C PRO B 754 34.48 3.44 -1.37
N LEU B 755 33.75 2.66 -2.18
CA LEU B 755 32.53 2.02 -1.68
C LEU B 755 32.85 1.05 -0.55
N HIS B 756 33.88 0.24 -0.72
CA HIS B 756 34.24 -0.72 0.31
C HIS B 756 34.63 -0.02 1.60
N LEU B 757 35.45 1.03 1.48
CA LEU B 757 35.87 1.77 2.66
C LEU B 757 34.68 2.42 3.35
N SER B 758 33.76 3.01 2.58
CA SER B 758 32.60 3.65 3.17
C SER B 758 31.73 2.64 3.91
N PHE B 759 31.47 1.48 3.29
CA PHE B 759 30.66 0.48 3.94
C PHE B 759 31.33 -0.05 5.19
N LEU B 760 32.65 -0.26 5.14
CA LEU B 760 33.38 -0.72 6.32
C LEU B 760 33.29 0.31 7.45
N GLN B 761 33.45 1.59 7.11
CA GLN B 761 33.31 2.64 8.11
C GLN B 761 31.92 2.62 8.73
N ASN B 762 30.89 2.48 7.89
CA ASN B 762 29.52 2.45 8.39
C ASN B 762 29.31 1.27 9.33
N ALA B 763 29.75 0.08 8.92
CA ALA B 763 29.57 -1.10 9.74
C ALA B 763 30.32 -0.97 11.07
N ALA B 764 31.55 -0.47 11.02
CA ALA B 764 32.34 -0.33 12.23
C ALA B 764 31.72 0.67 13.20
N LYS B 765 31.28 1.82 12.69
CA LYS B 765 30.68 2.81 13.57
C LYS B 765 29.37 2.30 14.16
N LEU B 766 28.57 1.58 13.36
CA LEU B 766 27.34 1.01 13.90
C LEU B 766 27.64 -0.02 14.98
N TYR B 767 28.65 -0.87 14.76
CA TYR B 767 29.01 -1.85 15.77
C TYR B 767 29.47 -1.18 17.06
N ALA B 768 30.32 -0.15 16.94
CA ALA B 768 30.82 0.53 18.12
C ALA B 768 29.69 1.22 18.87
N THR B 769 28.76 1.85 18.14
CA THR B 769 27.62 2.48 18.79
C THR B 769 26.75 1.46 19.50
N VAL B 770 26.52 0.31 18.86
CA VAL B 770 25.67 -0.71 19.46
C VAL B 770 26.31 -1.24 20.74
N TYR B 771 27.59 -1.62 20.67
CA TYR B 771 28.23 -2.25 21.81
C TYR B 771 28.73 -1.25 22.85
N CYS B 772 28.30 0.01 22.76
CA CYS B 772 28.64 1.03 23.76
C CYS B 772 30.14 1.22 23.89
N ILE B 773 30.85 1.02 22.79
CA ILE B 773 32.30 1.16 22.75
C ILE B 773 32.63 2.57 22.23
N PRO B 774 33.16 3.46 23.07
CA PRO B 774 33.53 4.78 22.58
C PRO B 774 34.70 4.73 21.61
N PHE B 775 34.77 5.73 20.75
CA PHE B 775 35.81 5.76 19.73
C PHE B 775 36.03 7.20 19.29
N ALA B 776 37.15 7.42 18.61
CA ALA B 776 37.51 8.73 18.09
C ALA B 776 37.32 8.75 16.59
N GLU B 777 37.01 9.94 16.06
CA GLU B 777 36.78 10.09 14.63
C GLU B 777 38.04 9.83 13.82
N GLU B 778 39.21 10.09 14.39
CA GLU B 778 40.46 9.85 13.67
C GLU B 778 40.68 8.37 13.39
N ASP B 779 40.05 7.50 14.18
CA ASP B 779 40.14 6.07 13.93
C ASP B 779 39.53 5.69 12.59
N LEU B 780 38.59 6.48 12.08
CA LEU B 780 37.96 6.21 10.79
C LEU B 780 38.84 6.57 9.61
N SER B 781 39.99 7.18 9.83
CA SER B 781 40.88 7.51 8.74
C SER B 781 41.36 6.25 8.03
N ALA B 782 41.50 6.35 6.70
CA ALA B 782 41.87 5.19 5.90
C ALA B 782 43.21 4.62 6.34
N ASP B 783 44.15 5.49 6.74
CA ASP B 783 45.46 5.02 7.16
C ASP B 783 45.37 4.17 8.43
N ALA B 784 44.61 4.66 9.42
CA ALA B 784 44.48 3.91 10.66
C ALA B 784 43.80 2.56 10.43
N LEU B 785 42.75 2.55 9.62
CA LEU B 785 42.06 1.30 9.32
C LEU B 785 42.98 0.34 8.58
N LEU B 786 43.80 0.87 7.66
CA LEU B 786 44.78 0.03 6.97
C LEU B 786 45.77 -0.57 7.95
N ASN B 787 46.21 0.23 8.92
CA ASN B 787 47.10 -0.30 9.96
C ASN B 787 46.41 -1.39 10.75
N ILE B 788 45.11 -1.25 10.99
CA ILE B 788 44.37 -2.28 11.71
C ILE B 788 44.29 -3.56 10.90
N LEU B 789 43.98 -3.45 9.61
CA LEU B 789 43.76 -4.62 8.78
C LEU B 789 45.04 -5.24 8.25
N SER B 790 46.19 -4.58 8.41
CA SER B 790 47.43 -5.10 7.86
C SER B 790 47.85 -6.40 8.54
N GLU B 791 47.27 -6.72 9.70
CA GLU B 791 47.59 -7.95 10.42
C GLU B 791 46.34 -8.82 10.60
N VAL B 792 45.38 -8.70 9.68
CA VAL B 792 44.10 -9.38 9.78
C VAL B 792 44.05 -10.48 8.73
N LYS B 793 43.79 -11.70 9.18
CA LYS B 793 43.62 -12.85 8.30
C LYS B 793 42.14 -13.21 8.16
N ILE B 794 41.83 -13.92 7.09
CA ILE B 794 40.46 -14.31 6.76
C ILE B 794 40.42 -15.82 6.58
N GLN B 795 39.45 -16.46 7.23
CA GLN B 795 39.26 -17.90 7.06
C GLN B 795 38.64 -18.20 5.70
N GLU B 796 38.98 -19.36 5.16
CA GLU B 796 38.51 -19.76 3.84
C GLU B 796 37.07 -20.24 3.91
N PHE B 797 36.46 -20.33 2.73
CA PHE B 797 35.08 -20.79 2.58
C PHE B 797 35.05 -22.30 2.41
N LYS B 798 33.98 -22.93 2.90
CA LYS B 798 33.77 -24.36 2.69
C LYS B 798 32.30 -24.63 2.37
N ASP B 822 27.44 -29.09 19.09
CA ASP B 822 26.82 -27.78 19.14
C ASP B 822 26.61 -27.34 20.58
N GLU B 823 25.84 -28.14 21.32
CA GLU B 823 25.63 -27.86 22.74
C GLU B 823 26.94 -27.91 23.51
N ARG B 824 27.80 -28.88 23.17
CA ARG B 824 29.10 -28.97 23.83
C ARG B 824 29.94 -27.72 23.58
N ASN B 825 29.96 -27.25 22.33
CA ASN B 825 30.72 -26.05 22.01
C ASN B 825 30.15 -24.83 22.71
N ALA B 826 28.83 -24.72 22.76
CA ALA B 826 28.20 -23.60 23.45
C ALA B 826 28.52 -23.62 24.94
N ILE B 827 28.48 -24.79 25.56
CA ILE B 827 28.83 -24.91 26.97
C ILE B 827 30.28 -24.54 27.20
N PHE B 828 31.17 -24.98 26.31
CA PHE B 828 32.57 -24.63 26.43
C PHE B 828 32.78 -23.12 26.34
N GLN B 829 32.12 -22.47 25.39
CA GLN B 829 32.25 -21.02 25.25
C GLN B 829 31.70 -20.30 26.47
N LEU B 830 30.57 -20.78 27.00
CA LEU B 830 30.00 -20.18 28.19
C LEU B 830 30.93 -20.32 29.39
N GLU B 831 31.53 -21.50 29.55
CA GLU B 831 32.50 -21.70 30.63
C GLU B 831 33.70 -20.79 30.46
N LYS B 832 34.20 -20.66 29.23
CA LYS B 832 35.33 -19.77 28.97
C LYS B 832 34.99 -18.33 29.32
N ALA B 833 33.80 -17.88 28.95
CA ALA B 833 33.38 -16.52 29.30
C ALA B 833 33.26 -16.37 30.81
N ILE B 834 32.75 -17.40 31.50
CA ILE B 834 32.57 -17.31 32.94
C ILE B 834 33.91 -17.20 33.64
N LEU B 835 34.87 -18.04 33.25
CA LEU B 835 36.19 -18.00 33.90
C LEU B 835 36.95 -16.72 33.57
N SER B 836 36.57 -16.02 32.51
CA SER B 836 37.20 -14.76 32.14
C SER B 836 36.50 -13.55 32.75
N ASN B 837 35.51 -13.77 33.62
CA ASN B 837 34.74 -12.69 34.23
C ASN B 837 34.11 -11.79 33.18
N GLU B 838 33.64 -12.40 32.09
CA GLU B 838 32.96 -11.68 31.03
C GLU B 838 31.45 -11.67 31.23
N ALA B 839 30.97 -12.12 32.38
CA ALA B 839 29.54 -12.21 32.66
C ALA B 839 29.07 -11.13 33.64
N THR B 840 29.72 -9.98 33.63
CA THR B 840 29.30 -8.90 34.51
C THR B 840 27.97 -8.31 34.02
N LYS B 841 27.34 -7.53 34.90
CA LYS B 841 26.05 -6.95 34.57
C LYS B 841 26.15 -5.99 33.39
N SER B 842 27.25 -5.23 33.32
CA SER B 842 27.45 -4.33 32.18
C SER B 842 27.63 -5.11 30.89
N ASP B 843 28.20 -6.31 30.96
CA ASP B 843 28.42 -7.11 29.76
C ASP B 843 27.13 -7.56 29.11
N LEU B 844 26.05 -7.69 29.88
CA LEU B 844 24.77 -8.16 29.35
C LEU B 844 23.91 -6.99 28.86
N GLN B 845 24.52 -6.11 28.07
CA GLN B 845 23.86 -4.88 27.66
C GLN B 845 24.46 -4.38 26.34
N MET B 846 23.60 -3.84 25.48
CA MET B 846 24.04 -3.01 24.37
C MET B 846 22.89 -2.11 23.97
N ALA B 847 23.22 -1.01 23.30
CA ALA B 847 22.19 -0.07 22.86
C ALA B 847 21.30 -0.72 21.81
N VAL B 848 20.00 -0.44 21.90
CA VAL B 848 19.03 -0.87 20.90
C VAL B 848 18.74 0.33 20.01
N LEU B 849 18.98 0.17 18.72
CA LEU B 849 18.94 1.29 17.78
C LEU B 849 17.63 1.31 17.02
N SER B 850 17.33 2.48 16.46
CA SER B 850 16.15 2.68 15.63
C SER B 850 16.56 3.37 14.34
N PHE B 851 15.88 3.02 13.25
CA PHE B 851 16.21 3.59 11.95
C PHE B 851 15.85 5.07 11.92
N GLU B 852 16.73 5.87 11.35
CA GLU B 852 16.52 7.31 11.24
C GLU B 852 17.00 7.77 9.87
N LYS B 853 16.05 7.95 8.94
CA LYS B 853 16.39 8.40 7.60
C LYS B 853 16.59 9.91 7.52
N ASP B 854 16.19 10.67 8.55
CA ASP B 854 16.29 12.12 8.53
C ASP B 854 17.57 12.63 9.17
N ASP B 855 18.46 11.75 9.61
CA ASP B 855 19.74 12.16 10.19
C ASP B 855 20.85 11.93 9.17
N ASP B 856 21.67 12.96 8.97
CA ASP B 856 22.72 12.91 7.97
C ASP B 856 24.04 12.36 8.51
N HIS B 857 24.20 12.25 9.83
CA HIS B 857 25.45 11.79 10.40
C HIS B 857 25.36 10.38 11.00
N ASN B 858 24.16 9.89 11.28
CA ASN B 858 24.04 8.57 11.89
C ASN B 858 24.51 7.45 10.97
N GLY B 859 24.60 7.70 9.67
CA GLY B 859 25.14 6.73 8.75
C GLY B 859 24.21 5.60 8.37
N HIS B 860 22.94 5.66 8.79
CA HIS B 860 21.97 4.65 8.39
C HIS B 860 21.87 4.59 6.86
N ILE B 861 21.62 5.74 6.24
CA ILE B 861 21.44 5.78 4.79
C ILE B 861 22.74 5.39 4.09
N ASP B 862 23.87 5.85 4.59
CA ASP B 862 25.15 5.51 3.97
C ASP B 862 25.35 4.00 3.94
N PHE B 863 25.19 3.35 5.10
CA PHE B 863 25.37 1.91 5.18
C PHE B 863 24.37 1.18 4.28
N ILE B 864 23.11 1.59 4.32
CA ILE B 864 22.08 0.89 3.56
C ILE B 864 22.36 1.03 2.06
N THR B 865 22.72 2.23 1.61
CA THR B 865 23.01 2.44 0.20
C THR B 865 24.23 1.63 -0.23
N ALA B 866 25.28 1.62 0.59
CA ALA B 866 26.47 0.85 0.24
C ALA B 866 26.14 -0.63 0.12
N ALA B 867 25.39 -1.16 1.08
CA ALA B 867 25.03 -2.57 1.04
C ALA B 867 24.16 -2.89 -0.17
N SER B 868 23.19 -2.02 -0.48
CA SER B 868 22.35 -2.25 -1.63
C SER B 868 23.16 -2.22 -2.92
N ASN B 869 24.09 -1.27 -3.04
CA ASN B 869 24.92 -1.20 -4.24
C ASN B 869 25.77 -2.45 -4.38
N LEU B 870 26.36 -2.93 -3.29
CA LEU B 870 27.16 -4.14 -3.37
C LEU B 870 26.30 -5.34 -3.76
N ARG B 871 25.11 -5.44 -3.16
CA ARG B 871 24.22 -6.56 -3.46
C ARG B 871 23.76 -6.53 -4.91
N ALA B 872 23.57 -5.34 -5.46
CA ALA B 872 23.39 -5.23 -6.90
C ALA B 872 24.64 -5.70 -7.63
N LYS B 873 25.81 -5.34 -7.10
CA LYS B 873 27.05 -5.56 -7.83
C LYS B 873 27.35 -7.03 -8.07
N MET B 874 27.29 -7.88 -7.03
CA MET B 874 27.70 -9.26 -7.31
C MET B 874 26.69 -9.95 -8.21
N TYR B 875 25.48 -9.41 -8.30
CA TYR B 875 24.44 -9.95 -9.17
C TYR B 875 24.37 -9.21 -10.49
N SER B 876 25.39 -8.41 -10.81
CA SER B 876 25.47 -7.63 -12.05
C SER B 876 24.20 -6.80 -12.27
N ILE B 877 23.91 -5.97 -11.27
CA ILE B 877 22.74 -5.10 -11.29
C ILE B 877 23.21 -3.66 -11.13
N GLU B 878 22.57 -2.76 -11.87
CA GLU B 878 22.93 -1.35 -11.81
C GLU B 878 22.58 -0.78 -10.44
N PRO B 879 23.53 -0.16 -9.74
CA PRO B 879 23.25 0.36 -8.40
C PRO B 879 22.42 1.64 -8.43
N ALA B 880 22.20 2.24 -7.26
CA ALA B 880 21.40 3.44 -7.12
C ALA B 880 22.14 4.46 -6.28
N ASP B 881 21.80 5.73 -6.48
CA ASP B 881 22.45 6.82 -5.75
C ASP B 881 21.87 6.90 -4.34
N ARG B 882 22.38 7.85 -3.56
CA ARG B 882 21.93 7.98 -2.17
C ARG B 882 20.48 8.44 -2.08
N PHE B 883 20.07 9.38 -2.93
CA PHE B 883 18.74 9.96 -2.81
C PHE B 883 17.65 8.95 -3.12
N LYS B 884 17.79 8.22 -4.23
CA LYS B 884 16.79 7.22 -4.59
C LYS B 884 16.73 6.11 -3.54
N THR B 885 17.89 5.68 -3.05
CA THR B 885 17.92 4.64 -2.02
C THR B 885 17.21 5.12 -0.76
N LYS B 886 17.47 6.36 -0.35
CA LYS B 886 16.79 6.91 0.82
C LYS B 886 15.28 6.99 0.60
N ARG B 887 14.87 7.44 -0.59
CA ARG B 887 13.45 7.56 -0.88
C ARG B 887 12.76 6.21 -0.83
N ILE B 888 13.39 5.18 -1.38
CA ILE B 888 12.79 3.86 -1.40
C ILE B 888 12.76 3.26 -0.01
N ALA B 889 13.87 3.37 0.73
CA ALA B 889 13.94 2.79 2.07
C ALA B 889 12.93 3.43 3.00
N GLY B 890 12.87 4.77 3.01
CA GLY B 890 11.87 5.45 3.81
C GLY B 890 10.48 5.44 3.22
N LYS B 891 10.34 5.00 1.97
CA LYS B 891 9.07 5.02 1.24
C LYS B 891 8.48 6.43 1.26
N ILE B 892 9.36 7.40 1.02
CA ILE B 892 8.98 8.81 1.09
C ILE B 892 8.00 9.13 -0.03
N ILE B 893 6.95 9.87 0.31
CA ILE B 893 5.89 10.20 -0.63
C ILE B 893 6.19 11.57 -1.25
N PRO B 894 6.44 11.65 -2.55
CA PRO B 894 6.62 12.97 -3.17
C PRO B 894 5.34 13.78 -3.14
N ALA B 895 5.51 15.11 -3.11
CA ALA B 895 4.37 16.02 -3.09
C ALA B 895 4.83 17.38 -3.59
N ILE B 896 3.86 18.22 -3.96
CA ILE B 896 4.13 19.57 -4.44
C ILE B 896 3.03 20.50 -3.95
N ALA B 897 3.35 21.78 -3.85
CA ALA B 897 2.43 22.75 -3.26
C ALA B 897 1.22 22.97 -4.15
N THR B 898 1.39 22.89 -5.47
CA THR B 898 0.29 23.20 -6.38
C THR B 898 -0.88 22.24 -6.21
N THR B 899 -0.60 20.93 -6.21
CA THR B 899 -1.67 19.95 -6.10
C THR B 899 -2.39 20.07 -4.77
N THR B 900 -1.64 20.21 -3.68
CA THR B 900 -2.26 20.27 -2.37
C THR B 900 -3.08 21.56 -2.23
N ALA B 901 -2.59 22.66 -2.78
CA ALA B 901 -3.37 23.90 -2.75
C ALA B 901 -4.66 23.75 -3.53
N THR B 902 -4.59 23.14 -4.72
CA THR B 902 -5.78 22.99 -5.54
C THR B 902 -6.82 22.11 -4.86
N VAL B 903 -6.38 20.97 -4.30
CA VAL B 903 -7.33 20.08 -3.65
C VAL B 903 -7.87 20.72 -2.38
N SER B 904 -7.06 21.52 -1.69
CA SER B 904 -7.54 22.26 -0.53
C SER B 904 -8.63 23.24 -0.92
N GLY B 905 -8.42 23.98 -1.99
CA GLY B 905 -9.47 24.86 -2.48
C GLY B 905 -10.73 24.11 -2.83
N LEU B 906 -10.58 22.95 -3.49
CA LEU B 906 -11.74 22.17 -3.88
C LEU B 906 -12.53 21.70 -2.66
N VAL B 907 -11.84 21.16 -1.65
CA VAL B 907 -12.55 20.64 -0.48
C VAL B 907 -13.17 21.77 0.33
N ALA B 908 -12.48 22.91 0.41
CA ALA B 908 -13.07 24.07 1.09
C ALA B 908 -14.33 24.52 0.38
N LEU B 909 -14.31 24.50 -0.96
CA LEU B 909 -15.51 24.86 -1.71
C LEU B 909 -16.64 23.88 -1.45
N GLU B 910 -16.34 22.58 -1.46
CA GLU B 910 -17.37 21.58 -1.23
C GLU B 910 -17.91 21.65 0.19
N MET B 911 -17.11 22.17 1.12
CA MET B 911 -17.60 22.37 2.48
C MET B 911 -18.82 23.28 2.51
N ILE B 912 -18.86 24.28 1.62
CA ILE B 912 -20.01 25.17 1.56
C ILE B 912 -21.27 24.39 1.19
N LYS B 913 -21.16 23.53 0.17
CA LYS B 913 -22.30 22.70 -0.21
C LYS B 913 -22.70 21.78 0.92
N VAL B 914 -21.72 21.26 1.65
CA VAL B 914 -22.03 20.45 2.83
C VAL B 914 -22.84 21.24 3.83
N THR B 915 -22.44 22.50 4.06
CA THR B 915 -23.16 23.36 4.99
C THR B 915 -24.58 23.62 4.50
N GLY B 916 -24.76 23.77 3.19
CA GLY B 916 -26.05 24.14 2.64
C GLY B 916 -27.14 23.11 2.83
N GLY B 917 -26.80 21.88 3.19
CA GLY B 917 -27.81 20.83 3.30
C GLY B 917 -28.52 20.57 2.00
N TYR B 918 -27.78 20.59 0.90
CA TYR B 918 -28.34 20.49 -0.43
C TYR B 918 -28.69 19.03 -0.77
N PRO B 919 -29.54 18.80 -1.76
CA PRO B 919 -29.91 17.43 -2.13
C PRO B 919 -28.71 16.64 -2.61
N PHE B 920 -28.95 15.34 -2.82
CA PHE B 920 -27.90 14.40 -3.18
C PHE B 920 -27.22 14.76 -4.49
N GLU B 921 -27.91 15.50 -5.37
CA GLU B 921 -27.37 15.78 -6.70
C GLU B 921 -26.36 16.93 -6.70
N ALA B 922 -26.30 17.71 -5.62
CA ALA B 922 -25.46 18.91 -5.64
C ALA B 922 -23.98 18.59 -5.50
N TYR B 923 -23.63 17.48 -4.87
CA TYR B 923 -22.25 17.21 -4.51
C TYR B 923 -21.50 16.47 -5.62
N LYS B 924 -20.19 16.64 -5.63
CA LYS B 924 -19.32 16.04 -6.63
C LYS B 924 -18.05 15.52 -5.97
N ASN B 925 -17.36 14.64 -6.69
CA ASN B 925 -16.03 14.18 -6.34
C ASN B 925 -15.11 14.37 -7.54
N CYS B 926 -13.87 14.75 -7.29
CA CYS B 926 -12.94 15.05 -8.36
C CYS B 926 -11.64 14.29 -8.18
N PHE B 927 -11.12 13.78 -9.29
CA PHE B 927 -9.82 13.13 -9.34
C PHE B 927 -9.02 13.79 -10.45
N LEU B 928 -7.74 14.05 -10.18
CA LEU B 928 -6.96 14.90 -11.07
C LEU B 928 -5.58 14.30 -11.31
N ASN B 929 -5.03 14.62 -12.47
CA ASN B 929 -3.63 14.29 -12.79
C ASN B 929 -3.15 15.40 -13.72
N LEU B 930 -2.53 16.43 -13.14
CA LEU B 930 -2.10 17.58 -13.93
C LEU B 930 -0.98 17.24 -14.91
N ALA B 931 -0.37 16.06 -14.79
CA ALA B 931 0.69 15.70 -15.74
C ALA B 931 0.17 15.67 -17.17
N ILE B 932 -1.13 15.41 -17.36
CA ILE B 932 -1.71 15.33 -18.69
C ILE B 932 -1.90 16.73 -19.27
N PRO B 933 -2.59 17.68 -18.60
CA PRO B 933 -3.35 17.62 -17.34
C PRO B 933 -4.74 17.06 -17.54
N ILE B 934 -5.38 16.54 -16.48
CA ILE B 934 -6.72 15.98 -16.61
C ILE B 934 -7.47 16.20 -15.31
N VAL B 935 -8.73 16.60 -15.43
CA VAL B 935 -9.60 16.84 -14.28
C VAL B 935 -10.98 16.27 -14.61
N VAL B 936 -11.59 15.60 -13.63
CA VAL B 936 -12.90 14.97 -13.81
C VAL B 936 -13.78 15.32 -12.61
N PHE B 937 -15.07 15.53 -12.86
CA PHE B 937 -16.05 15.74 -11.81
C PHE B 937 -17.18 14.74 -11.98
N THR B 938 -17.47 14.00 -10.91
CA THR B 938 -18.47 12.94 -10.97
C THR B 938 -19.37 13.02 -9.75
N GLU B 939 -20.58 12.52 -9.92
CA GLU B 939 -21.51 12.39 -8.81
C GLU B 939 -21.12 11.20 -7.95
N THR B 940 -21.20 11.39 -6.64
CA THR B 940 -20.81 10.35 -5.69
C THR B 940 -21.77 9.18 -5.75
N THR B 941 -21.30 8.04 -5.24
CA THR B 941 -22.13 6.84 -5.22
C THR B 941 -23.32 7.03 -4.30
N GLU B 942 -24.47 6.53 -4.73
CA GLU B 942 -25.67 6.57 -3.90
C GLU B 942 -25.62 5.47 -2.85
N VAL B 943 -26.47 5.62 -1.83
CA VAL B 943 -26.54 4.62 -0.77
C VAL B 943 -27.10 3.32 -1.34
N ARG B 944 -26.64 2.20 -0.79
CA ARG B 944 -27.03 0.87 -1.25
C ARG B 944 -27.97 0.23 -0.24
N LYS B 945 -28.98 -0.47 -0.75
CA LYS B 945 -29.93 -1.18 0.09
C LYS B 945 -29.53 -2.65 0.20
N THR B 946 -29.81 -3.25 1.35
CA THR B 946 -29.45 -4.64 1.61
C THR B 946 -30.64 -5.34 2.26
N LYS B 947 -31.29 -6.22 1.50
CA LYS B 947 -32.37 -7.05 2.02
C LYS B 947 -31.80 -8.38 2.51
N ILE B 948 -32.52 -8.99 3.44
CA ILE B 948 -32.06 -10.23 4.06
C ILE B 948 -33.07 -11.35 3.88
N ARG B 949 -34.27 -11.18 4.44
CA ARG B 949 -35.31 -12.20 4.37
C ARG B 949 -36.60 -11.59 4.87
N ASN B 950 -37.73 -12.16 4.41
CA ASN B 950 -39.06 -11.70 4.79
C ASN B 950 -39.29 -10.24 4.44
N GLY B 951 -38.66 -9.77 3.37
CA GLY B 951 -38.84 -8.39 2.95
C GLY B 951 -38.11 -7.37 3.80
N ILE B 952 -37.29 -7.82 4.74
CA ILE B 952 -36.56 -6.90 5.62
C ILE B 952 -35.33 -6.39 4.89
N SER B 953 -35.17 -5.07 4.86
CA SER B 953 -34.03 -4.44 4.23
C SER B 953 -33.48 -3.36 5.14
N PHE B 954 -32.23 -2.98 4.89
CA PHE B 954 -31.55 -2.00 5.72
C PHE B 954 -30.44 -1.36 4.90
N THR B 955 -29.82 -0.33 5.49
CA THR B 955 -28.73 0.41 4.87
C THR B 955 -27.52 0.39 5.79
N ILE B 956 -26.48 1.12 5.38
CA ILE B 956 -25.31 1.27 6.22
C ILE B 956 -25.57 2.21 7.39
N TRP B 957 -26.57 3.08 7.29
CA TRP B 957 -26.90 4.03 8.34
C TRP B 957 -27.92 3.50 9.34
N ASP B 958 -28.57 2.38 9.03
CA ASP B 958 -29.57 1.83 9.94
C ASP B 958 -28.91 1.18 11.14
N ARG B 959 -29.51 1.37 12.31
CA ARG B 959 -28.99 0.77 13.54
C ARG B 959 -30.16 0.37 14.41
N TRP B 960 -30.22 -0.91 14.79
CA TRP B 960 -31.27 -1.40 15.66
C TRP B 960 -30.82 -1.29 17.11
N THR B 961 -31.77 -1.00 17.99
CA THR B 961 -31.48 -0.76 19.39
C THR B 961 -32.41 -1.58 20.27
N VAL B 962 -31.85 -2.16 21.33
CA VAL B 962 -32.60 -2.97 22.28
C VAL B 962 -32.16 -2.59 23.69
N HIS B 963 -33.12 -2.37 24.58
CA HIS B 963 -32.85 -2.07 25.98
C HIS B 963 -33.06 -3.33 26.81
N GLY B 964 -32.10 -3.62 27.68
CA GLY B 964 -32.17 -4.80 28.53
C GLY B 964 -32.16 -4.48 30.02
N LYS B 965 -31.82 -5.48 30.83
CA LYS B 965 -31.86 -5.34 32.28
C LYS B 965 -30.62 -6.02 32.87
N GLU B 966 -30.54 -6.00 34.21
CA GLU B 966 -29.44 -6.67 34.90
C GLU B 966 -29.59 -8.19 34.86
N ASP B 967 -30.81 -8.70 34.93
CA ASP B 967 -31.06 -10.13 34.83
C ASP B 967 -31.21 -10.58 33.39
N PHE B 968 -31.02 -9.66 32.46
CA PHE B 968 -31.26 -9.92 31.05
C PHE B 968 -30.31 -11.01 30.57
N THR B 969 -30.83 -12.00 29.86
CA THR B 969 -30.04 -13.14 29.42
C THR B 969 -30.01 -13.26 27.91
N LEU B 970 -29.24 -14.25 27.44
CA LEU B 970 -29.08 -14.46 26.02
C LEU B 970 -30.40 -14.88 25.37
N LEU B 971 -31.12 -15.79 26.02
CA LEU B 971 -32.43 -16.18 25.51
C LEU B 971 -33.38 -15.00 25.50
N ASP B 972 -33.29 -14.13 26.51
CA ASP B 972 -34.10 -12.91 26.51
C ASP B 972 -33.77 -12.05 25.30
N PHE B 973 -32.49 -11.89 24.99
CA PHE B 973 -32.09 -11.06 23.84
C PHE B 973 -32.58 -11.66 22.54
N ILE B 974 -32.43 -12.98 22.40
CA ILE B 974 -32.91 -13.63 21.19
C ILE B 974 -34.41 -13.43 21.05
N ASN B 975 -35.15 -13.62 22.14
CA ASN B 975 -36.60 -13.47 22.06
C ASN B 975 -36.98 -12.03 21.69
N ALA B 976 -36.31 -11.05 22.30
CA ALA B 976 -36.62 -9.66 22.03
C ALA B 976 -36.34 -9.31 20.56
N VAL B 977 -35.17 -9.71 20.05
CA VAL B 977 -34.81 -9.38 18.67
C VAL B 977 -35.75 -10.08 17.70
N LYS B 978 -36.01 -11.37 17.93
CA LYS B 978 -36.88 -12.11 17.03
C LYS B 978 -38.30 -11.55 17.04
N GLU B 979 -38.76 -11.11 18.21
CA GLU B 979 -40.07 -10.46 18.28
C GLU B 979 -40.08 -9.15 17.52
N LYS B 980 -39.07 -8.30 17.75
CA LYS B 980 -39.11 -6.95 17.22
C LYS B 980 -38.89 -6.92 15.72
N TYR B 981 -38.02 -7.79 15.20
CA TYR B 981 -37.65 -7.73 13.79
C TYR B 981 -37.98 -8.98 13.00
N GLY B 982 -38.48 -10.03 13.64
CA GLY B 982 -38.89 -11.23 12.94
C GLY B 982 -37.78 -12.19 12.58
N ILE B 983 -36.56 -11.94 13.04
CA ILE B 983 -35.40 -12.76 12.69
C ILE B 983 -34.61 -13.08 13.95
N GLU B 984 -34.11 -14.32 14.01
CA GLU B 984 -33.38 -14.81 15.17
C GLU B 984 -31.88 -14.66 14.94
N PRO B 985 -31.17 -13.94 15.81
CA PRO B 985 -29.72 -13.89 15.70
C PRO B 985 -29.09 -15.26 15.97
N THR B 986 -28.43 -15.80 14.96
CA THR B 986 -27.78 -17.10 15.05
C THR B 986 -26.44 -17.05 15.75
N MET B 987 -25.89 -15.85 15.97
CA MET B 987 -24.60 -15.71 16.64
C MET B 987 -24.48 -14.31 17.20
N VAL B 988 -23.70 -14.17 18.27
CA VAL B 988 -23.49 -12.89 18.92
C VAL B 988 -22.00 -12.76 19.23
N VAL B 989 -21.39 -11.66 18.78
CA VAL B 989 -19.98 -11.39 19.02
C VAL B 989 -19.81 -9.93 19.38
N GLN B 990 -19.02 -9.66 20.41
CA GLN B 990 -18.67 -8.30 20.82
C GLN B 990 -17.34 -7.95 20.18
N GLY B 991 -17.39 -7.22 19.07
CA GLY B 991 -16.19 -6.81 18.38
C GLY B 991 -15.35 -8.00 17.90
N VAL B 992 -14.21 -8.22 18.55
CA VAL B 992 -13.31 -9.31 18.20
C VAL B 992 -13.43 -10.51 19.13
N LYS B 993 -14.04 -10.35 20.29
CA LYS B 993 -14.25 -11.43 21.25
C LYS B 993 -15.65 -12.01 21.05
N MET B 994 -15.75 -13.33 20.90
CA MET B 994 -17.06 -13.91 20.66
C MET B 994 -17.88 -13.81 21.93
N LEU B 995 -19.19 -13.95 21.77
CA LEU B 995 -20.09 -14.10 22.90
C LEU B 995 -20.93 -15.37 22.83
N TYR B 996 -21.35 -15.80 21.65
CA TYR B 996 -22.08 -17.07 21.54
C TYR B 996 -21.97 -17.62 20.13
N VAL B 997 -21.26 -18.73 19.98
CA VAL B 997 -21.21 -19.48 18.74
C VAL B 997 -21.55 -20.94 19.06
N PRO B 998 -22.70 -21.45 18.64
CA PRO B 998 -23.10 -22.81 19.04
C PRO B 998 -22.12 -23.88 18.60
N VAL B 999 -21.30 -23.60 17.58
CA VAL B 999 -20.38 -24.62 17.06
C VAL B 999 -19.35 -24.99 18.13
N MET B 1000 -18.75 -24.00 18.77
CA MET B 1000 -17.66 -24.29 19.68
C MET B 1000 -18.22 -24.81 21.00
N PRO B 1001 -17.77 -25.96 21.49
CA PRO B 1001 -18.44 -26.59 22.63
C PRO B 1001 -18.41 -25.72 23.87
N GLY B 1002 -19.53 -25.71 24.60
CA GLY B 1002 -19.67 -24.90 25.79
C GLY B 1002 -20.41 -23.60 25.61
N HIS B 1003 -20.63 -23.15 24.37
CA HIS B 1003 -21.47 -21.98 24.16
C HIS B 1003 -22.95 -22.31 24.31
N ALA B 1004 -23.33 -23.59 24.27
CA ALA B 1004 -24.72 -23.95 24.55
C ALA B 1004 -25.11 -23.62 25.97
N LYS B 1005 -24.20 -23.83 26.92
CA LYS B 1005 -24.47 -23.48 28.31
C LYS B 1005 -24.42 -21.97 28.54
N ARG B 1006 -23.95 -21.19 27.57
CA ARG B 1006 -23.91 -19.74 27.71
C ARG B 1006 -25.29 -19.09 27.61
N LEU B 1007 -26.30 -19.82 27.12
CA LEU B 1007 -27.63 -19.26 26.95
C LEU B 1007 -28.29 -18.88 28.27
N LYS B 1008 -27.83 -19.44 29.39
CA LYS B 1008 -28.44 -19.25 30.70
C LYS B 1008 -27.59 -18.33 31.58
N LEU B 1009 -26.95 -17.33 30.97
CA LEU B 1009 -26.04 -16.45 31.67
C LEU B 1009 -26.57 -15.02 31.65
N THR B 1010 -26.23 -14.27 32.68
CA THR B 1010 -26.49 -12.83 32.69
C THR B 1010 -25.65 -12.15 31.62
N MET B 1011 -26.29 -11.28 30.85
CA MET B 1011 -25.57 -10.58 29.78
C MET B 1011 -24.57 -9.57 30.34
N HIS B 1012 -24.88 -8.94 31.47
CA HIS B 1012 -23.86 -8.13 32.14
C HIS B 1012 -22.65 -8.99 32.51
N LYS B 1013 -22.90 -10.24 32.92
CA LYS B 1013 -21.80 -11.14 33.23
C LYS B 1013 -21.06 -11.56 31.96
N LEU B 1014 -21.79 -11.94 30.91
CA LEU B 1014 -21.16 -12.42 29.69
C LEU B 1014 -20.38 -11.33 28.96
N VAL B 1015 -20.77 -10.08 29.14
CA VAL B 1015 -20.11 -8.99 28.42
C VAL B 1015 -18.91 -8.46 29.20
N LYS B 1016 -19.06 -8.24 30.50
CA LYS B 1016 -18.06 -7.53 31.30
C LYS B 1016 -17.72 -6.20 30.64
N PRO B 1017 -18.65 -5.25 30.64
CA PRO B 1017 -18.40 -3.98 29.96
C PRO B 1017 -17.70 -2.98 30.86
N THR B 1018 -17.50 -1.76 30.34
CA THR B 1018 -16.97 -0.66 31.12
C THR B 1018 -18.12 0.23 31.58
N THR B 1019 -17.97 0.77 32.79
CA THR B 1019 -19.06 1.49 33.43
C THR B 1019 -19.40 2.79 32.70
N GLU B 1020 -18.41 3.43 32.07
CA GLU B 1020 -18.64 4.74 31.47
C GLU B 1020 -19.62 4.67 30.31
N LYS B 1021 -19.78 3.50 29.70
CA LYS B 1021 -20.67 3.33 28.56
C LYS B 1021 -21.94 2.59 28.98
N LYS B 1022 -23.09 3.16 28.64
CA LYS B 1022 -24.37 2.57 28.97
C LYS B 1022 -24.89 1.65 27.87
N TYR B 1023 -24.11 1.44 26.81
CA TYR B 1023 -24.55 0.57 25.72
C TYR B 1023 -23.33 -0.01 25.03
N VAL B 1024 -23.55 -1.13 24.33
CA VAL B 1024 -22.54 -1.79 23.54
C VAL B 1024 -23.17 -2.20 22.22
N ASP B 1025 -22.34 -2.33 21.19
CA ASP B 1025 -22.80 -2.73 19.86
C ASP B 1025 -22.21 -4.10 19.54
N LEU B 1026 -23.06 -5.02 19.10
CA LEU B 1026 -22.67 -6.39 18.82
C LEU B 1026 -23.06 -6.76 17.40
N THR B 1027 -22.44 -7.82 16.90
CA THR B 1027 -22.68 -8.32 15.55
C THR B 1027 -23.54 -9.58 15.61
N VAL B 1028 -24.55 -9.65 14.75
CA VAL B 1028 -25.44 -10.79 14.68
C VAL B 1028 -25.56 -11.25 13.23
N SER B 1029 -25.97 -12.50 13.07
CA SER B 1029 -26.22 -13.08 11.76
C SER B 1029 -27.48 -13.93 11.84
N PHE B 1030 -27.85 -14.52 10.71
CA PHE B 1030 -29.08 -15.30 10.63
C PHE B 1030 -28.88 -16.45 9.67
N ALA B 1031 -29.62 -17.53 9.91
CA ALA B 1031 -29.43 -18.75 9.14
C ALA B 1031 -29.86 -18.52 7.68
N PRO B 1032 -29.04 -18.95 6.72
CA PRO B 1032 -29.46 -18.86 5.32
C PRO B 1032 -30.65 -19.76 5.05
N ASP B 1033 -31.45 -19.36 4.06
CA ASP B 1033 -32.61 -20.15 3.68
C ASP B 1033 -32.20 -21.55 3.26
N ILE B 1034 -31.03 -21.68 2.62
CA ILE B 1034 -30.49 -22.97 2.22
C ILE B 1034 -29.30 -23.29 3.10
N ASP B 1035 -29.35 -24.45 3.74
CA ASP B 1035 -28.26 -24.86 4.62
C ASP B 1035 -26.99 -25.12 3.81
N GLY B 1036 -25.85 -24.93 4.47
CA GLY B 1036 -24.57 -24.99 3.81
C GLY B 1036 -24.12 -23.70 3.17
N ASP B 1037 -24.96 -22.67 3.21
CA ASP B 1037 -24.62 -21.35 2.67
C ASP B 1037 -24.15 -20.44 3.80
N GLU B 1038 -23.50 -19.36 3.42
CA GLU B 1038 -23.00 -18.40 4.39
C GLU B 1038 -24.17 -17.70 5.09
N ASP B 1039 -23.99 -17.45 6.39
CA ASP B 1039 -25.06 -16.84 7.19
C ASP B 1039 -25.28 -15.40 6.77
N LEU B 1040 -26.54 -14.97 6.83
CA LEU B 1040 -26.90 -13.62 6.43
C LEU B 1040 -26.38 -12.62 7.46
N PRO B 1041 -25.57 -11.64 7.06
CA PRO B 1041 -25.08 -10.67 8.03
C PRO B 1041 -26.20 -9.80 8.57
N GLY B 1042 -26.00 -9.30 9.79
CA GLY B 1042 -26.99 -8.49 10.45
C GLY B 1042 -26.54 -7.04 10.62
N PRO B 1043 -27.51 -6.12 10.61
CA PRO B 1043 -27.18 -4.72 10.83
C PRO B 1043 -26.71 -4.49 12.26
N PRO B 1044 -25.98 -3.41 12.52
CA PRO B 1044 -25.47 -3.17 13.88
C PRO B 1044 -26.59 -3.05 14.88
N VAL B 1045 -26.37 -3.62 16.06
CA VAL B 1045 -27.36 -3.64 17.14
C VAL B 1045 -26.74 -2.99 18.36
N ARG B 1046 -27.42 -1.97 18.89
CA ARG B 1046 -26.98 -1.27 20.08
C ARG B 1046 -27.81 -1.72 21.26
N TYR B 1047 -27.18 -2.41 22.20
CA TYR B 1047 -27.84 -2.91 23.41
C TYR B 1047 -27.53 -2.00 24.59
N TYR B 1048 -28.58 -1.56 25.27
CA TYR B 1048 -28.45 -0.79 26.50
C TYR B 1048 -28.61 -1.72 27.69
N PHE B 1049 -27.76 -1.55 28.70
CA PHE B 1049 -27.87 -2.38 29.89
C PHE B 1049 -29.11 -2.05 30.69
N SER B 1050 -29.65 -0.85 30.52
CA SER B 1050 -30.84 -0.42 31.25
C SER B 1050 -31.54 0.66 30.44
N HIS B 1051 -32.76 0.97 30.85
CA HIS B 1051 -33.57 1.98 30.18
C HIS B 1051 -33.22 3.37 30.69
N MET C 1 -14.47 -48.45 -17.23
CA MET C 1 -14.92 -48.22 -15.86
C MET C 1 -14.65 -46.79 -15.39
N GLN C 2 -15.56 -46.27 -14.57
CA GLN C 2 -15.46 -44.89 -14.11
C GLN C 2 -14.50 -44.79 -12.93
N ILE C 3 -14.48 -43.63 -12.27
CA ILE C 3 -13.45 -43.29 -11.30
C ILE C 3 -13.97 -42.19 -10.39
N PHE C 4 -13.29 -42.00 -9.26
CA PHE C 4 -13.44 -40.79 -8.45
C PHE C 4 -12.08 -40.13 -8.30
N VAL C 5 -12.03 -38.84 -8.61
CA VAL C 5 -10.82 -38.02 -8.50
C VAL C 5 -11.24 -36.62 -8.12
N LYS C 6 -10.60 -36.05 -7.11
CA LYS C 6 -10.92 -34.70 -6.66
C LYS C 6 -9.75 -33.76 -6.89
N THR C 7 -10.05 -32.46 -6.89
CA THR C 7 -9.10 -31.43 -7.29
C THR C 7 -9.21 -30.25 -6.34
N LEU C 8 -8.60 -29.13 -6.72
CA LEU C 8 -8.66 -27.91 -5.91
C LEU C 8 -10.09 -27.44 -5.73
N THR C 9 -10.83 -27.29 -6.83
CA THR C 9 -12.24 -26.97 -6.76
C THR C 9 -13.09 -28.14 -6.29
N GLY C 10 -12.49 -29.32 -6.16
CA GLY C 10 -13.18 -30.46 -5.60
C GLY C 10 -14.05 -31.24 -6.55
N LYS C 11 -13.94 -31.01 -7.86
CA LYS C 11 -14.68 -31.81 -8.81
C LYS C 11 -14.33 -33.28 -8.64
N THR C 12 -15.33 -34.12 -8.43
CA THR C 12 -15.13 -35.55 -8.25
C THR C 12 -15.40 -36.22 -9.60
N ILE C 13 -14.37 -36.20 -10.45
CA ILE C 13 -14.52 -36.65 -11.83
C ILE C 13 -14.90 -38.12 -11.85
N THR C 14 -15.80 -38.47 -12.77
CA THR C 14 -16.30 -39.84 -12.91
C THR C 14 -16.47 -40.13 -14.40
N LEU C 15 -15.47 -40.77 -15.00
CA LEU C 15 -15.45 -40.99 -16.44
C LEU C 15 -14.88 -42.38 -16.74
N GLU C 16 -15.39 -42.99 -17.80
CA GLU C 16 -15.03 -44.36 -18.14
C GLU C 16 -13.65 -44.43 -18.78
N VAL C 17 -12.83 -45.37 -18.33
CA VAL C 17 -11.52 -45.61 -18.90
C VAL C 17 -11.33 -47.11 -19.13
N GLU C 18 -10.13 -47.50 -19.54
CA GLU C 18 -9.78 -48.88 -19.79
C GLU C 18 -9.00 -49.47 -18.62
N PRO C 19 -9.11 -50.78 -18.38
CA PRO C 19 -8.34 -51.38 -17.27
C PRO C 19 -6.84 -51.36 -17.49
N SER C 20 -6.38 -51.19 -18.73
CA SER C 20 -4.97 -51.06 -19.04
C SER C 20 -4.59 -49.62 -19.37
N ASP C 21 -5.23 -48.65 -18.69
CA ASP C 21 -5.01 -47.26 -19.01
C ASP C 21 -3.62 -46.82 -18.56
N THR C 22 -2.69 -46.77 -19.51
CA THR C 22 -1.36 -46.28 -19.22
C THR C 22 -1.44 -44.82 -18.80
N ILE C 23 -0.53 -44.42 -17.90
CA ILE C 23 -0.59 -43.07 -17.35
C ILE C 23 -0.29 -42.03 -18.43
N GLU C 24 0.43 -42.39 -19.50
CA GLU C 24 0.56 -41.45 -20.61
C GLU C 24 -0.76 -41.32 -21.36
N ASN C 25 -1.49 -42.43 -21.50
CA ASN C 25 -2.86 -42.35 -22.00
C ASN C 25 -3.73 -41.55 -21.06
N VAL C 26 -3.43 -41.61 -19.76
CA VAL C 26 -4.17 -40.82 -18.78
C VAL C 26 -3.92 -39.34 -19.01
N LYS C 27 -2.66 -38.97 -19.27
CA LYS C 27 -2.33 -37.59 -19.59
C LYS C 27 -3.05 -37.15 -20.85
N ALA C 28 -3.06 -38.01 -21.86
CA ALA C 28 -3.77 -37.70 -23.11
C ALA C 28 -5.26 -37.48 -22.84
N LYS C 29 -5.87 -38.35 -22.03
CA LYS C 29 -7.29 -38.23 -21.75
C LYS C 29 -7.59 -36.98 -20.93
N ILE C 30 -6.72 -36.63 -19.99
CA ILE C 30 -6.90 -35.42 -19.19
C ILE C 30 -6.83 -34.20 -20.08
N GLN C 31 -5.87 -34.18 -21.00
CA GLN C 31 -5.79 -33.07 -21.94
C GLN C 31 -6.92 -33.10 -22.96
N ASP C 32 -7.55 -34.26 -23.15
CA ASP C 32 -8.76 -34.30 -23.98
C ASP C 32 -9.93 -33.65 -23.27
N LYS C 33 -10.14 -34.00 -22.00
CA LYS C 33 -11.29 -33.50 -21.26
C LYS C 33 -11.13 -32.06 -20.81
N GLU C 34 -9.91 -31.62 -20.54
CA GLU C 34 -9.69 -30.29 -19.99
C GLU C 34 -8.73 -29.47 -20.82
N GLY C 35 -7.77 -30.13 -21.47
CA GLY C 35 -6.76 -29.43 -22.24
C GLY C 35 -5.57 -28.97 -21.43
N ILE C 36 -5.55 -29.20 -20.13
CA ILE C 36 -4.41 -28.82 -19.29
C ILE C 36 -3.21 -29.67 -19.72
N PRO C 37 -2.02 -29.11 -19.73
CA PRO C 37 -0.84 -29.86 -20.17
C PRO C 37 -0.49 -30.95 -19.18
N PRO C 38 0.07 -32.07 -19.66
CA PRO C 38 0.49 -33.14 -18.74
C PRO C 38 1.62 -32.73 -17.81
N ASP C 39 2.35 -31.65 -18.10
CA ASP C 39 3.47 -31.28 -17.24
C ASP C 39 3.01 -30.88 -15.85
N GLN C 40 1.82 -30.27 -15.73
CA GLN C 40 1.23 -30.03 -14.43
C GLN C 40 0.65 -31.30 -13.81
N GLN C 41 0.38 -32.32 -14.63
CA GLN C 41 -0.27 -33.54 -14.18
C GLN C 41 0.77 -34.51 -13.63
N ARG C 42 1.18 -34.26 -12.39
CA ARG C 42 2.01 -35.21 -11.65
C ARG C 42 1.13 -36.01 -10.69
N LEU C 43 0.39 -36.95 -11.28
CA LEU C 43 -0.59 -37.70 -10.51
C LEU C 43 0.09 -38.54 -9.43
N ILE C 44 -0.55 -38.61 -8.27
CA ILE C 44 -0.02 -39.33 -7.12
C ILE C 44 -1.17 -40.05 -6.42
N PHE C 45 -0.90 -41.28 -6.00
CA PHE C 45 -1.83 -42.07 -5.20
C PHE C 45 -1.13 -43.32 -4.70
N ALA C 46 -1.59 -43.83 -3.55
CA ALA C 46 -1.02 -45.01 -2.92
C ALA C 46 0.47 -44.87 -2.68
N GLY C 47 0.89 -43.65 -2.35
CA GLY C 47 2.29 -43.35 -2.15
C GLY C 47 3.13 -43.35 -3.41
N LYS C 48 2.52 -43.53 -4.57
CA LYS C 48 3.23 -43.63 -5.84
C LYS C 48 2.96 -42.39 -6.69
N GLN C 49 4.02 -41.72 -7.12
CA GLN C 49 3.89 -40.71 -8.17
C GLN C 49 3.84 -41.46 -9.49
N LEU C 50 2.74 -41.31 -10.21
CA LEU C 50 2.47 -42.16 -11.36
C LEU C 50 3.45 -41.88 -12.49
N GLU C 51 4.11 -42.92 -12.97
CA GLU C 51 4.94 -42.85 -14.17
C GLU C 51 4.12 -43.32 -15.36
N ASP C 52 4.37 -42.67 -16.51
CA ASP C 52 3.44 -42.79 -17.63
C ASP C 52 3.35 -44.22 -18.15
N GLY C 53 4.49 -44.87 -18.39
CA GLY C 53 4.53 -46.01 -19.29
C GLY C 53 3.59 -47.13 -18.90
N ARG C 54 3.61 -47.51 -17.63
CA ARG C 54 2.86 -48.70 -17.20
C ARG C 54 1.35 -48.44 -17.23
N THR C 55 0.58 -49.50 -17.37
CA THR C 55 -0.85 -49.39 -17.56
C THR C 55 -1.55 -49.18 -16.23
N LEU C 56 -2.89 -49.10 -16.29
CA LEU C 56 -3.69 -49.00 -15.08
C LEU C 56 -3.58 -50.28 -14.24
N SER C 57 -3.67 -51.44 -14.89
CA SER C 57 -3.58 -52.70 -14.16
C SER C 57 -2.13 -53.07 -13.87
N ASP C 58 -1.17 -52.39 -14.48
CA ASP C 58 0.24 -52.67 -14.19
C ASP C 58 0.61 -52.35 -12.75
N TYR C 59 -0.20 -51.54 -12.07
CA TYR C 59 0.04 -51.20 -10.68
C TYR C 59 -0.71 -52.10 -9.72
N ASN C 60 -1.59 -52.97 -10.21
CA ASN C 60 -2.36 -53.96 -9.48
C ASN C 60 -3.47 -53.36 -8.62
N ILE C 61 -3.61 -52.04 -8.58
CA ILE C 61 -4.74 -51.38 -7.93
C ILE C 61 -5.72 -50.94 -9.02
N GLN C 62 -7.00 -50.90 -8.68
CA GLN C 62 -8.07 -50.68 -9.64
C GLN C 62 -8.92 -49.46 -9.24
N LYS C 63 -10.08 -49.35 -9.89
CA LYS C 63 -10.83 -48.11 -9.98
C LYS C 63 -11.43 -47.66 -8.64
N GLU C 64 -12.08 -46.49 -8.70
CA GLU C 64 -13.08 -45.99 -7.77
C GLU C 64 -12.50 -45.40 -6.49
N SER C 65 -11.18 -45.40 -6.34
CA SER C 65 -10.55 -44.72 -5.22
C SER C 65 -10.32 -43.26 -5.58
N THR C 66 -10.70 -42.36 -4.68
CA THR C 66 -10.59 -40.94 -4.97
C THR C 66 -9.11 -40.53 -5.04
N LEU C 67 -8.63 -40.35 -6.27
CA LEU C 67 -7.25 -40.00 -6.53
C LEU C 67 -7.10 -38.48 -6.62
N HIS C 68 -5.85 -38.01 -6.49
CA HIS C 68 -5.58 -36.59 -6.50
C HIS C 68 -4.23 -36.32 -7.15
N LEU C 69 -3.83 -35.05 -7.15
CA LEU C 69 -2.77 -34.58 -8.02
C LEU C 69 -1.82 -33.68 -7.23
N VAL C 70 -0.58 -33.58 -7.73
CA VAL C 70 0.38 -32.60 -7.24
C VAL C 70 0.95 -31.85 -8.44
N LEU C 71 1.16 -30.54 -8.25
CA LEU C 71 1.73 -29.72 -9.30
C LEU C 71 3.25 -29.89 -9.33
N ARG C 72 3.85 -29.47 -10.44
CA ARG C 72 5.29 -29.32 -10.45
C ARG C 72 5.67 -28.24 -9.43
N LEU C 73 6.60 -28.59 -8.54
CA LEU C 73 6.80 -27.79 -7.33
C LEU C 73 7.49 -26.48 -7.68
N ARG C 74 6.73 -25.38 -7.61
CA ARG C 74 7.27 -24.05 -7.76
C ARG C 74 7.80 -23.61 -6.38
N GLY C 75 8.89 -22.85 -6.26
CA GLY C 75 9.45 -22.42 -4.96
C GLY C 75 8.86 -21.13 -4.35
N ALA C 76 8.92 -20.99 -3.02
CA ALA C 76 8.53 -19.77 -2.27
C ALA C 76 9.64 -18.68 -2.28
N MET D 1 -19.09 -4.47 -30.68
CA MET D 1 -19.04 -3.04 -30.37
C MET D 1 -17.72 -2.67 -29.71
N GLN D 2 -17.19 -1.50 -30.06
CA GLN D 2 -15.88 -1.06 -29.63
C GLN D 2 -16.02 0.07 -28.61
N ILE D 3 -15.29 -0.04 -27.49
CA ILE D 3 -15.26 1.01 -26.47
C ILE D 3 -13.82 1.23 -26.03
N PHE D 4 -13.56 2.41 -25.48
CA PHE D 4 -12.25 2.79 -24.99
C PHE D 4 -12.31 3.04 -23.49
N VAL D 5 -11.26 2.63 -22.79
CA VAL D 5 -11.11 2.87 -21.37
C VAL D 5 -9.84 3.68 -21.17
N LYS D 6 -10.01 4.96 -20.83
CA LYS D 6 -8.89 5.86 -20.60
C LYS D 6 -8.68 6.00 -19.10
N THR D 7 -7.56 5.48 -18.60
CA THR D 7 -7.21 5.68 -17.21
C THR D 7 -6.38 6.95 -17.07
N LEU D 8 -6.31 7.46 -15.85
CA LEU D 8 -5.37 8.53 -15.56
C LEU D 8 -3.95 8.07 -15.88
N THR D 9 -3.06 9.03 -16.07
CA THR D 9 -1.69 8.90 -16.59
C THR D 9 -1.68 8.61 -18.08
N GLY D 10 -2.81 8.76 -18.78
CA GLY D 10 -2.83 8.80 -20.22
C GLY D 10 -2.90 7.46 -20.93
N LYS D 11 -2.81 6.35 -20.20
CA LYS D 11 -2.86 5.04 -20.84
C LYS D 11 -4.26 4.78 -21.39
N THR D 12 -4.31 4.26 -22.62
CA THR D 12 -5.58 3.97 -23.29
C THR D 12 -5.69 2.48 -23.55
N ILE D 13 -6.85 1.91 -23.24
CA ILE D 13 -7.09 0.47 -23.34
C ILE D 13 -8.26 0.23 -24.28
N THR D 14 -8.09 -0.73 -25.19
CA THR D 14 -9.09 -1.06 -26.19
C THR D 14 -9.86 -2.30 -25.74
N LEU D 15 -11.19 -2.24 -25.83
CA LEU D 15 -12.05 -3.34 -25.37
C LEU D 15 -13.09 -3.67 -26.42
N GLU D 16 -13.49 -4.94 -26.45
CA GLU D 16 -14.57 -5.43 -27.29
C GLU D 16 -15.68 -5.94 -26.39
N VAL D 17 -16.85 -5.31 -26.52
CA VAL D 17 -18.00 -5.77 -25.69
C VAL D 17 -19.25 -5.71 -26.57
N GLU D 18 -20.35 -6.28 -26.08
CA GLU D 18 -21.63 -6.18 -26.81
C GLU D 18 -22.66 -5.67 -25.79
N PRO D 19 -23.74 -4.97 -26.20
CA PRO D 19 -24.73 -4.57 -25.23
C PRO D 19 -25.22 -5.83 -24.57
N SER D 20 -25.80 -5.74 -23.37
CA SER D 20 -26.35 -6.90 -22.63
C SER D 20 -25.25 -7.51 -21.75
N ASP D 21 -24.00 -7.14 -21.99
CA ASP D 21 -22.93 -7.63 -21.10
C ASP D 21 -23.14 -7.01 -19.72
N THR D 22 -22.56 -7.62 -18.69
CA THR D 22 -22.83 -7.10 -17.34
C THR D 22 -21.60 -6.38 -16.86
N ILE D 23 -21.81 -5.28 -16.15
CA ILE D 23 -20.71 -4.43 -15.70
C ILE D 23 -19.58 -5.27 -15.10
N GLU D 24 -19.92 -6.29 -14.31
CA GLU D 24 -18.88 -7.09 -13.68
C GLU D 24 -18.05 -7.87 -14.70
N ASN D 25 -18.68 -8.37 -15.77
CA ASN D 25 -17.91 -9.01 -16.83
C ASN D 25 -17.11 -8.00 -17.63
N VAL D 26 -17.65 -6.81 -17.85
CA VAL D 26 -16.90 -5.76 -18.55
C VAL D 26 -15.64 -5.42 -17.78
N LYS D 27 -15.74 -5.30 -16.45
CA LYS D 27 -14.56 -4.96 -15.67
C LYS D 27 -13.62 -6.14 -15.52
N ALA D 28 -14.15 -7.37 -15.54
CA ALA D 28 -13.26 -8.53 -15.52
C ALA D 28 -12.47 -8.63 -16.81
N LYS D 29 -13.04 -8.16 -17.93
CA LYS D 29 -12.29 -8.09 -19.18
C LYS D 29 -11.05 -7.20 -19.04
N ILE D 30 -11.11 -6.21 -18.15
CA ILE D 30 -9.96 -5.32 -17.97
C ILE D 30 -8.77 -6.10 -17.41
N GLN D 31 -9.05 -7.06 -16.54
CA GLN D 31 -7.98 -7.82 -15.89
C GLN D 31 -7.13 -8.57 -16.91
N ASP D 32 -7.73 -9.07 -17.99
CA ASP D 32 -6.98 -9.81 -18.99
C ASP D 32 -5.89 -8.98 -19.65
N LYS D 33 -5.97 -7.64 -19.56
CA LYS D 33 -4.96 -6.78 -20.13
C LYS D 33 -4.20 -5.96 -19.10
N GLU D 34 -4.69 -5.84 -17.87
CA GLU D 34 -4.04 -5.00 -16.88
C GLU D 34 -3.63 -5.71 -15.60
N GLY D 35 -4.26 -6.84 -15.25
CA GLY D 35 -3.97 -7.51 -14.00
C GLY D 35 -4.64 -6.90 -12.79
N ILE D 36 -5.47 -5.87 -12.97
CA ILE D 36 -6.14 -5.23 -11.84
C ILE D 36 -7.35 -6.07 -11.44
N PRO D 37 -7.47 -6.46 -10.17
CA PRO D 37 -8.61 -7.28 -9.77
C PRO D 37 -9.91 -6.51 -9.91
N PRO D 38 -11.02 -7.20 -10.17
CA PRO D 38 -12.31 -6.49 -10.34
C PRO D 38 -12.73 -5.69 -9.13
N ASP D 39 -12.46 -6.17 -7.91
CA ASP D 39 -12.92 -5.47 -6.72
C ASP D 39 -12.14 -4.19 -6.45
N GLN D 40 -11.02 -3.97 -7.15
CA GLN D 40 -10.16 -2.84 -6.88
C GLN D 40 -10.36 -1.66 -7.83
N GLN D 41 -11.26 -1.77 -8.80
CA GLN D 41 -11.35 -0.79 -9.87
C GLN D 41 -12.72 -0.11 -9.86
N ARG D 42 -12.71 1.22 -10.00
CA ARG D 42 -13.90 2.02 -10.19
C ARG D 42 -13.85 2.65 -11.58
N LEU D 43 -14.94 2.56 -12.32
CA LEU D 43 -15.00 3.11 -13.66
C LEU D 43 -16.19 4.05 -13.77
N ILE D 44 -15.98 5.17 -14.47
CA ILE D 44 -16.92 6.28 -14.52
C ILE D 44 -17.32 6.53 -15.96
N PHE D 45 -18.59 6.82 -16.18
CA PHE D 45 -19.09 7.17 -17.50
C PHE D 45 -20.11 8.29 -17.38
N ALA D 46 -19.90 9.36 -18.12
CA ALA D 46 -20.84 10.47 -18.22
C ALA D 46 -21.18 11.05 -16.85
N GLY D 47 -20.17 11.13 -15.97
CA GLY D 47 -20.35 11.71 -14.67
C GLY D 47 -21.04 10.83 -13.66
N LYS D 48 -21.35 9.59 -14.01
CA LYS D 48 -21.98 8.65 -13.10
C LYS D 48 -21.03 7.47 -12.86
N GLN D 49 -21.09 6.91 -11.67
CA GLN D 49 -20.32 5.70 -11.38
C GLN D 49 -21.14 4.47 -11.75
N LEU D 50 -20.55 3.60 -12.56
CA LEU D 50 -21.24 2.40 -13.05
C LEU D 50 -21.39 1.42 -11.91
N GLU D 51 -22.62 1.16 -11.49
CA GLU D 51 -22.88 0.25 -10.39
C GLU D 51 -22.90 -1.19 -10.89
N ASP D 52 -22.66 -2.11 -9.95
CA ASP D 52 -22.61 -3.54 -10.34
C ASP D 52 -24.03 -4.09 -10.46
N GLY D 53 -24.18 -5.11 -11.26
CA GLY D 53 -25.45 -5.75 -11.51
C GLY D 53 -26.22 -5.20 -12.69
N ARG D 54 -25.81 -4.06 -13.22
CA ARG D 54 -26.49 -3.47 -14.36
C ARG D 54 -25.84 -3.91 -15.67
N THR D 55 -26.46 -3.52 -16.78
CA THR D 55 -25.92 -3.80 -18.11
C THR D 55 -25.67 -2.48 -18.84
N LEU D 56 -24.94 -2.57 -19.95
CA LEU D 56 -24.55 -1.38 -20.69
C LEU D 56 -25.75 -0.65 -21.26
N SER D 57 -26.80 -1.38 -21.65
CA SER D 57 -27.97 -0.74 -22.23
C SER D 57 -28.64 0.21 -21.24
N ASP D 58 -28.57 -0.10 -19.93
CA ASP D 58 -29.16 0.80 -18.94
C ASP D 58 -28.46 2.15 -18.91
N TYR D 59 -27.13 2.14 -18.99
CA TYR D 59 -26.38 3.39 -18.99
C TYR D 59 -26.28 4.00 -20.37
N ASN D 60 -26.78 3.32 -21.41
CA ASN D 60 -26.82 3.85 -22.77
C ASN D 60 -25.41 4.10 -23.30
N ILE D 61 -24.59 3.07 -23.20
CA ILE D 61 -23.22 3.12 -23.71
C ILE D 61 -23.23 2.60 -25.14
N GLN D 62 -22.67 3.38 -26.05
CA GLN D 62 -22.70 3.07 -27.48
C GLN D 62 -21.27 2.90 -27.99
N LYS D 63 -21.16 2.75 -29.31
CA LYS D 63 -19.86 2.55 -29.93
C LYS D 63 -18.97 3.77 -29.78
N GLU D 64 -17.67 3.52 -29.66
CA GLU D 64 -16.65 4.55 -29.43
C GLU D 64 -16.95 5.43 -28.23
N SER D 65 -17.55 4.86 -27.18
CA SER D 65 -17.72 5.61 -25.94
C SER D 65 -16.46 5.50 -25.08
N THR D 66 -16.26 6.50 -24.22
CA THR D 66 -15.07 6.60 -23.40
C THR D 66 -15.43 6.48 -21.94
N LEU D 67 -14.73 5.58 -21.23
CA LEU D 67 -14.91 5.38 -19.80
C LEU D 67 -13.59 5.65 -19.10
N HIS D 68 -13.67 6.24 -17.91
CA HIS D 68 -12.49 6.59 -17.14
C HIS D 68 -12.30 5.63 -15.98
N LEU D 69 -11.05 5.32 -15.67
CA LEU D 69 -10.69 4.46 -14.56
C LEU D 69 -9.96 5.30 -13.52
N VAL D 70 -10.45 5.29 -12.28
CA VAL D 70 -9.96 6.19 -11.24
C VAL D 70 -9.61 5.39 -10.00
N LEU D 71 -8.73 5.97 -9.18
CA LEU D 71 -8.28 5.35 -7.95
C LEU D 71 -8.12 6.41 -6.87
N ARG D 72 -8.15 5.97 -5.63
CA ARG D 72 -7.91 6.84 -4.49
C ARG D 72 -6.44 6.81 -4.10
N LEU D 73 -6.01 7.87 -3.41
CA LEU D 73 -4.61 8.04 -3.02
C LEU D 73 -4.49 8.09 -1.51
N ARG D 74 -3.28 7.82 -1.01
CA ARG D 74 -3.05 7.66 0.42
C ARG D 74 -2.25 8.78 1.06
N GLY D 75 -1.40 9.47 0.31
CA GLY D 75 -0.57 10.49 0.92
C GLY D 75 -1.36 11.68 1.42
N ALA D 76 -0.75 12.43 2.33
CA ALA D 76 -1.37 13.61 2.89
C ALA D 76 -0.41 14.52 3.62
C1 IHP E . 21.43 -15.00 9.75
C2 IHP E . 22.79 -15.15 10.44
C3 IHP E . 23.20 -16.62 10.44
C4 IHP E . 23.23 -17.22 9.03
C5 IHP E . 21.89 -16.97 8.29
C6 IHP E . 21.51 -15.49 8.30
O11 IHP E . 20.98 -13.68 9.78
P1 IHP E . 19.73 -13.31 10.79
O21 IHP E . 20.03 -13.91 12.17
O31 IHP E . 19.74 -11.78 10.77
O41 IHP E . 18.47 -13.92 10.16
O12 IHP E . 23.76 -14.39 9.77
P2 IHP E . 24.54 -13.10 10.49
O22 IHP E . 24.99 -13.55 11.88
O32 IHP E . 25.71 -12.89 9.51
O42 IHP E . 23.57 -11.93 10.51
O13 IHP E . 24.44 -16.78 11.04
P3 IHP E . 24.50 -17.29 12.62
O23 IHP E . 24.64 -16.05 13.49
O33 IHP E . 23.19 -18.05 12.87
O43 IHP E . 25.74 -18.21 12.60
O14 IHP E . 23.49 -18.58 9.12
P4 IHP E . 24.96 -19.22 8.65
O24 IHP E . 26.04 -18.44 9.40
O34 IHP E . 24.82 -20.66 9.11
O44 IHP E . 25.09 -19.05 7.14
O15 IHP E . 21.97 -17.44 6.99
P5 IHP E . 21.19 -18.85 6.53
O25 IHP E . 19.77 -18.78 7.10
O35 IHP E . 21.27 -18.76 5.01
O45 IHP E . 21.98 -20.01 7.13
O16 IHP E . 20.29 -15.28 7.67
P6 IHP E . 20.05 -14.01 6.62
O26 IHP E . 19.13 -14.47 5.50
O36 IHP E . 19.41 -12.97 7.55
O46 IHP E . 21.43 -13.60 6.10
P AMP F . 1.32 14.48 5.62
O1P AMP F . 2.08 13.21 5.91
O2P AMP F . 2.06 15.66 5.07
O5' AMP F . 0.63 14.94 6.99
C5' AMP F . -0.08 14.02 7.80
C4' AMP F . -0.11 14.47 9.24
O4' AMP F . -1.13 13.71 9.95
C3' AMP F . 1.18 14.30 10.02
O3' AMP F . 1.42 15.44 10.83
C2' AMP F . 0.90 13.09 10.91
O2' AMP F . 1.63 13.08 12.13
C1' AMP F . -0.59 13.22 11.15
N9 AMP F . -1.26 11.97 11.49
C8 AMP F . -1.04 10.78 10.89
N7 AMP F . -1.81 9.81 11.44
C5 AMP F . -2.52 10.38 12.43
C6 AMP F . -3.53 9.92 13.41
N6 AMP F . -3.92 8.63 13.46
N1 AMP F . -4.02 10.84 14.27
C2 AMP F . -3.63 12.11 14.24
N3 AMP F . -2.73 12.60 13.38
C4 AMP F . -2.15 11.79 12.46
#